data_2VDP
#
_entry.id   2VDP
#
_cell.length_a   148.429
_cell.length_b   148.429
_cell.length_c   177.160
_cell.angle_alpha   90.00
_cell.angle_beta   90.00
_cell.angle_gamma   120.00
#
_symmetry.space_group_name_H-M   'P 32 2 1'
#
loop_
_entity.id
_entity.type
_entity.pdbx_description
1 polymer 'INTEGRIN ALPHA-IIB'
2 polymer 'INTEGRIN BETA-3'
3 polymer FIBRINOGEN
4 polymer 'MONOCLONAL ANTIBODY 10E5 HEAVY CHAIN'
5 polymer 'MONOCLONAL ANTIBODY 10E5 LIGHT CHAIN'
6 branched alpha-D-mannopyranose-(1-3)-[alpha-D-mannopyranose-(1-6)]alpha-D-mannopyranose-(1-4)-2-acetamido-2-deoxy-beta-D-glucopyranose-(1-4)-2-acetamido-2-deoxy-beta-D-glucopyranose
7 branched alpha-D-mannopyranose-(1-3)-[alpha-D-mannopyranose-(1-6)]alpha-D-mannopyranose-(1-6)-[alpha-D-mannopyranose-(1-3)]alpha-D-mannopyranose-(1-4)-2-acetamido-2-deoxy-beta-D-glucopyranose-(1-4)-2-acetamido-2-deoxy-beta-D-glucopyranose
8 non-polymer GLYCEROL
9 non-polymer 'CALCIUM ION'
10 non-polymer 2-acetamido-2-deoxy-beta-D-glucopyranose
11 non-polymer 'MAGNESIUM ION'
12 water water
#
loop_
_entity_poly.entity_id
_entity_poly.type
_entity_poly.pdbx_seq_one_letter_code
_entity_poly.pdbx_strand_id
1 'polypeptide(L)'
;LNLDPVQLTFYAGPNGSQFGFSLDFHKDSHGRVAIVVGAPRTLGPSQEETGGVFLCPWRAEGGQCPSLLFDLRDETRNVG
SQTLQTFKARQGLGASVVSWSDVIVACAPWQHWNVLEKTEEAEKTPVGSCFLAQPESGRRAEYSPCRGNTLSRIYVENDF
SWDKRYCEAGFSSVVTQAGELVLGAPGGYYFLGLLAQAPVADIFSSYRPGILLWHVSSQSLSFDSSNPEYFDGYWGYSVA
VGEFDGDLNTTEYVVGAPTWSWTLGAVEILDSYYQRLHRLRGEQMASYFGHSVAVTDVNGDGRHDLLVGAPLYMESRADR
KLAEVGRVYLFLQPRGPHALGAPSLLLTGTQLYGRFGSAIAPLGDLDRDGYNDIAVAAPYGGPSGRGQVLVFLGQSEGLR
SRPSQVLDSPFPTGSAFGFSLRGAVDIDDNGYPDLIVGAYGANQVAVYRAQP
;
A
2 'polypeptide(L)'
;GPNICTTRGVSSCQQCLAVSPMCAWCSDEALPLGSPRCDLKENLLKDNCAPESIEFPVSEARVLEDRPLSDKGSGDSSQV
TQVSPQRIALRLRPDDSKNFSIQVRQVEDYPVDIYYLMDLSYSMKDDLWSIQNLGTKLATQMRKLTSNLRIGFGAFVDKP
VSPYMYISPPEALENPCYDMKTTCLPMFGYKHVLTLTDQVTRFNEEVKKQSVSRNRDAPEGGFDAIMQATVCDEKIGWRN
DASHLLVFTTDAKTHIALDGRLAGIVQPNDGQCHVGSDNHYSASTTMDYPSLGLMTEKLSQKNINLIFAVTENVVNLYQN
YSELIPGTTVGVLSMDSSNVLQLIVDAYGKIRSKVELEVRDLPEELSLSFNATCLNNEVIPGLKSCMGLKIGDTVSFSIE
AKVRGCPQEKEKSFTIKPVGFKDSLIVQVTFDCDCACQAQAEPNSHRCNNGNGTFECGVCR
;
B
3 'polypeptide(L)' LGGAKQAGDV C
4 'polypeptide(L)'
;EVQLQQSGAELVKPGASVKLSCTASGFNIKDTYVHWVKQRPEQGLEWIGRIDPANGYTKYDPKFQGKATITADTSSNTAY
LQLSSLTSEDTAVYYCVRPLYDYYAMDYWGQGTSVTVSSAKTTAPSVYPLAPVCGDTTGSSVTLGCLVKGYFPEPVTLTW
NSGSLSSGVHTFPAVLQSDLYTLSSSVTVTSSTWPSQSITCNVAHPASSTKVDKKIEPRGP
;
H
5 'polypeptide(L)'
;DILMTQSPSSMSVSLGDTVSITCHASQGISSNIGWLQQKPGKSFMGLIYYGTNLVDGVPSRFSGSGSGADYSLTISSLDS
EDFADYYCVQYAQLPYTFGGGTKLEIKRADAAPTVSIFPPSSEQLTSGGASVVCFLNNFYPKDINVKWKIDGSERQNGVL
NSWTDQDSKDSTYSMSSTLTLTKDEYERHNSYTCEATHKTSTSPIVKSFNRNEC
;
L
#
loop_
_chem_comp.id
_chem_comp.type
_chem_comp.name
_chem_comp.formula
CA non-polymer 'CALCIUM ION' 'Ca 2'
GOL non-polymer GLYCEROL 'C3 H8 O3'
MAN D-saccharide, alpha linking alpha-D-mannopyranose 'C6 H12 O6'
MG non-polymer 'MAGNESIUM ION' 'Mg 2'
NAG D-saccharide, beta linking 2-acetamido-2-deoxy-beta-D-glucopyranose 'C8 H15 N O6'
#
# COMPACT_ATOMS: atom_id res chain seq x y z
N LEU A 1 -22.62 -32.15 -4.79
CA LEU A 1 -23.72 -33.08 -5.20
C LEU A 1 -24.91 -33.00 -4.23
N ASN A 2 -24.61 -32.81 -2.95
CA ASN A 2 -25.62 -32.99 -1.90
C ASN A 2 -25.80 -31.77 -0.97
N LEU A 3 -25.33 -30.61 -1.40
CA LEU A 3 -25.68 -29.37 -0.69
C LEU A 3 -27.12 -29.03 -1.03
N ASP A 4 -27.92 -28.80 0.00
CA ASP A 4 -29.37 -28.57 -0.18
C ASP A 4 -29.65 -27.11 -0.58
N PRO A 5 -30.10 -26.89 -1.83
CA PRO A 5 -30.31 -25.52 -2.29
C PRO A 5 -31.68 -24.94 -1.96
N VAL A 6 -32.62 -25.79 -1.55
CA VAL A 6 -34.00 -25.36 -1.27
C VAL A 6 -34.09 -24.68 0.10
N GLN A 7 -33.58 -25.36 1.12
CA GLN A 7 -33.63 -24.85 2.51
C GLN A 7 -32.37 -24.06 2.83
N LEU A 8 -32.32 -22.82 2.37
CA LEU A 8 -31.19 -21.92 2.67
C LEU A 8 -31.45 -21.19 3.98
N THR A 9 -30.38 -20.66 4.56
CA THR A 9 -30.48 -19.76 5.70
C THR A 9 -29.77 -18.46 5.35
N PHE A 10 -30.46 -17.34 5.53
CA PHE A 10 -29.90 -16.03 5.21
C PHE A 10 -29.60 -15.25 6.48
N TYR A 11 -28.34 -14.85 6.64
CA TYR A 11 -27.96 -13.90 7.66
C TYR A 11 -27.77 -12.55 6.98
N ALA A 12 -28.23 -11.49 7.62
CA ALA A 12 -28.25 -10.16 7.02
C ALA A 12 -27.56 -9.12 7.88
N GLY A 13 -26.80 -8.22 7.24
CA GLY A 13 -26.23 -7.05 7.90
C GLY A 13 -26.91 -5.78 7.45
N PRO A 14 -26.38 -4.60 7.87
CA PRO A 14 -26.98 -3.32 7.51
C PRO A 14 -26.77 -2.91 6.05
N ASN A 15 -27.63 -2.02 5.57
CA ASN A 15 -27.50 -1.50 4.21
C ASN A 15 -26.17 -0.80 3.99
N GLY A 16 -25.56 -1.06 2.85
CA GLY A 16 -24.30 -0.42 2.46
C GLY A 16 -23.07 -0.86 3.24
N SER A 17 -23.21 -1.85 4.11
CA SER A 17 -22.13 -2.27 5.00
C SER A 17 -21.18 -3.27 4.37
N GLN A 18 -21.57 -3.85 3.24
CA GLN A 18 -20.82 -4.95 2.63
C GLN A 18 -20.66 -6.16 3.56
N PHE A 19 -21.64 -6.35 4.45
CA PHE A 19 -21.79 -7.57 5.23
C PHE A 19 -21.69 -8.76 4.26
N GLY A 20 -20.70 -9.63 4.49
CA GLY A 20 -20.47 -10.81 3.65
C GLY A 20 -19.23 -10.73 2.78
N PHE A 21 -18.53 -9.59 2.83
CA PHE A 21 -17.30 -9.42 2.06
C PHE A 21 -16.29 -10.50 2.43
N SER A 22 -16.23 -10.84 3.72
CA SER A 22 -15.40 -11.93 4.21
C SER A 22 -16.14 -12.69 5.29
N LEU A 23 -15.77 -13.96 5.49
CA LEU A 23 -16.42 -14.80 6.49
C LEU A 23 -15.58 -16.02 6.86
N ASP A 24 -15.94 -16.65 7.98
CA ASP A 24 -15.30 -17.87 8.42
C ASP A 24 -16.18 -18.52 9.46
N PHE A 25 -15.98 -19.83 9.65
CA PHE A 25 -16.59 -20.53 10.75
C PHE A 25 -15.76 -20.23 11.99
N HIS A 26 -16.41 -20.14 13.13
CA HIS A 26 -15.72 -19.99 14.41
C HIS A 26 -16.29 -20.94 15.47
N LYS A 27 -15.39 -21.66 16.13
CA LYS A 27 -15.76 -22.68 17.09
C LYS A 27 -15.33 -22.25 18.49
N ASP A 28 -16.29 -22.09 19.40
CA ASP A 28 -15.97 -21.69 20.78
C ASP A 28 -15.32 -22.86 21.55
N SER A 29 -14.91 -22.60 22.78
CA SER A 29 -14.25 -23.61 23.61
C SER A 29 -15.15 -24.82 23.84
N HIS A 30 -16.45 -24.57 23.97
CA HIS A 30 -17.43 -25.65 24.15
C HIS A 30 -17.53 -26.56 22.91
N GLY A 31 -17.30 -25.99 21.73
CA GLY A 31 -17.37 -26.73 20.46
C GLY A 31 -18.45 -26.21 19.52
N ARG A 32 -19.30 -25.32 20.01
CA ARG A 32 -20.41 -24.75 19.24
C ARG A 32 -19.88 -23.86 18.11
N VAL A 33 -20.31 -24.15 16.88
CA VAL A 33 -19.86 -23.42 15.70
C VAL A 33 -20.76 -22.20 15.41
N ALA A 34 -20.11 -21.06 15.22
CA ALA A 34 -20.76 -19.82 14.80
C ALA A 34 -20.17 -19.41 13.46
N ILE A 35 -20.64 -18.29 12.92
CA ILE A 35 -20.11 -17.74 11.68
C ILE A 35 -19.66 -16.31 11.91
N VAL A 36 -18.38 -16.05 11.68
CA VAL A 36 -17.83 -14.70 11.73
CA VAL A 36 -17.85 -14.69 11.75
C VAL A 36 -18.03 -14.06 10.37
N VAL A 37 -18.59 -12.86 10.33
CA VAL A 37 -18.82 -12.14 9.09
C VAL A 37 -18.16 -10.77 9.14
N GLY A 38 -17.44 -10.42 8.08
CA GLY A 38 -16.77 -9.12 7.96
C GLY A 38 -17.65 -8.19 7.13
N ALA A 39 -17.73 -6.93 7.55
CA ALA A 39 -18.62 -5.95 6.92
C ALA A 39 -17.87 -4.61 6.82
N PRO A 40 -16.93 -4.52 5.86
CA PRO A 40 -15.93 -3.46 5.85
C PRO A 40 -16.44 -2.04 5.57
N ARG A 41 -17.74 -1.85 5.32
CA ARG A 41 -18.27 -0.50 5.19
C ARG A 41 -19.33 -0.14 6.23
N THR A 42 -19.47 -0.95 7.26
CA THR A 42 -20.36 -0.65 8.38
C THR A 42 -20.03 0.73 8.93
N LEU A 43 -21.06 1.52 9.20
CA LEU A 43 -20.86 2.85 9.78
C LEU A 43 -20.50 2.69 11.24
N GLY A 44 -19.48 3.42 11.67
CA GLY A 44 -19.14 3.50 13.10
C GLY A 44 -20.20 4.22 13.92
N PRO A 45 -19.94 4.38 15.22
CA PRO A 45 -20.91 5.04 16.09
C PRO A 45 -21.09 6.55 15.85
N SER A 46 -20.25 7.16 14.99
CA SER A 46 -20.39 8.58 14.63
C SER A 46 -20.72 8.79 13.14
N GLN A 47 -21.42 7.82 12.55
CA GLN A 47 -21.86 7.88 11.15
C GLN A 47 -20.75 8.03 10.13
N GLU A 48 -19.57 7.53 10.46
CA GLU A 48 -18.43 7.55 9.55
C GLU A 48 -18.01 6.11 9.28
N GLU A 49 -17.78 5.77 8.01
CA GLU A 49 -17.45 4.39 7.64
C GLU A 49 -16.16 3.91 8.30
N THR A 50 -16.28 2.85 9.11
CA THR A 50 -15.12 2.21 9.74
C THR A 50 -15.05 0.71 9.45
N GLY A 51 -16.20 0.11 9.15
CA GLY A 51 -16.28 -1.34 8.99
C GLY A 51 -16.58 -1.99 10.32
N GLY A 52 -16.96 -3.26 10.29
CA GLY A 52 -17.28 -4.00 11.51
C GLY A 52 -17.23 -5.50 11.32
N VAL A 53 -17.40 -6.21 12.42
CA VAL A 53 -17.44 -7.66 12.43
C VAL A 53 -18.65 -8.11 13.22
N PHE A 54 -19.31 -9.16 12.72
CA PHE A 54 -20.49 -9.72 13.38
C PHE A 54 -20.26 -11.20 13.68
N LEU A 55 -20.67 -11.64 14.87
CA LEU A 55 -20.52 -13.05 15.24
C LEU A 55 -21.90 -13.71 15.25
N CYS A 56 -22.16 -14.52 14.23
CA CYS A 56 -23.47 -15.12 14.02
C CYS A 56 -23.57 -16.51 14.65
N PRO A 57 -24.53 -16.70 15.56
CA PRO A 57 -24.77 -18.03 16.09
C PRO A 57 -25.63 -18.82 15.12
N TRP A 58 -25.40 -20.13 15.03
CA TRP A 58 -26.11 -20.96 14.07
C TRP A 58 -27.60 -21.08 14.39
N ARG A 59 -28.43 -20.68 13.44
CA ARG A 59 -29.87 -20.93 13.45
C ARG A 59 -30.32 -21.33 12.05
N ALA A 60 -31.32 -22.19 11.98
CA ALA A 60 -31.89 -22.57 10.68
C ALA A 60 -32.57 -21.36 10.01
N GLU A 61 -33.23 -20.54 10.82
CA GLU A 61 -33.97 -19.38 10.31
C GLU A 61 -33.10 -18.18 9.97
N GLY A 62 -31.87 -18.14 10.49
CA GLY A 62 -30.95 -17.04 10.24
C GLY A 62 -31.38 -15.74 10.90
N GLY A 63 -31.12 -14.62 10.22
CA GLY A 63 -31.55 -13.29 10.69
C GLY A 63 -30.41 -12.33 10.94
N GLN A 64 -30.58 -11.47 11.95
CA GLN A 64 -29.60 -10.43 12.32
C GLN A 64 -28.55 -11.00 13.26
N CYS A 65 -27.33 -10.45 13.19
CA CYS A 65 -26.24 -10.89 14.05
C CYS A 65 -25.76 -9.79 15.00
N PRO A 66 -25.21 -10.20 16.16
CA PRO A 66 -24.62 -9.24 17.10
C PRO A 66 -23.26 -8.75 16.62
N SER A 67 -22.95 -7.49 16.90
CA SER A 67 -21.66 -6.92 16.52
C SER A 67 -20.59 -7.28 17.55
N LEU A 68 -19.46 -7.79 17.06
CA LEU A 68 -18.28 -8.05 17.89
C LEU A 68 -17.52 -6.72 18.02
N LEU A 69 -17.50 -6.15 19.22
CA LEU A 69 -16.99 -4.78 19.40
C LEU A 69 -15.48 -4.63 19.24
N PHE A 70 -15.08 -3.49 18.66
CA PHE A 70 -13.69 -3.11 18.57
C PHE A 70 -13.57 -1.60 18.80
N ASP A 71 -12.40 -1.16 19.26
CA ASP A 71 -12.16 0.26 19.46
C ASP A 71 -12.06 0.94 18.09
N LEU A 72 -12.93 1.91 17.83
CA LEU A 72 -12.90 2.64 16.56
C LEU A 72 -12.44 4.09 16.75
N ARG A 73 -11.91 4.41 17.93
CA ARG A 73 -11.39 5.75 18.19
C ARG A 73 -9.97 5.87 17.68
N ASP A 74 -9.70 6.95 16.97
CA ASP A 74 -8.34 7.29 16.56
C ASP A 74 -7.46 7.52 17.79
N GLU A 75 -6.16 7.30 17.62
CA GLU A 75 -5.21 7.43 18.71
C GLU A 75 -4.09 8.38 18.32
N THR A 76 -3.62 9.14 19.30
CA THR A 76 -2.44 9.98 19.14
C THR A 76 -1.52 9.71 20.31
N ARG A 77 -0.23 9.63 20.05
CA ARG A 77 0.76 9.50 21.11
C ARG A 77 1.96 10.37 20.86
N ASN A 78 2.16 11.38 21.70
CA ASN A 78 3.36 12.22 21.64
C ASN A 78 4.46 11.61 22.48
N VAL A 79 5.38 10.91 21.84
CA VAL A 79 6.42 10.17 22.53
C VAL A 79 7.72 10.26 21.74
N GLY A 80 8.85 10.36 22.44
CA GLY A 80 10.16 10.38 21.79
C GLY A 80 10.35 11.56 20.87
N SER A 81 9.79 12.70 21.26
CA SER A 81 9.79 13.92 20.45
C SER A 81 9.15 13.72 19.06
N GLN A 82 8.18 12.80 18.99
CA GLN A 82 7.43 12.54 17.78
C GLN A 82 5.94 12.51 18.11
N THR A 83 5.10 12.48 17.07
CA THR A 83 3.66 12.32 17.23
C THR A 83 3.16 11.17 16.37
N LEU A 84 2.71 10.10 17.04
CA LEU A 84 2.19 8.92 16.38
C LEU A 84 0.69 9.12 16.23
N GLN A 85 0.14 8.71 15.09
CA GLN A 85 -1.29 8.90 14.77
C GLN A 85 -1.88 7.69 14.05
N THR A 86 -3.00 7.17 14.55
CA THR A 86 -3.78 6.17 13.83
C THR A 86 -5.05 6.79 13.30
N PHE A 87 -5.48 6.34 12.12
CA PHE A 87 -6.66 6.87 11.47
C PHE A 87 -7.55 5.73 10.99
N LYS A 88 -8.71 5.58 11.63
CA LYS A 88 -9.57 4.43 11.43
C LYS A 88 -10.75 4.71 10.46
N ALA A 89 -10.80 5.92 9.91
CA ALA A 89 -11.86 6.27 8.96
C ALA A 89 -11.61 5.52 7.66
N ARG A 90 -12.67 4.91 7.12
CA ARG A 90 -12.62 4.17 5.87
CA ARG A 90 -12.60 4.18 5.87
C ARG A 90 -11.58 3.04 5.91
N GLN A 91 -11.26 2.56 7.11
CA GLN A 91 -10.22 1.54 7.29
C GLN A 91 -10.61 0.15 6.78
N GLY A 92 -11.91 -0.08 6.62
CA GLY A 92 -12.40 -1.36 6.12
C GLY A 92 -12.19 -2.51 7.07
N LEU A 93 -12.51 -2.29 8.34
CA LEU A 93 -12.47 -3.37 9.32
C LEU A 93 -13.40 -4.49 8.86
N GLY A 94 -12.84 -5.70 8.74
CA GLY A 94 -13.61 -6.86 8.30
C GLY A 94 -13.47 -7.12 6.81
N ALA A 95 -12.52 -6.46 6.16
CA ALA A 95 -12.16 -6.75 4.77
C ALA A 95 -11.59 -8.17 4.66
N SER A 96 -11.00 -8.64 5.75
CA SER A 96 -10.72 -10.07 5.93
C SER A 96 -10.95 -10.45 7.40
N VAL A 97 -11.58 -11.61 7.61
CA VAL A 97 -11.71 -12.18 8.95
C VAL A 97 -11.28 -13.64 8.90
N VAL A 98 -10.65 -14.10 9.98
CA VAL A 98 -10.22 -15.49 10.11
C VAL A 98 -10.32 -15.90 11.57
N SER A 99 -10.61 -17.18 11.82
CA SER A 99 -10.75 -17.70 13.17
C SER A 99 -9.71 -18.79 13.44
N TRP A 100 -9.18 -18.80 14.66
CA TRP A 100 -8.28 -19.86 15.08
C TRP A 100 -8.50 -20.13 16.55
N SER A 101 -8.83 -21.38 16.88
CA SER A 101 -9.11 -21.76 18.26
C SER A 101 -10.26 -20.90 18.82
N ASP A 102 -10.04 -20.22 19.94
CA ASP A 102 -11.05 -19.34 20.52
C ASP A 102 -10.79 -17.87 20.18
N VAL A 103 -9.96 -17.64 19.14
CA VAL A 103 -9.63 -16.27 18.71
C VAL A 103 -10.17 -15.96 17.31
N ILE A 104 -10.66 -14.73 17.15
CA ILE A 104 -11.05 -14.20 15.85
C ILE A 104 -10.07 -13.08 15.50
N VAL A 105 -9.57 -13.09 14.27
CA VAL A 105 -8.69 -12.05 13.78
C VAL A 105 -9.41 -11.34 12.63
N ALA A 106 -9.75 -10.06 12.84
CA ALA A 106 -10.38 -9.22 11.81
C ALA A 106 -9.43 -8.11 11.43
N CYS A 107 -9.30 -7.83 10.13
CA CYS A 107 -8.31 -6.86 9.66
C CYS A 107 -8.92 -5.65 8.98
N ALA A 108 -8.24 -4.51 9.12
CA ALA A 108 -8.59 -3.27 8.45
C ALA A 108 -7.40 -2.92 7.55
N PRO A 109 -7.42 -3.42 6.31
CA PRO A 109 -6.27 -3.24 5.44
C PRO A 109 -5.93 -1.78 5.11
N TRP A 110 -6.91 -0.89 5.24
CA TRP A 110 -6.74 0.52 4.84
C TRP A 110 -6.70 1.49 6.01
N GLN A 111 -6.49 0.99 7.21
CA GLN A 111 -6.26 1.86 8.36
C GLN A 111 -5.01 2.67 8.07
N HIS A 112 -5.13 3.99 8.14
CA HIS A 112 -3.99 4.86 7.86
C HIS A 112 -3.20 5.20 9.13
N TRP A 113 -1.99 5.69 8.91
CA TRP A 113 -0.99 5.87 9.96
C TRP A 113 -0.12 7.05 9.57
N ASN A 114 0.29 7.84 10.56
CA ASN A 114 1.29 8.89 10.31
C ASN A 114 2.13 9.14 11.55
N VAL A 115 3.33 9.69 11.31
CA VAL A 115 4.22 10.14 12.37
C VAL A 115 4.66 11.55 12.02
N LEU A 116 4.52 12.49 12.96
CA LEU A 116 4.96 13.87 12.77
C LEU A 116 6.15 14.19 13.67
N GLU A 117 7.11 14.93 13.14
CA GLU A 117 8.27 15.37 13.89
C GLU A 117 8.63 16.77 13.42
N LYS A 118 8.27 17.76 14.22
CA LYS A 118 8.38 19.17 13.82
C LYS A 118 7.67 19.40 12.48
N THR A 119 8.37 19.86 11.44
CA THR A 119 7.73 20.18 10.17
C THR A 119 7.73 19.00 9.19
N GLU A 120 8.24 17.85 9.62
CA GLU A 120 8.33 16.67 8.74
C GLU A 120 7.36 15.58 9.19
N GLU A 121 7.16 14.60 8.33
CA GLU A 121 6.25 13.48 8.62
C GLU A 121 6.69 12.19 7.92
N ALA A 122 6.12 11.06 8.35
CA ALA A 122 6.31 9.79 7.63
C ALA A 122 5.47 9.76 6.35
N GLU A 123 4.40 10.55 6.33
CA GLU A 123 3.34 10.52 5.31
C GLU A 123 2.17 9.66 5.81
N LYS A 124 0.97 10.20 5.70
CA LYS A 124 -0.25 9.53 6.10
C LYS A 124 -0.56 8.44 5.08
N THR A 125 -0.41 7.19 5.47
CA THR A 125 -0.43 6.06 4.52
C THR A 125 -1.15 4.81 5.08
N PRO A 126 -1.71 3.96 4.20
CA PRO A 126 -2.44 2.78 4.65
C PRO A 126 -1.55 1.59 5.02
N VAL A 127 -1.05 1.59 6.26
CA VAL A 127 -0.25 0.47 6.77
C VAL A 127 -1.13 -0.74 7.06
N GLY A 128 -2.40 -0.49 7.35
CA GLY A 128 -3.32 -1.55 7.72
C GLY A 128 -3.08 -1.99 9.14
N SER A 129 -4.07 -2.69 9.70
CA SER A 129 -3.99 -3.20 11.07
C SER A 129 -4.95 -4.36 11.24
N CYS A 130 -4.63 -5.30 12.14
CA CYS A 130 -5.57 -6.38 12.46
C CYS A 130 -5.94 -6.27 13.93
N PHE A 131 -7.23 -6.48 14.20
CA PHE A 131 -7.75 -6.51 15.54
C PHE A 131 -7.97 -7.98 15.91
N LEU A 132 -7.56 -8.36 17.11
CA LEU A 132 -7.71 -9.73 17.58
C LEU A 132 -8.68 -9.74 18.74
N ALA A 133 -9.61 -10.69 18.72
CA ALA A 133 -10.66 -10.79 19.73
C ALA A 133 -10.81 -12.22 20.25
N GLN A 134 -11.02 -12.35 21.56
CA GLN A 134 -11.26 -13.63 22.19
C GLN A 134 -12.61 -13.57 22.92
N PRO A 135 -13.72 -13.81 22.19
CA PRO A 135 -15.08 -13.57 22.66
C PRO A 135 -15.41 -14.07 24.06
N GLU A 136 -15.07 -15.31 24.35
CA GLU A 136 -15.43 -15.94 25.63
C GLU A 136 -14.73 -15.34 26.87
N SER A 137 -13.75 -14.47 26.66
CA SER A 137 -13.09 -13.74 27.75
C SER A 137 -13.20 -12.23 27.59
N GLY A 138 -13.43 -11.77 26.37
CA GLY A 138 -13.52 -10.34 26.10
C GLY A 138 -12.19 -9.67 25.81
N ARG A 139 -11.10 -10.44 25.82
CA ARG A 139 -9.77 -9.87 25.56
C ARG A 139 -9.64 -9.35 24.15
N ARG A 140 -8.92 -8.26 24.00
CA ARG A 140 -8.69 -7.64 22.72
C ARG A 140 -7.21 -7.34 22.56
N ALA A 141 -6.70 -7.51 21.34
CA ALA A 141 -5.34 -7.12 20.98
C ALA A 141 -5.32 -6.57 19.56
N GLU A 142 -4.18 -6.01 19.17
CA GLU A 142 -3.98 -5.53 17.81
C GLU A 142 -2.61 -5.96 17.30
N TYR A 143 -2.46 -6.00 15.98
CA TYR A 143 -1.20 -6.29 15.34
C TYR A 143 -1.11 -5.40 14.10
N SER A 144 -0.03 -4.64 13.99
CA SER A 144 0.11 -3.67 12.90
C SER A 144 1.59 -3.58 12.55
N PRO A 145 2.10 -4.63 11.91
CA PRO A 145 3.55 -4.77 11.76
C PRO A 145 4.23 -3.79 10.78
N CYS A 146 3.47 -3.00 10.04
CA CYS A 146 4.05 -2.10 9.05
C CYS A 146 4.20 -0.65 9.50
N ARG A 147 3.62 -0.31 10.65
CA ARG A 147 3.83 1.02 11.23
C ARG A 147 5.31 1.25 11.49
N GLY A 148 5.79 2.45 11.18
CA GLY A 148 7.16 2.86 11.45
C GLY A 148 7.20 4.26 12.04
N ASN A 149 8.39 4.72 12.39
CA ASN A 149 8.59 6.09 12.83
C ASN A 149 9.72 6.75 12.07
N THR A 150 9.89 6.36 10.81
CA THR A 150 10.88 6.96 9.91
C THR A 150 10.24 8.08 9.10
N LEU A 151 10.94 9.21 8.99
CA LEU A 151 10.40 10.37 8.28
C LEU A 151 10.60 10.27 6.77
N SER A 152 9.70 10.91 6.03
CA SER A 152 9.67 10.94 4.56
C SER A 152 11.04 11.08 3.90
N ARG A 153 11.82 12.03 4.39
CA ARG A 153 13.15 12.33 3.87
C ARG A 153 14.09 11.10 3.83
N ILE A 154 14.10 10.33 4.91
CA ILE A 154 15.04 9.21 5.06
C ILE A 154 14.78 8.11 4.03
N TYR A 155 13.50 7.90 3.71
CA TYR A 155 13.13 6.97 2.65
C TYR A 155 13.71 7.45 1.33
N VAL A 156 13.58 8.73 1.04
CA VAL A 156 14.13 9.29 -0.19
C VAL A 156 15.65 9.13 -0.24
N GLU A 157 16.31 9.46 0.86
CA GLU A 157 17.76 9.32 0.97
C GLU A 157 18.25 7.88 0.84
N ASN A 158 17.37 6.90 1.07
CA ASN A 158 17.72 5.48 0.89
C ASN A 158 17.02 4.80 -0.28
N ASP A 159 16.60 5.58 -1.28
CA ASP A 159 15.95 5.03 -2.46
C ASP A 159 14.77 4.11 -2.13
N PHE A 160 13.98 4.51 -1.14
CA PHE A 160 12.72 3.87 -0.80
C PHE A 160 12.85 2.37 -0.51
N SER A 161 13.92 1.99 0.17
CA SER A 161 14.10 0.59 0.56
C SER A 161 13.40 0.34 1.90
N TRP A 162 12.94 -0.90 2.07
CA TRP A 162 12.20 -1.30 3.27
C TRP A 162 11.11 -0.31 3.57
N ASP A 163 10.39 0.10 2.52
CA ASP A 163 9.29 1.06 2.67
C ASP A 163 7.99 0.30 2.93
N LYS A 164 7.57 0.24 4.19
CA LYS A 164 6.35 -0.47 4.56
C LYS A 164 5.13 0.43 4.72
N ARG A 165 5.22 1.68 4.27
CA ARG A 165 4.19 2.67 4.55
C ARG A 165 2.83 2.36 3.92
N TYR A 166 2.80 1.54 2.86
CA TYR A 166 1.57 1.27 2.11
C TYR A 166 1.22 -0.22 2.14
N CYS A 167 1.78 -0.94 3.11
CA CYS A 167 1.54 -2.39 3.28
C CYS A 167 0.13 -2.87 3.03
N GLU A 168 -0.83 -2.21 3.66
CA GLU A 168 -2.20 -2.72 3.79
C GLU A 168 -2.18 -4.13 4.41
N ALA A 169 -1.49 -4.28 5.53
CA ALA A 169 -1.40 -5.56 6.22
C ALA A 169 -2.79 -6.07 6.55
N GLY A 170 -3.00 -7.38 6.45
CA GLY A 170 -4.31 -7.98 6.68
C GLY A 170 -5.24 -7.93 5.47
N PHE A 171 -4.70 -7.52 4.31
CA PHE A 171 -5.41 -7.55 3.04
C PHE A 171 -5.88 -8.98 2.80
N SER A 172 -5.00 -9.93 3.11
CA SER A 172 -5.36 -11.34 3.20
C SER A 172 -4.75 -11.90 4.49
N SER A 173 -5.34 -12.96 5.00
CA SER A 173 -4.86 -13.54 6.24
C SER A 173 -5.13 -15.05 6.32
N VAL A 174 -4.25 -15.76 6.99
CA VAL A 174 -4.43 -17.17 7.28
C VAL A 174 -3.72 -17.43 8.59
N VAL A 175 -4.13 -18.49 9.30
CA VAL A 175 -3.50 -18.88 10.55
C VAL A 175 -3.11 -20.35 10.44
N THR A 176 -1.87 -20.68 10.81
CA THR A 176 -1.42 -22.08 10.83
C THR A 176 -2.10 -22.83 11.98
N GLN A 177 -1.97 -24.15 11.98
N GLN A 177 -1.96 -24.16 11.99
CA GLN A 177 -2.53 -25.00 13.03
CA GLN A 177 -2.55 -24.99 13.03
C GLN A 177 -1.88 -24.72 14.39
C GLN A 177 -1.88 -24.74 14.38
N ALA A 178 -0.58 -24.42 14.36
CA ALA A 178 0.18 -24.11 15.57
C ALA A 178 -0.18 -22.76 16.18
N GLY A 179 -0.81 -21.88 15.41
CA GLY A 179 -1.23 -20.57 15.90
C GLY A 179 -0.38 -19.40 15.44
N GLU A 180 0.30 -19.54 14.30
CA GLU A 180 0.98 -18.41 13.68
C GLU A 180 0.03 -17.71 12.71
N LEU A 181 -0.23 -16.43 12.98
CA LEU A 181 -1.01 -15.59 12.08
C LEU A 181 -0.09 -15.11 10.97
N VAL A 182 -0.51 -15.31 9.73
CA VAL A 182 0.23 -14.81 8.57
C VAL A 182 -0.63 -13.78 7.85
N LEU A 183 -0.10 -12.58 7.66
CA LEU A 183 -0.82 -11.52 6.95
C LEU A 183 -0.23 -11.26 5.57
N GLY A 184 -1.11 -11.07 4.58
CA GLY A 184 -0.73 -10.60 3.25
C GLY A 184 -0.82 -9.09 3.21
N ALA A 185 0.24 -8.46 2.70
CA ALA A 185 0.35 -7.01 2.65
C ALA A 185 0.85 -6.65 1.27
N PRO A 186 -0.06 -6.60 0.28
CA PRO A 186 0.34 -6.46 -1.12
C PRO A 186 0.95 -5.10 -1.48
N GLY A 187 0.79 -4.12 -0.60
CA GLY A 187 1.38 -2.80 -0.80
C GLY A 187 2.77 -2.67 -0.21
N GLY A 188 3.27 -3.76 0.39
CA GLY A 188 4.56 -3.74 1.06
C GLY A 188 5.73 -3.45 0.15
N TYR A 189 6.75 -2.82 0.69
CA TYR A 189 7.99 -2.53 -0.03
C TYR A 189 7.69 -1.84 -1.36
N TYR A 190 6.90 -0.77 -1.26
CA TYR A 190 6.49 0.04 -2.40
C TYR A 190 5.74 -0.79 -3.45
N PHE A 191 4.72 -1.51 -2.99
CA PHE A 191 3.79 -2.27 -3.84
C PHE A 191 4.36 -3.57 -4.45
N LEU A 192 5.57 -3.98 -4.05
CA LEU A 192 6.02 -5.35 -4.34
C LEU A 192 5.12 -6.35 -3.60
N GLY A 193 4.95 -6.09 -2.31
CA GLY A 193 4.15 -6.95 -1.44
C GLY A 193 5.04 -7.62 -0.41
N LEU A 194 4.47 -7.96 0.74
CA LEU A 194 5.19 -8.69 1.79
C LEU A 194 4.24 -9.53 2.66
N LEU A 195 4.84 -10.46 3.41
CA LEU A 195 4.10 -11.26 4.38
C LEU A 195 4.60 -10.95 5.80
N ALA A 196 3.67 -10.91 6.75
CA ALA A 196 4.03 -10.73 8.16
C ALA A 196 3.49 -11.90 8.97
N GLN A 197 4.36 -12.58 9.72
CA GLN A 197 3.96 -13.70 10.55
C GLN A 197 4.22 -13.37 12.00
N ALA A 198 3.31 -13.78 12.89
CA ALA A 198 3.56 -13.72 14.32
C ALA A 198 2.62 -14.70 15.05
N PRO A 199 3.12 -15.36 16.11
CA PRO A 199 2.25 -16.24 16.88
C PRO A 199 1.14 -15.45 17.57
N VAL A 200 -0.08 -15.96 17.51
CA VAL A 200 -1.23 -15.29 18.10
C VAL A 200 -1.00 -14.98 19.59
N ALA A 201 -0.45 -15.96 20.31
CA ALA A 201 -0.11 -15.82 21.73
C ALA A 201 0.76 -14.60 22.01
N ASP A 202 1.76 -14.42 21.15
CA ASP A 202 2.73 -13.33 21.30
C ASP A 202 2.13 -11.97 20.96
N ILE A 203 1.23 -11.93 19.99
CA ILE A 203 0.50 -10.70 19.67
C ILE A 203 -0.27 -10.24 20.90
N PHE A 204 -0.95 -11.18 21.55
CA PHE A 204 -1.73 -10.87 22.75
C PHE A 204 -0.88 -10.43 23.92
N SER A 205 0.24 -11.12 24.14
CA SER A 205 1.07 -10.86 25.32
C SER A 205 1.96 -9.61 25.19
N SER A 206 2.15 -9.12 23.97
CA SER A 206 2.98 -7.93 23.76
C SER A 206 2.16 -6.66 23.51
N TYR A 207 0.84 -6.79 23.46
CA TYR A 207 -0.04 -5.64 23.18
C TYR A 207 -0.53 -4.98 24.45
N ARG A 208 -0.39 -3.65 24.49
CA ARG A 208 -1.08 -2.82 25.44
C ARG A 208 -1.69 -1.63 24.72
N PRO A 209 -2.83 -1.13 25.21
CA PRO A 209 -3.48 -0.02 24.51
C PRO A 209 -2.73 1.28 24.67
N GLY A 210 -2.64 2.06 23.59
CA GLY A 210 -2.06 3.40 23.64
C GLY A 210 -0.60 3.51 23.23
N ILE A 211 0.08 2.37 23.08
CA ILE A 211 1.51 2.35 22.78
C ILE A 211 1.77 2.61 21.30
N LEU A 212 0.96 1.99 20.44
CA LEU A 212 0.95 2.21 18.97
C LEU A 212 2.18 1.62 18.23
N LEU A 213 3.38 1.88 18.73
CA LEU A 213 4.58 1.26 18.19
C LEU A 213 5.21 0.31 19.23
N TRP A 214 5.06 -0.99 19.01
CA TRP A 214 5.65 -1.96 19.92
C TRP A 214 6.31 -3.13 19.20
N HIS A 215 7.06 -3.93 19.96
CA HIS A 215 7.81 -5.07 19.44
C HIS A 215 7.09 -6.39 19.67
N VAL A 216 6.94 -7.17 18.61
CA VAL A 216 6.56 -8.59 18.73
C VAL A 216 7.79 -9.39 18.30
N SER A 217 8.57 -9.83 19.29
CA SER A 217 9.92 -10.33 19.01
C SER A 217 9.94 -11.63 18.20
N SER A 218 8.87 -12.41 18.30
CA SER A 218 8.76 -13.63 17.52
C SER A 218 8.31 -13.41 16.07
N GLN A 219 8.09 -12.16 15.66
CA GLN A 219 7.53 -11.90 14.35
C GLN A 219 8.57 -12.06 13.26
N SER A 220 8.08 -12.31 12.05
CA SER A 220 8.92 -12.62 10.90
C SER A 220 8.28 -12.02 9.65
N LEU A 221 8.93 -11.03 9.06
CA LEU A 221 8.48 -10.41 7.80
C LEU A 221 9.32 -10.91 6.63
N SER A 222 8.73 -10.92 5.43
CA SER A 222 9.44 -11.28 4.20
C SER A 222 10.35 -10.13 3.77
N PHE A 223 10.94 -10.24 2.59
CA PHE A 223 12.03 -9.34 2.21
C PHE A 223 11.72 -8.40 1.05
N ASP A 224 12.52 -7.35 0.96
CA ASP A 224 12.45 -6.38 -0.12
C ASP A 224 13.35 -6.91 -1.25
N SER A 225 13.09 -6.42 -2.47
CA SER A 225 13.85 -6.86 -3.63
C SER A 225 14.03 -5.70 -4.60
N SER A 226 15.12 -5.74 -5.35
CA SER A 226 15.34 -4.77 -6.41
C SER A 226 15.16 -5.44 -7.77
N ASN A 227 14.54 -6.63 -7.77
CA ASN A 227 14.25 -7.37 -9.00
C ASN A 227 12.95 -6.85 -9.62
N PRO A 228 13.02 -6.23 -10.81
CA PRO A 228 11.84 -5.60 -11.41
C PRO A 228 10.64 -6.54 -11.67
N GLU A 229 10.91 -7.83 -11.82
CA GLU A 229 9.84 -8.82 -11.96
C GLU A 229 8.84 -8.71 -10.82
N TYR A 230 9.32 -8.31 -9.65
CA TYR A 230 8.48 -8.23 -8.45
C TYR A 230 7.73 -6.92 -8.29
N PHE A 231 8.13 -5.90 -9.03
CA PHE A 231 7.55 -4.55 -8.90
C PHE A 231 6.06 -4.55 -9.20
N ASP A 232 5.28 -3.94 -8.31
CA ASP A 232 3.83 -3.86 -8.47
C ASP A 232 3.17 -5.23 -8.62
N GLY A 233 3.79 -6.27 -8.05
CA GLY A 233 3.30 -7.64 -8.17
C GLY A 233 2.19 -8.00 -7.21
N TYR A 234 1.99 -7.16 -6.19
CA TYR A 234 0.97 -7.36 -5.15
C TYR A 234 1.07 -8.75 -4.53
N TRP A 235 2.31 -9.13 -4.25
CA TRP A 235 2.66 -10.37 -3.57
C TRP A 235 2.00 -10.36 -2.18
N GLY A 236 1.05 -11.27 -1.98
CA GLY A 236 0.25 -11.29 -0.74
C GLY A 236 -1.16 -10.75 -0.90
N TYR A 237 -1.58 -10.55 -2.15
CA TYR A 237 -2.98 -10.27 -2.46
C TYR A 237 -3.84 -11.41 -1.90
N SER A 238 -3.32 -12.64 -2.00
CA SER A 238 -3.92 -13.79 -1.35
C SER A 238 -2.85 -14.66 -0.72
N VAL A 239 -3.23 -15.42 0.31
CA VAL A 239 -2.29 -16.23 1.09
C VAL A 239 -2.94 -17.53 1.55
N ALA A 240 -2.14 -18.56 1.75
CA ALA A 240 -2.63 -19.86 2.20
C ALA A 240 -1.49 -20.71 2.72
N VAL A 241 -1.81 -21.72 3.53
CA VAL A 241 -0.77 -22.58 4.12
C VAL A 241 -1.06 -24.05 3.87
N GLY A 242 0.02 -24.85 3.80
CA GLY A 242 -0.11 -26.28 3.56
C GLY A 242 1.22 -27.00 3.67
N GLU A 243 1.24 -28.26 3.25
CA GLU A 243 2.42 -29.12 3.38
C GLU A 243 2.93 -29.54 2.00
N PHE A 244 4.12 -29.07 1.66
CA PHE A 244 4.67 -29.19 0.31
C PHE A 244 6.14 -29.64 0.20
N ASP A 245 6.77 -29.95 1.34
CA ASP A 245 8.16 -30.46 1.35
C ASP A 245 8.30 -31.80 2.09
N GLY A 246 7.18 -32.50 2.30
CA GLY A 246 7.19 -33.82 2.95
C GLY A 246 7.78 -33.86 4.35
N ASP A 247 7.79 -32.71 5.03
CA ASP A 247 8.36 -32.58 6.37
C ASP A 247 7.28 -31.95 7.26
N LEU A 248 6.57 -32.79 8.01
CA LEU A 248 5.42 -32.34 8.79
C LEU A 248 5.78 -31.36 9.92
N ASN A 249 7.06 -31.28 10.29
CA ASN A 249 7.51 -30.35 11.32
C ASN A 249 7.50 -28.89 10.84
N THR A 250 7.67 -28.69 9.54
CA THR A 250 7.69 -27.35 8.95
C THR A 250 6.39 -27.05 8.23
N THR A 251 5.98 -25.79 8.24
CA THR A 251 4.79 -25.36 7.49
C THR A 251 5.23 -24.54 6.27
N GLU A 252 4.52 -24.74 5.15
CA GLU A 252 4.82 -24.01 3.92
C GLU A 252 3.73 -22.97 3.67
N TYR A 253 4.13 -21.85 3.05
CA TYR A 253 3.20 -20.77 2.72
C TYR A 253 2.98 -20.70 1.22
N VAL A 254 1.71 -20.53 0.83
CA VAL A 254 1.32 -20.29 -0.54
C VAL A 254 0.95 -18.82 -0.68
N VAL A 255 1.62 -18.10 -1.58
CA VAL A 255 1.39 -16.65 -1.74
C VAL A 255 0.99 -16.32 -3.18
N GLY A 256 -0.03 -15.47 -3.31
CA GLY A 256 -0.49 -15.01 -4.62
C GLY A 256 0.06 -13.65 -4.96
N ALA A 257 0.57 -13.51 -6.18
CA ALA A 257 1.09 -12.23 -6.69
C ALA A 257 0.49 -12.03 -8.07
N PRO A 258 -0.78 -11.57 -8.12
CA PRO A 258 -1.54 -11.56 -9.36
C PRO A 258 -1.07 -10.62 -10.46
N THR A 259 -0.23 -9.64 -10.13
CA THR A 259 0.32 -8.73 -11.14
C THR A 259 1.85 -8.88 -11.26
N TRP A 260 2.39 -9.93 -10.66
CA TRP A 260 3.83 -10.24 -10.71
C TRP A 260 4.34 -10.27 -12.14
N SER A 261 5.54 -9.73 -12.34
CA SER A 261 6.17 -9.69 -13.67
C SER A 261 5.25 -9.06 -14.71
N TRP A 262 5.09 -7.74 -14.62
CA TRP A 262 4.32 -6.98 -15.61
C TRP A 262 2.95 -7.59 -15.90
N THR A 263 2.20 -7.88 -14.83
CA THR A 263 0.85 -8.42 -14.90
C THR A 263 0.75 -9.82 -15.48
N LEU A 264 1.87 -10.55 -15.56
CA LEU A 264 1.84 -11.96 -15.94
C LEU A 264 1.18 -12.76 -14.82
N GLY A 265 1.43 -12.36 -13.58
CA GLY A 265 0.85 -13.00 -12.41
C GLY A 265 1.64 -14.23 -11.99
N ALA A 266 1.56 -14.56 -10.71
CA ALA A 266 2.30 -15.70 -10.17
C ALA A 266 1.79 -16.11 -8.79
N VAL A 267 2.00 -17.37 -8.45
CA VAL A 267 1.82 -17.88 -7.10
C VAL A 267 3.11 -18.58 -6.69
N GLU A 268 3.55 -18.35 -5.45
CA GLU A 268 4.76 -18.98 -4.94
C GLU A 268 4.49 -19.86 -3.71
N ILE A 269 5.16 -21.00 -3.65
CA ILE A 269 5.21 -21.84 -2.45
C ILE A 269 6.54 -21.60 -1.74
N LEU A 270 6.46 -21.27 -0.46
CA LEU A 270 7.62 -20.85 0.32
C LEU A 270 7.73 -21.64 1.61
N ASP A 271 8.94 -21.65 2.20
CA ASP A 271 9.10 -22.17 3.56
C ASP A 271 8.80 -21.04 4.54
N SER A 272 8.87 -21.33 5.84
CA SER A 272 8.51 -20.36 6.88
C SER A 272 9.58 -19.27 7.09
N TYR A 273 10.74 -19.45 6.46
CA TYR A 273 11.77 -18.42 6.40
C TYR A 273 11.66 -17.56 5.14
N TYR A 274 10.62 -17.81 4.35
CA TYR A 274 10.35 -17.08 3.10
C TYR A 274 11.33 -17.38 1.96
N GLN A 275 11.94 -18.57 1.99
CA GLN A 275 12.72 -19.06 0.86
C GLN A 275 11.78 -19.70 -0.14
N ARG A 276 11.87 -19.27 -1.40
CA ARG A 276 11.03 -19.80 -2.47
CA ARG A 276 11.02 -19.80 -2.47
C ARG A 276 11.34 -21.26 -2.72
N LEU A 277 10.30 -22.10 -2.67
CA LEU A 277 10.40 -23.54 -2.96
C LEU A 277 9.91 -23.84 -4.38
N HIS A 278 8.84 -23.18 -4.80
N HIS A 278 8.80 -23.20 -4.77
CA HIS A 278 8.39 -23.28 -6.17
CA HIS A 278 8.22 -23.35 -6.11
C HIS A 278 7.61 -22.05 -6.59
C HIS A 278 7.65 -22.00 -6.58
N ARG A 279 7.65 -21.76 -7.89
CA ARG A 279 6.92 -20.64 -8.48
C ARG A 279 6.06 -21.15 -9.62
N LEU A 280 4.79 -20.78 -9.60
CA LEU A 280 3.85 -21.11 -10.66
C LEU A 280 3.50 -19.81 -11.39
N ARG A 281 3.79 -19.76 -12.69
CA ARG A 281 3.61 -18.55 -13.46
C ARG A 281 2.25 -18.53 -14.14
N GLY A 282 1.73 -17.32 -14.35
CA GLY A 282 0.45 -17.14 -15.01
C GLY A 282 0.53 -17.47 -16.48
N GLU A 283 -0.62 -17.75 -17.07
CA GLU A 283 -0.74 -18.20 -18.45
C GLU A 283 -1.01 -17.03 -19.39
N GLN A 284 -1.59 -15.95 -18.87
CA GLN A 284 -2.06 -14.85 -19.68
C GLN A 284 -2.01 -13.54 -18.90
N MET A 285 -1.50 -12.49 -19.54
CA MET A 285 -1.35 -11.20 -18.87
C MET A 285 -2.70 -10.62 -18.48
N ALA A 286 -2.72 -9.96 -17.33
CA ALA A 286 -3.93 -9.33 -16.76
C ALA A 286 -5.07 -10.29 -16.41
N SER A 287 -4.80 -11.60 -16.41
CA SER A 287 -5.80 -12.59 -16.04
C SER A 287 -5.99 -12.67 -14.53
N TYR A 288 -5.09 -11.99 -13.79
CA TYR A 288 -5.10 -11.97 -12.32
C TYR A 288 -4.91 -13.37 -11.69
N PHE A 289 -4.09 -14.19 -12.36
CA PHE A 289 -3.63 -15.47 -11.85
C PHE A 289 -2.99 -15.25 -10.48
N GLY A 290 -3.61 -15.80 -9.44
CA GLY A 290 -3.15 -15.59 -8.06
C GLY A 290 -4.12 -14.77 -7.22
N HIS A 291 -5.21 -14.33 -7.84
CA HIS A 291 -6.28 -13.65 -7.11
C HIS A 291 -6.77 -14.52 -5.96
N SER A 292 -6.81 -15.83 -6.22
CA SER A 292 -7.28 -16.80 -5.26
C SER A 292 -6.34 -18.00 -5.24
N VAL A 293 -6.09 -18.51 -4.04
CA VAL A 293 -5.32 -19.72 -3.84
C VAL A 293 -6.02 -20.59 -2.82
N ALA A 294 -6.06 -21.90 -3.07
CA ALA A 294 -6.63 -22.86 -2.13
C ALA A 294 -5.71 -24.08 -2.03
N VAL A 295 -5.63 -24.66 -0.85
CA VAL A 295 -4.84 -25.86 -0.61
C VAL A 295 -5.74 -26.94 -0.03
N THR A 296 -5.73 -28.12 -0.67
CA THR A 296 -6.49 -29.26 -0.19
C THR A 296 -6.12 -30.50 -1.01
N ASP A 297 -5.98 -31.63 -0.34
CA ASP A 297 -5.72 -32.90 -1.02
C ASP A 297 -7.04 -33.38 -1.65
N VAL A 298 -7.11 -33.35 -2.99
CA VAL A 298 -8.32 -33.72 -3.72
C VAL A 298 -8.32 -35.13 -4.30
N ASN A 299 -7.16 -35.78 -4.38
CA ASN A 299 -7.07 -37.13 -4.97
C ASN A 299 -6.74 -38.23 -3.96
N GLY A 300 -6.96 -37.94 -2.67
CA GLY A 300 -6.94 -38.96 -1.63
C GLY A 300 -5.63 -39.68 -1.35
N ASP A 301 -4.50 -39.08 -1.75
CA ASP A 301 -3.19 -39.68 -1.49
C ASP A 301 -2.49 -39.05 -0.28
N GLY A 302 -3.18 -38.14 0.39
CA GLY A 302 -2.67 -37.51 1.61
C GLY A 302 -1.61 -36.44 1.37
N ARG A 303 -1.46 -36.03 0.12
CA ARG A 303 -0.54 -34.94 -0.23
C ARG A 303 -1.35 -33.74 -0.70
N HIS A 304 -1.19 -32.61 -0.01
CA HIS A 304 -1.92 -31.38 -0.33
C HIS A 304 -1.73 -30.96 -1.79
N ASP A 305 -2.83 -30.60 -2.45
CA ASP A 305 -2.80 -30.12 -3.82
C ASP A 305 -3.05 -28.63 -3.82
N LEU A 306 -2.64 -27.97 -4.90
CA LEU A 306 -2.76 -26.51 -5.00
C LEU A 306 -3.77 -26.12 -6.07
N LEU A 307 -4.64 -25.16 -5.73
CA LEU A 307 -5.62 -24.61 -6.67
C LEU A 307 -5.42 -23.11 -6.77
N VAL A 308 -5.29 -22.60 -8.00
CA VAL A 308 -5.09 -21.17 -8.24
C VAL A 308 -6.19 -20.64 -9.14
N GLY A 309 -6.65 -19.42 -8.87
CA GLY A 309 -7.70 -18.78 -9.65
C GLY A 309 -7.18 -17.60 -10.46
N ALA A 310 -7.62 -17.52 -11.72
CA ALA A 310 -7.33 -16.41 -12.61
C ALA A 310 -8.67 -15.94 -13.18
N PRO A 311 -9.38 -15.10 -12.44
CA PRO A 311 -10.78 -14.78 -12.77
C PRO A 311 -11.01 -13.86 -13.98
N LEU A 312 -9.95 -13.26 -14.50
CA LEU A 312 -10.08 -12.43 -15.71
C LEU A 312 -9.42 -13.08 -16.93
N TYR A 313 -9.21 -14.40 -16.86
CA TYR A 313 -8.67 -15.16 -17.98
C TYR A 313 -9.63 -15.14 -19.17
N MET A 314 -9.08 -14.79 -20.33
CA MET A 314 -9.86 -14.71 -21.56
C MET A 314 -9.62 -15.96 -22.40
N GLU A 315 -10.72 -16.63 -22.73
CA GLU A 315 -10.69 -17.89 -23.46
C GLU A 315 -10.70 -17.63 -24.95
N SER A 316 -9.99 -18.46 -25.73
CA SER A 316 -9.99 -18.34 -27.18
C SER A 316 -11.31 -18.81 -27.75
N ARG A 317 -11.79 -18.12 -28.79
CA ARG A 317 -13.05 -18.47 -29.46
C ARG A 317 -12.94 -18.27 -30.98
N ALA A 318 -13.91 -18.78 -31.72
CA ALA A 318 -13.86 -18.77 -33.20
C ALA A 318 -13.64 -17.36 -33.77
N ASP A 319 -12.96 -17.31 -34.91
CA ASP A 319 -12.53 -16.06 -35.55
C ASP A 319 -11.64 -15.17 -34.66
N ARG A 320 -10.67 -15.81 -34.00
CA ARG A 320 -9.61 -15.13 -33.23
C ARG A 320 -10.09 -14.22 -32.10
N LYS A 321 -11.30 -14.47 -31.59
CA LYS A 321 -11.92 -13.63 -30.57
C LYS A 321 -11.66 -14.18 -29.18
N LEU A 322 -11.57 -13.28 -28.20
CA LEU A 322 -11.30 -13.64 -26.82
C LEU A 322 -12.51 -13.30 -25.94
N ALA A 323 -12.76 -14.14 -24.93
CA ALA A 323 -13.91 -13.97 -24.05
C ALA A 323 -13.51 -14.10 -22.58
N GLU A 324 -13.63 -13.01 -21.83
CA GLU A 324 -13.28 -13.02 -20.41
C GLU A 324 -14.25 -13.91 -19.65
N VAL A 325 -13.73 -15.02 -19.13
CA VAL A 325 -14.55 -15.97 -18.37
C VAL A 325 -13.94 -16.40 -17.04
N GLY A 326 -12.61 -16.35 -16.93
CA GLY A 326 -11.91 -16.81 -15.73
C GLY A 326 -11.51 -18.27 -15.79
N ARG A 327 -10.43 -18.62 -15.09
CA ARG A 327 -9.94 -20.00 -15.06
C ARG A 327 -9.41 -20.40 -13.68
N VAL A 328 -9.53 -21.69 -13.34
CA VAL A 328 -8.91 -22.28 -12.15
C VAL A 328 -7.95 -23.40 -12.56
N TYR A 329 -6.76 -23.39 -11.96
CA TYR A 329 -5.70 -24.36 -12.27
C TYR A 329 -5.52 -25.29 -11.09
N LEU A 330 -5.60 -26.60 -11.33
CA LEU A 330 -5.32 -27.60 -10.30
C LEU A 330 -3.90 -28.10 -10.48
N PHE A 331 -3.13 -28.08 -9.39
CA PHE A 331 -1.80 -28.67 -9.34
C PHE A 331 -1.76 -29.77 -8.29
N LEU A 332 -1.60 -31.02 -8.73
CA LEU A 332 -1.47 -32.16 -7.82
C LEU A 332 -0.02 -32.29 -7.36
N GLN A 333 0.17 -32.57 -6.07
CA GLN A 333 1.51 -32.69 -5.53
C GLN A 333 2.03 -34.10 -5.77
N PRO A 334 3.22 -34.23 -6.41
CA PRO A 334 3.83 -35.54 -6.59
C PRO A 334 4.63 -36.00 -5.37
N ARG A 335 5.25 -37.18 -5.47
CA ARG A 335 6.02 -37.76 -4.37
C ARG A 335 7.47 -37.28 -4.37
N GLY A 336 8.13 -37.37 -3.21
CA GLY A 336 9.55 -37.09 -3.08
C GLY A 336 9.86 -35.61 -2.97
N PRO A 337 11.04 -35.19 -3.45
CA PRO A 337 11.36 -33.77 -3.48
C PRO A 337 11.03 -33.14 -4.84
N HIS A 338 10.18 -33.79 -5.63
CA HIS A 338 9.87 -33.35 -6.99
C HIS A 338 8.98 -32.11 -7.02
N ALA A 339 9.16 -31.28 -8.03
CA ALA A 339 8.44 -30.02 -8.15
C ALA A 339 6.99 -30.23 -8.63
N LEU A 340 6.15 -29.26 -8.35
CA LEU A 340 4.81 -29.21 -8.93
C LEU A 340 4.97 -28.89 -10.41
N GLY A 341 4.51 -29.78 -11.27
CA GLY A 341 4.66 -29.58 -12.71
C GLY A 341 3.57 -28.70 -13.30
N ALA A 342 3.14 -29.05 -14.51
CA ALA A 342 2.07 -28.35 -15.19
C ALA A 342 0.73 -28.68 -14.53
N PRO A 343 -0.32 -27.90 -14.85
CA PRO A 343 -1.64 -28.19 -14.28
C PRO A 343 -2.14 -29.58 -14.64
N SER A 344 -2.70 -30.28 -13.65
CA SER A 344 -3.35 -31.57 -13.87
C SER A 344 -4.75 -31.35 -14.46
N LEU A 345 -5.33 -30.18 -14.22
CA LEU A 345 -6.65 -29.85 -14.76
C LEU A 345 -6.86 -28.34 -14.81
N LEU A 346 -7.37 -27.86 -15.95
CA LEU A 346 -7.81 -26.47 -16.08
C LEU A 346 -9.33 -26.45 -16.08
N LEU A 347 -9.91 -25.64 -15.20
CA LEU A 347 -11.36 -25.42 -15.20
C LEU A 347 -11.60 -23.99 -15.67
N THR A 348 -12.41 -23.84 -16.71
CA THR A 348 -12.64 -22.55 -17.34
C THR A 348 -14.10 -22.16 -17.19
N GLY A 349 -14.36 -20.89 -16.87
CA GLY A 349 -15.73 -20.40 -16.74
C GLY A 349 -16.45 -20.42 -18.08
N THR A 350 -17.77 -20.27 -18.05
CA THR A 350 -18.58 -20.27 -19.26
C THR A 350 -19.41 -19.00 -19.50
N GLN A 351 -19.62 -18.19 -18.47
CA GLN A 351 -20.34 -16.92 -18.62
C GLN A 351 -19.36 -15.78 -18.88
N LEU A 352 -19.69 -14.92 -19.85
CA LEU A 352 -18.86 -13.74 -20.12
C LEU A 352 -18.89 -12.83 -18.90
N TYR A 353 -17.70 -12.38 -18.50
CA TYR A 353 -17.53 -11.50 -17.34
C TYR A 353 -17.94 -12.16 -16.01
N GLY A 354 -17.98 -13.49 -16.00
CA GLY A 354 -18.41 -14.23 -14.82
C GLY A 354 -17.43 -14.21 -13.66
N ARG A 355 -16.15 -14.10 -13.97
CA ARG A 355 -15.08 -14.16 -12.96
C ARG A 355 -15.07 -15.48 -12.20
N PHE A 356 -15.23 -16.57 -12.94
CA PHE A 356 -15.02 -17.91 -12.43
C PHE A 356 -13.59 -18.00 -11.89
N GLY A 357 -13.45 -18.52 -10.66
CA GLY A 357 -12.14 -18.60 -10.02
C GLY A 357 -11.80 -17.39 -9.16
N SER A 358 -12.83 -16.60 -8.84
CA SER A 358 -12.67 -15.44 -8.00
C SER A 358 -12.55 -15.85 -6.53
N ALA A 359 -13.14 -17.00 -6.17
CA ALA A 359 -12.97 -17.60 -4.85
C ALA A 359 -12.96 -19.13 -4.97
N ILE A 360 -12.04 -19.79 -4.27
CA ILE A 360 -11.93 -21.26 -4.26
C ILE A 360 -11.94 -21.76 -2.83
N ALA A 361 -12.98 -22.52 -2.47
CA ALA A 361 -13.11 -23.01 -1.09
C ALA A 361 -13.01 -24.53 -1.02
N PRO A 362 -12.05 -25.05 -0.23
CA PRO A 362 -12.07 -26.47 0.11
C PRO A 362 -13.33 -26.78 0.91
N LEU A 363 -14.04 -27.84 0.51
CA LEU A 363 -15.30 -28.22 1.17
C LEU A 363 -15.12 -29.41 2.12
N GLY A 364 -13.91 -29.93 2.23
CA GLY A 364 -13.69 -31.22 2.88
C GLY A 364 -14.37 -32.31 2.06
N ASP A 365 -14.72 -33.41 2.70
CA ASP A 365 -15.41 -34.50 2.01
C ASP A 365 -16.91 -34.27 2.12
N LEU A 366 -17.49 -33.67 1.08
CA LEU A 366 -18.90 -33.30 1.09
C LEU A 366 -19.80 -34.51 1.05
N ASP A 367 -19.48 -35.46 0.18
CA ASP A 367 -20.29 -36.68 0.02
C ASP A 367 -19.72 -37.90 0.74
N ARG A 368 -18.61 -37.72 1.45
CA ARG A 368 -18.00 -38.78 2.26
C ARG A 368 -17.65 -40.05 1.46
N ASP A 369 -17.01 -39.86 0.30
CA ASP A 369 -16.54 -40.99 -0.49
C ASP A 369 -15.05 -41.26 -0.31
N GLY A 370 -14.37 -40.39 0.45
CA GLY A 370 -12.94 -40.53 0.70
C GLY A 370 -12.09 -39.44 0.06
N TYR A 371 -12.60 -38.82 -1.00
CA TYR A 371 -11.91 -37.74 -1.69
C TYR A 371 -12.48 -36.39 -1.31
N ASN A 372 -11.61 -35.44 -0.98
CA ASN A 372 -12.05 -34.08 -0.67
C ASN A 372 -12.55 -33.33 -1.90
N ASP A 373 -13.37 -32.32 -1.66
CA ASP A 373 -14.05 -31.60 -2.72
C ASP A 373 -13.85 -30.10 -2.56
N ILE A 374 -14.14 -29.35 -3.62
CA ILE A 374 -13.99 -27.89 -3.59
C ILE A 374 -15.22 -27.22 -4.18
N ALA A 375 -15.40 -25.93 -3.84
CA ALA A 375 -16.34 -25.05 -4.51
C ALA A 375 -15.57 -23.90 -5.18
N VAL A 376 -16.07 -23.44 -6.33
CA VAL A 376 -15.42 -22.35 -7.09
C VAL A 376 -16.45 -21.28 -7.43
N ALA A 377 -16.20 -20.05 -7.01
CA ALA A 377 -17.16 -18.97 -7.19
C ALA A 377 -17.05 -18.32 -8.58
N ALA A 378 -18.21 -18.03 -9.17
CA ALA A 378 -18.32 -17.15 -10.33
C ALA A 378 -19.29 -16.04 -9.95
N PRO A 379 -18.79 -14.99 -9.26
CA PRO A 379 -19.65 -13.96 -8.67
C PRO A 379 -20.60 -13.23 -9.64
N TYR A 380 -20.30 -13.27 -10.93
CA TYR A 380 -21.18 -12.68 -11.95
C TYR A 380 -21.52 -13.70 -13.03
N GLY A 381 -21.48 -14.98 -12.64
CA GLY A 381 -21.78 -16.08 -13.56
C GLY A 381 -23.26 -16.38 -13.65
N GLY A 382 -23.60 -17.49 -14.31
CA GLY A 382 -24.98 -17.85 -14.59
C GLY A 382 -25.52 -17.01 -15.74
N PRO A 383 -26.59 -17.49 -16.42
CA PRO A 383 -27.09 -16.84 -17.63
C PRO A 383 -27.51 -15.36 -17.48
N SER A 384 -27.92 -14.96 -16.28
CA SER A 384 -28.33 -13.59 -16.01
C SER A 384 -27.28 -12.81 -15.22
N GLY A 385 -26.15 -13.44 -14.93
CA GLY A 385 -25.03 -12.76 -14.30
C GLY A 385 -25.15 -12.47 -12.81
N ARG A 386 -26.15 -13.04 -12.15
CA ARG A 386 -26.41 -12.77 -10.74
C ARG A 386 -25.41 -13.43 -9.80
N GLY A 387 -24.70 -14.44 -10.28
CA GLY A 387 -23.70 -15.13 -9.49
C GLY A 387 -23.96 -16.63 -9.43
N GLN A 388 -22.91 -17.39 -9.21
CA GLN A 388 -22.97 -18.84 -9.30
C GLN A 388 -21.82 -19.47 -8.56
N VAL A 389 -22.10 -20.55 -7.84
CA VAL A 389 -21.05 -21.31 -7.13
C VAL A 389 -21.12 -22.77 -7.53
N LEU A 390 -19.98 -23.31 -7.97
CA LEU A 390 -19.93 -24.63 -8.60
C LEU A 390 -19.13 -25.61 -7.76
N VAL A 391 -19.74 -26.75 -7.45
CA VAL A 391 -19.12 -27.78 -6.62
C VAL A 391 -18.43 -28.83 -7.51
N PHE A 392 -17.17 -29.12 -7.18
CA PHE A 392 -16.39 -30.15 -7.88
C PHE A 392 -15.94 -31.23 -6.90
N LEU A 393 -16.45 -32.45 -7.08
CA LEU A 393 -16.05 -33.56 -6.23
C LEU A 393 -14.68 -34.10 -6.66
N GLY A 394 -13.88 -34.52 -5.67
CA GLY A 394 -12.57 -35.07 -5.93
C GLY A 394 -12.63 -36.54 -6.31
N GLN A 395 -11.53 -37.02 -6.90
CA GLN A 395 -11.44 -38.40 -7.36
C GLN A 395 -9.96 -38.81 -7.42
N SER A 396 -9.69 -40.07 -7.75
CA SER A 396 -8.30 -40.55 -7.84
C SER A 396 -7.47 -39.80 -8.89
N GLU A 397 -8.13 -39.38 -9.97
CA GLU A 397 -7.46 -38.69 -11.08
C GLU A 397 -7.35 -37.17 -10.86
N GLY A 398 -7.94 -36.67 -9.77
CA GLY A 398 -7.86 -35.24 -9.39
C GLY A 398 -9.22 -34.64 -9.08
N LEU A 399 -9.74 -33.84 -10.03
CA LEU A 399 -11.10 -33.35 -9.98
C LEU A 399 -11.82 -33.69 -11.29
N ARG A 400 -13.15 -33.63 -11.26
CA ARG A 400 -13.95 -33.79 -12.46
C ARG A 400 -14.01 -32.45 -13.18
N SER A 401 -13.97 -32.47 -14.51
CA SER A 401 -14.14 -31.25 -15.31
C SER A 401 -15.57 -30.70 -15.22
N ARG A 402 -16.52 -31.61 -15.04
CA ARG A 402 -17.94 -31.28 -14.91
CA ARG A 402 -17.93 -31.25 -14.91
C ARG A 402 -18.28 -31.07 -13.44
N PRO A 403 -18.98 -29.97 -13.10
CA PRO A 403 -19.38 -29.83 -11.70
C PRO A 403 -20.49 -30.80 -11.32
N SER A 404 -20.44 -31.29 -10.08
CA SER A 404 -21.47 -32.19 -9.55
C SER A 404 -22.75 -31.43 -9.18
N GLN A 405 -22.63 -30.14 -8.97
CA GLN A 405 -23.76 -29.30 -8.58
C GLN A 405 -23.46 -27.84 -8.81
N VAL A 406 -24.51 -27.07 -9.10
CA VAL A 406 -24.38 -25.63 -9.32
C VAL A 406 -25.38 -24.90 -8.43
N LEU A 407 -24.90 -23.90 -7.70
CA LEU A 407 -25.74 -23.08 -6.84
C LEU A 407 -25.92 -21.72 -7.49
N ASP A 408 -27.15 -21.39 -7.86
CA ASP A 408 -27.46 -20.08 -8.42
C ASP A 408 -27.79 -19.10 -7.30
N SER A 409 -27.34 -17.85 -7.46
CA SER A 409 -27.61 -16.79 -6.51
C SER A 409 -29.11 -16.62 -6.28
N PRO A 410 -29.53 -16.55 -5.01
CA PRO A 410 -30.88 -16.17 -4.67
C PRO A 410 -31.05 -14.66 -4.48
N PHE A 411 -29.97 -13.90 -4.63
CA PHE A 411 -30.00 -12.45 -4.45
C PHE A 411 -30.09 -11.73 -5.80
N PRO A 412 -30.49 -10.43 -5.80
CA PRO A 412 -30.56 -9.67 -7.04
C PRO A 412 -29.21 -9.36 -7.69
N THR A 413 -29.24 -8.71 -8.85
CA THR A 413 -28.02 -8.31 -9.57
C THR A 413 -27.10 -7.48 -8.70
N GLY A 414 -25.80 -7.69 -8.84
CA GLY A 414 -24.81 -6.89 -8.14
C GLY A 414 -24.42 -7.40 -6.77
N SER A 415 -25.06 -8.48 -6.30
CA SER A 415 -24.81 -9.02 -4.97
C SER A 415 -23.38 -9.54 -4.78
N ALA A 416 -22.71 -9.90 -5.87
CA ALA A 416 -21.38 -10.50 -5.81
C ALA A 416 -21.43 -11.84 -5.07
N PHE A 417 -22.53 -12.56 -5.25
CA PHE A 417 -22.70 -13.89 -4.68
C PHE A 417 -21.49 -14.77 -4.97
N GLY A 418 -20.87 -15.30 -3.94
CA GLY A 418 -19.69 -16.16 -4.09
C GLY A 418 -18.35 -15.44 -3.98
N PHE A 419 -18.37 -14.11 -3.95
CA PHE A 419 -17.14 -13.35 -3.77
C PHE A 419 -16.32 -13.84 -2.56
N SER A 420 -17.00 -14.39 -1.55
CA SER A 420 -16.36 -15.10 -0.46
C SER A 420 -17.04 -16.45 -0.20
N LEU A 421 -16.24 -17.43 0.22
CA LEU A 421 -16.72 -18.78 0.50
C LEU A 421 -15.97 -19.38 1.67
N ARG A 422 -16.61 -20.31 2.36
CA ARG A 422 -15.92 -21.12 3.35
C ARG A 422 -16.66 -22.45 3.58
N GLY A 423 -15.89 -23.52 3.73
CA GLY A 423 -16.45 -24.85 3.93
C GLY A 423 -15.66 -25.70 4.90
N ALA A 424 -15.80 -27.02 4.76
CA ALA A 424 -15.06 -27.99 5.56
C ALA A 424 -15.48 -28.01 7.04
N VAL A 425 -16.62 -27.43 7.37
CA VAL A 425 -17.13 -27.46 8.74
C VAL A 425 -18.60 -27.83 8.79
N ASP A 426 -18.95 -28.69 9.74
CA ASP A 426 -20.31 -29.16 9.93
C ASP A 426 -20.98 -28.24 10.95
N ILE A 427 -21.80 -27.32 10.48
CA ILE A 427 -22.38 -26.30 11.37
C ILE A 427 -23.57 -26.84 12.18
N ASP A 428 -24.34 -27.75 11.60
CA ASP A 428 -25.57 -28.26 12.23
C ASP A 428 -25.41 -29.65 12.85
N ASP A 429 -24.19 -30.19 12.81
CA ASP A 429 -23.86 -31.44 13.49
C ASP A 429 -24.57 -32.66 12.88
N ASN A 430 -24.74 -32.66 11.55
CA ASN A 430 -25.39 -33.77 10.85
C ASN A 430 -24.38 -34.78 10.27
N GLY A 431 -23.10 -34.53 10.47
CA GLY A 431 -22.04 -35.42 9.97
C GLY A 431 -21.48 -35.05 8.61
N TYR A 432 -21.99 -33.97 8.02
CA TYR A 432 -21.58 -33.53 6.69
C TYR A 432 -21.17 -32.06 6.73
N PRO A 433 -20.07 -31.70 6.04
CA PRO A 433 -19.57 -30.34 6.07
C PRO A 433 -20.41 -29.41 5.18
N ASP A 434 -20.65 -28.18 5.64
CA ASP A 434 -21.56 -27.24 4.99
C ASP A 434 -20.83 -26.09 4.31
N LEU A 435 -21.57 -25.25 3.60
CA LEU A 435 -20.98 -24.15 2.83
C LEU A 435 -21.60 -22.81 3.17
N ILE A 436 -20.78 -21.85 3.57
CA ILE A 436 -21.25 -20.48 3.75
C ILE A 436 -20.78 -19.64 2.55
N VAL A 437 -21.73 -18.92 1.94
CA VAL A 437 -21.46 -18.04 0.80
C VAL A 437 -21.86 -16.60 1.14
N GLY A 438 -20.98 -15.65 0.85
CA GLY A 438 -21.22 -14.24 1.11
C GLY A 438 -21.61 -13.51 -0.16
N ALA A 439 -22.60 -12.63 -0.05
CA ALA A 439 -23.01 -11.75 -1.14
C ALA A 439 -22.93 -10.31 -0.63
N TYR A 440 -21.72 -9.77 -0.64
CA TYR A 440 -21.49 -8.46 -0.02
C TYR A 440 -22.30 -7.34 -0.66
N GLY A 441 -22.56 -7.46 -1.96
CA GLY A 441 -23.39 -6.49 -2.66
C GLY A 441 -24.81 -6.43 -2.12
N ALA A 442 -25.31 -7.56 -1.64
CA ALA A 442 -26.65 -7.64 -1.04
C ALA A 442 -26.64 -7.59 0.49
N ASN A 443 -25.47 -7.32 1.08
CA ASN A 443 -25.29 -7.25 2.53
C ASN A 443 -25.75 -8.50 3.29
N GLN A 444 -25.56 -9.68 2.67
CA GLN A 444 -26.03 -10.94 3.25
C GLN A 444 -25.06 -12.11 3.06
N VAL A 445 -25.29 -13.16 3.84
CA VAL A 445 -24.57 -14.43 3.72
C VAL A 445 -25.59 -15.57 3.69
N ALA A 446 -25.35 -16.56 2.83
CA ALA A 446 -26.26 -17.69 2.65
C ALA A 446 -25.58 -19.00 3.06
N VAL A 447 -26.19 -19.74 3.98
CA VAL A 447 -25.66 -21.03 4.42
C VAL A 447 -26.36 -22.18 3.70
N TYR A 448 -25.55 -23.05 3.10
CA TYR A 448 -26.02 -24.25 2.43
C TYR A 448 -25.62 -25.48 3.25
N ARG A 449 -26.58 -26.32 3.59
CA ARG A 449 -26.33 -27.52 4.40
C ARG A 449 -26.21 -28.77 3.54
N ALA A 450 -25.15 -29.54 3.78
CA ALA A 450 -24.96 -30.83 3.12
C ALA A 450 -25.88 -31.88 3.73
N GLN A 451 -26.55 -32.66 2.87
CA GLN A 451 -27.45 -33.71 3.32
C GLN A 451 -26.96 -35.07 2.80
N PRO A 452 -27.43 -36.17 3.42
CA PRO A 452 -27.16 -37.52 2.87
C PRO A 452 -27.65 -37.70 1.43
N GLY B 1 -46.46 -7.10 -93.55
CA GLY B 1 -47.61 -6.26 -94.04
C GLY B 1 -47.55 -4.83 -93.55
N PRO B 2 -48.70 -4.29 -93.05
CA PRO B 2 -48.77 -2.88 -92.64
C PRO B 2 -48.06 -2.57 -91.31
N ASN B 3 -47.72 -1.31 -91.11
CA ASN B 3 -47.06 -0.87 -89.87
C ASN B 3 -47.99 -0.07 -88.96
N ILE B 4 -47.54 0.13 -87.72
CA ILE B 4 -48.36 0.77 -86.68
C ILE B 4 -48.67 2.23 -86.98
N CYS B 5 -47.78 2.89 -87.74
CA CYS B 5 -47.96 4.28 -88.09
C CYS B 5 -49.17 4.50 -88.99
N THR B 6 -49.23 3.73 -90.08
CA THR B 6 -50.30 3.88 -91.06
C THR B 6 -51.66 3.44 -90.53
N THR B 7 -51.70 2.35 -89.75
CA THR B 7 -52.95 1.73 -89.34
C THR B 7 -53.42 2.14 -87.93
N ARG B 8 -53.34 3.43 -87.61
CA ARG B 8 -53.82 3.93 -86.32
C ARG B 8 -54.35 5.36 -86.40
N GLY B 9 -55.54 5.52 -86.98
CA GLY B 9 -56.22 6.81 -87.09
C GLY B 9 -55.43 7.85 -87.87
N VAL B 10 -54.42 8.42 -87.22
CA VAL B 10 -53.51 9.41 -87.80
C VAL B 10 -54.25 10.47 -88.60
N SER B 11 -55.08 11.23 -87.90
CA SER B 11 -55.77 12.38 -88.46
C SER B 11 -54.83 13.59 -88.54
N SER B 12 -53.78 13.60 -87.72
CA SER B 12 -52.87 14.74 -87.62
C SER B 12 -51.42 14.31 -87.40
N CYS B 13 -50.51 15.27 -87.60
CA CYS B 13 -49.09 15.08 -87.33
C CYS B 13 -48.80 14.76 -85.87
N GLN B 14 -49.61 15.32 -84.97
CA GLN B 14 -49.43 15.14 -83.53
C GLN B 14 -49.75 13.71 -83.08
N GLN B 15 -50.80 13.12 -83.67
CA GLN B 15 -51.18 11.74 -83.37
C GLN B 15 -50.17 10.76 -83.95
N CYS B 16 -49.54 11.17 -85.05
CA CYS B 16 -48.49 10.39 -85.70
C CYS B 16 -47.29 10.19 -84.79
N LEU B 17 -46.82 11.28 -84.18
CA LEU B 17 -45.71 11.21 -83.22
C LEU B 17 -46.11 10.42 -81.98
N ALA B 18 -47.37 10.56 -81.56
CA ALA B 18 -47.89 9.89 -80.36
C ALA B 18 -47.93 8.36 -80.49
N VAL B 19 -48.04 7.86 -81.72
CA VAL B 19 -48.14 6.41 -81.94
C VAL B 19 -46.88 5.69 -81.51
N SER B 20 -45.74 6.07 -82.09
CA SER B 20 -44.48 5.40 -81.83
C SER B 20 -43.29 6.27 -82.28
N PRO B 21 -42.13 6.15 -81.61
CA PRO B 21 -40.93 6.89 -82.00
C PRO B 21 -40.39 6.66 -83.42
N MET B 22 -40.81 5.58 -84.08
CA MET B 22 -40.32 5.30 -85.43
C MET B 22 -41.17 5.97 -86.54
N CYS B 23 -42.26 6.63 -86.15
CA CYS B 23 -43.19 7.24 -87.11
C CYS B 23 -42.71 8.59 -87.61
N ALA B 24 -43.01 8.89 -88.87
CA ALA B 24 -42.70 10.17 -89.48
C ALA B 24 -43.91 10.68 -90.27
N TRP B 25 -44.05 12.00 -90.36
CA TRP B 25 -45.17 12.62 -91.05
C TRP B 25 -44.69 13.35 -92.30
N CYS B 26 -45.41 13.15 -93.40
CA CYS B 26 -45.13 13.82 -94.66
C CYS B 26 -46.04 15.04 -94.79
N SER B 27 -45.44 16.23 -94.85
CA SER B 27 -46.20 17.47 -94.95
C SER B 27 -46.40 17.92 -96.40
N ASP B 28 -45.71 17.26 -97.34
CA ASP B 28 -45.69 17.67 -98.74
C ASP B 28 -47.09 17.65 -99.36
N GLU B 29 -47.51 18.81 -99.87
CA GLU B 29 -48.82 18.96 -100.51
C GLU B 29 -48.84 18.34 -101.91
N ALA B 30 -47.65 18.14 -102.50
CA ALA B 30 -47.51 17.48 -103.79
C ALA B 30 -47.73 15.97 -103.73
N LEU B 31 -47.66 15.40 -102.52
CA LEU B 31 -47.92 13.96 -102.32
C LEU B 31 -49.37 13.65 -102.71
N PRO B 32 -49.60 12.51 -103.40
CA PRO B 32 -50.96 12.15 -103.79
C PRO B 32 -51.81 11.69 -102.60
N LEU B 33 -53.13 11.74 -102.76
CA LEU B 33 -54.05 11.36 -101.68
C LEU B 33 -53.99 9.87 -101.33
N GLY B 34 -53.58 9.05 -102.30
CA GLY B 34 -53.43 7.61 -102.08
C GLY B 34 -52.38 7.27 -101.03
N SER B 35 -51.23 7.92 -101.11
CA SER B 35 -50.12 7.65 -100.17
C SER B 35 -50.45 8.18 -98.77
N PRO B 36 -50.12 7.38 -97.72
CA PRO B 36 -50.35 7.83 -96.35
C PRO B 36 -49.29 8.84 -95.90
N ARG B 37 -49.70 9.77 -95.04
CA ARG B 37 -48.77 10.77 -94.52
C ARG B 37 -48.04 10.28 -93.27
N CYS B 38 -48.72 9.50 -92.43
CA CYS B 38 -48.12 8.95 -91.22
C CYS B 38 -47.58 7.52 -91.44
N ASP B 39 -46.25 7.41 -91.53
CA ASP B 39 -45.59 6.19 -91.96
C ASP B 39 -44.16 6.13 -91.41
N LEU B 40 -43.43 5.07 -91.72
CA LEU B 40 -41.99 5.01 -91.50
C LEU B 40 -41.29 6.02 -92.42
N LYS B 41 -40.14 6.53 -92.00
CA LYS B 41 -39.42 7.54 -92.80
C LYS B 41 -38.88 6.94 -94.11
N GLU B 42 -38.61 5.64 -94.09
CA GLU B 42 -38.17 4.93 -95.30
C GLU B 42 -39.28 4.88 -96.33
N ASN B 43 -40.49 4.55 -95.88
CA ASN B 43 -41.66 4.43 -96.76
C ASN B 43 -42.08 5.74 -97.40
N LEU B 44 -41.95 6.84 -96.67
CA LEU B 44 -42.28 8.17 -97.19
C LEU B 44 -41.32 8.58 -98.30
N LEU B 45 -40.03 8.58 -97.98
CA LEU B 45 -38.99 8.95 -98.97
C LEU B 45 -39.08 8.11 -100.25
N LYS B 46 -39.46 6.84 -100.11
CA LYS B 46 -39.65 5.96 -101.25
C LYS B 46 -40.88 6.37 -102.09
N ASP B 47 -41.84 7.04 -101.46
CA ASP B 47 -43.06 7.51 -102.14
C ASP B 47 -42.98 8.98 -102.59
N ASN B 48 -41.78 9.42 -102.96
CA ASN B 48 -41.55 10.76 -103.52
C ASN B 48 -41.93 11.93 -102.61
N CYS B 49 -42.01 11.69 -101.30
CA CYS B 49 -42.32 12.77 -100.36
C CYS B 49 -41.07 13.64 -100.22
N ALA B 50 -41.26 14.95 -100.30
CA ALA B 50 -40.16 15.91 -100.23
C ALA B 50 -39.38 15.78 -98.92
N PRO B 51 -38.08 15.47 -99.00
CA PRO B 51 -37.22 15.34 -97.82
C PRO B 51 -37.33 16.48 -96.81
N GLU B 52 -37.55 17.70 -97.28
CA GLU B 52 -37.73 18.86 -96.40
C GLU B 52 -39.06 18.84 -95.67
N SER B 53 -40.07 18.20 -96.27
CA SER B 53 -41.42 18.16 -95.70
C SER B 53 -41.58 17.14 -94.57
N ILE B 54 -40.66 16.19 -94.47
CA ILE B 54 -40.74 15.11 -93.47
C ILE B 54 -40.52 15.63 -92.05
N GLU B 55 -41.47 15.32 -91.16
CA GLU B 55 -41.37 15.68 -89.75
C GLU B 55 -41.01 14.43 -88.95
N PHE B 56 -39.78 14.39 -88.45
CA PHE B 56 -39.26 13.21 -87.76
C PHE B 56 -38.30 13.63 -86.64
N PRO B 57 -38.86 14.05 -85.48
CA PRO B 57 -38.04 14.44 -84.33
C PRO B 57 -37.13 13.32 -83.85
N VAL B 58 -35.90 13.69 -83.48
CA VAL B 58 -34.94 12.76 -82.91
C VAL B 58 -34.66 13.21 -81.49
N SER B 59 -34.77 12.30 -80.52
CA SER B 59 -34.46 12.62 -79.13
C SER B 59 -32.95 12.80 -78.93
N GLU B 60 -32.58 13.74 -78.04
CA GLU B 60 -31.18 14.08 -77.81
C GLU B 60 -30.92 14.55 -76.38
N ALA B 61 -29.64 14.66 -76.04
CA ALA B 61 -29.18 15.21 -74.76
C ALA B 61 -28.10 16.26 -75.05
N ARG B 62 -28.15 17.37 -74.32
CA ARG B 62 -27.14 18.44 -74.45
C ARG B 62 -26.42 18.68 -73.13
N VAL B 63 -25.09 18.61 -73.15
CA VAL B 63 -24.27 18.96 -72.00
C VAL B 63 -24.26 20.48 -71.82
N LEU B 64 -25.04 20.97 -70.87
CA LEU B 64 -25.13 22.41 -70.60
C LEU B 64 -23.98 22.91 -69.72
N GLU B 65 -23.74 22.21 -68.61
CA GLU B 65 -22.62 22.49 -67.70
C GLU B 65 -21.67 21.29 -67.67
N ASP B 66 -20.40 21.52 -67.97
CA ASP B 66 -19.42 20.46 -68.04
C ASP B 66 -18.04 20.93 -67.58
N ARG B 67 -17.91 21.10 -66.26
CA ARG B 67 -16.62 21.38 -65.64
C ARG B 67 -15.89 20.06 -65.42
N PRO B 68 -14.56 20.05 -65.62
CA PRO B 68 -13.82 18.79 -65.47
C PRO B 68 -13.70 18.32 -64.02
N LEU B 69 -13.36 17.05 -63.85
CA LEU B 69 -13.16 16.47 -62.52
C LEU B 69 -11.83 16.98 -61.93
N SER B 70 -11.79 17.15 -60.62
CA SER B 70 -10.69 17.85 -59.95
C SER B 70 -9.43 17.00 -59.71
N ASP B 71 -8.32 17.68 -59.42
CA ASP B 71 -7.02 17.05 -59.16
C ASP B 71 -6.38 17.62 -57.89
N LYS B 72 -5.23 17.06 -57.51
CA LYS B 72 -4.43 17.55 -56.38
C LYS B 72 -2.94 17.35 -56.64
N GLN B 79 -13.07 24.84 -54.89
CA GLN B 79 -14.33 24.49 -55.54
C GLN B 79 -14.61 22.99 -55.42
N VAL B 80 -13.73 22.17 -56.00
CA VAL B 80 -13.84 20.70 -55.96
C VAL B 80 -15.04 20.14 -56.73
N THR B 81 -14.80 19.73 -57.97
CA THR B 81 -15.80 19.07 -58.80
C THR B 81 -15.59 17.56 -58.77
N GLN B 82 -16.65 16.82 -58.45
CA GLN B 82 -16.58 15.34 -58.32
C GLN B 82 -17.55 14.58 -59.22
N VAL B 83 -18.59 15.25 -59.72
CA VAL B 83 -19.47 14.68 -60.73
C VAL B 83 -19.32 15.52 -62.00
N SER B 84 -19.43 14.86 -63.15
CA SER B 84 -19.31 15.52 -64.44
C SER B 84 -19.96 14.67 -65.52
N PRO B 85 -20.88 15.24 -66.31
CA PRO B 85 -21.26 16.66 -66.30
C PRO B 85 -22.18 17.00 -65.12
N GLN B 86 -22.43 18.29 -64.93
CA GLN B 86 -23.27 18.77 -63.83
C GLN B 86 -24.69 19.04 -64.30
N ARG B 87 -24.85 19.51 -65.54
CA ARG B 87 -26.17 19.85 -66.08
C ARG B 87 -26.34 19.35 -67.53
N ILE B 88 -27.29 18.44 -67.72
CA ILE B 88 -27.66 17.91 -69.03
C ILE B 88 -29.08 18.33 -69.38
N ALA B 89 -29.31 18.67 -70.65
CA ALA B 89 -30.67 18.93 -71.14
C ALA B 89 -31.14 17.78 -72.03
N LEU B 90 -32.14 17.02 -71.56
CA LEU B 90 -32.75 15.94 -72.34
C LEU B 90 -33.96 16.44 -73.10
N ARG B 91 -34.11 15.99 -74.35
CA ARG B 91 -35.27 16.31 -75.17
C ARG B 91 -35.83 15.02 -75.76
N LEU B 92 -37.04 14.64 -75.35
CA LEU B 92 -37.62 13.34 -75.69
C LEU B 92 -38.94 13.48 -76.42
N ARG B 93 -39.16 12.64 -77.43
CA ARG B 93 -40.45 12.56 -78.12
C ARG B 93 -41.30 11.48 -77.43
N PRO B 94 -42.61 11.40 -77.74
CA PRO B 94 -43.50 10.47 -77.04
C PRO B 94 -42.99 9.03 -76.96
N ASP B 95 -43.05 8.46 -75.76
CA ASP B 95 -42.62 7.08 -75.48
C ASP B 95 -41.13 6.78 -75.71
N ASP B 96 -40.37 7.77 -76.19
CA ASP B 96 -38.98 7.54 -76.58
C ASP B 96 -38.09 7.60 -75.36
N SER B 97 -36.86 7.10 -75.53
CA SER B 97 -35.84 7.19 -74.51
C SER B 97 -34.58 7.84 -75.06
N LYS B 98 -33.62 8.11 -74.17
CA LYS B 98 -32.32 8.64 -74.56
C LYS B 98 -31.34 8.37 -73.41
N ASN B 99 -30.12 7.96 -73.76
CA ASN B 99 -29.09 7.70 -72.76
C ASN B 99 -28.12 8.87 -72.60
N PHE B 100 -27.33 8.81 -71.53
CA PHE B 100 -26.29 9.81 -71.28
C PHE B 100 -25.28 9.28 -70.27
N SER B 101 -24.06 9.80 -70.34
CA SER B 101 -22.99 9.37 -69.45
C SER B 101 -22.85 10.28 -68.24
N ILE B 102 -22.30 9.73 -67.16
CA ILE B 102 -21.92 10.48 -65.97
C ILE B 102 -20.63 9.86 -65.41
N GLN B 103 -19.74 10.71 -64.92
CA GLN B 103 -18.50 10.27 -64.29
C GLN B 103 -18.44 10.78 -62.85
N VAL B 104 -18.06 9.92 -61.92
CA VAL B 104 -17.94 10.30 -60.52
C VAL B 104 -16.54 9.95 -59.99
N ARG B 105 -15.94 10.88 -59.24
CA ARG B 105 -14.60 10.71 -58.69
C ARG B 105 -14.56 11.08 -57.22
N GLN B 106 -13.75 10.35 -56.45
CA GLN B 106 -13.49 10.66 -55.06
C GLN B 106 -12.34 11.66 -54.99
N VAL B 107 -12.67 12.93 -54.83
CA VAL B 107 -11.66 14.00 -54.74
C VAL B 107 -11.46 14.39 -53.28
N GLU B 108 -12.55 14.75 -52.61
CA GLU B 108 -12.50 15.19 -51.22
C GLU B 108 -11.85 14.13 -50.31
N ASP B 109 -11.14 14.60 -49.29
CA ASP B 109 -10.40 13.74 -48.37
C ASP B 109 -11.34 13.04 -47.40
N TYR B 110 -10.93 11.87 -46.91
CA TYR B 110 -11.77 11.08 -46.01
C TYR B 110 -11.79 11.64 -44.58
N PRO B 111 -12.94 11.56 -43.90
CA PRO B 111 -13.08 12.05 -42.53
C PRO B 111 -12.40 11.16 -41.47
N VAL B 112 -11.48 11.74 -40.71
CA VAL B 112 -10.77 11.02 -39.64
C VAL B 112 -10.84 11.80 -38.33
N ASP B 113 -11.19 11.10 -37.26
CA ASP B 113 -11.18 11.65 -35.90
C ASP B 113 -9.97 11.09 -35.16
N ILE B 114 -9.14 11.97 -34.61
CA ILE B 114 -8.07 11.58 -33.70
C ILE B 114 -8.30 12.18 -32.31
N TYR B 115 -8.43 11.32 -31.29
CA TYR B 115 -8.48 11.79 -29.90
C TYR B 115 -7.23 11.33 -29.18
N TYR B 116 -6.59 12.27 -28.49
CA TYR B 116 -5.24 12.10 -27.97
C TYR B 116 -5.27 12.09 -26.44
N LEU B 117 -4.83 10.98 -25.83
CA LEU B 117 -4.78 10.87 -24.37
C LEU B 117 -3.35 11.10 -23.87
N MET B 118 -3.21 12.13 -23.02
CA MET B 118 -1.89 12.50 -22.47
C MET B 118 -1.72 12.01 -21.01
N ASP B 119 -0.78 11.09 -20.81
CA ASP B 119 -0.28 10.78 -19.49
C ASP B 119 0.42 12.03 -18.95
N LEU B 120 -0.17 12.69 -17.96
CA LEU B 120 0.42 13.87 -17.35
C LEU B 120 0.87 13.60 -15.93
N SER B 121 1.28 12.36 -15.66
CA SER B 121 1.88 12.01 -14.37
C SER B 121 3.32 12.53 -14.32
N TYR B 122 3.92 12.48 -13.13
CA TYR B 122 5.22 13.10 -12.90
C TYR B 122 6.34 12.44 -13.69
N SER B 123 6.25 11.12 -13.87
CA SER B 123 7.24 10.38 -14.67
C SER B 123 7.34 10.92 -16.09
N MET B 124 6.29 11.59 -16.56
CA MET B 124 6.25 12.13 -17.91
C MET B 124 6.84 13.53 -18.01
N LYS B 125 7.47 14.01 -16.94
CA LYS B 125 8.07 15.35 -16.96
C LYS B 125 9.11 15.46 -18.07
N ASP B 126 10.05 14.51 -18.09
CA ASP B 126 11.09 14.46 -19.11
C ASP B 126 10.55 14.07 -20.49
N ASP B 127 9.38 13.44 -20.53
CA ASP B 127 8.70 13.09 -21.78
C ASP B 127 7.71 14.14 -22.25
N LEU B 128 7.52 15.21 -21.47
CA LEU B 128 6.43 16.17 -21.75
C LEU B 128 6.58 16.81 -23.12
N TRP B 129 7.79 17.28 -23.42
CA TRP B 129 8.09 17.82 -24.75
C TRP B 129 7.78 16.79 -25.84
N SER B 130 8.10 15.52 -25.60
CA SER B 130 7.89 14.48 -26.60
C SER B 130 6.42 14.31 -26.97
N ILE B 131 5.53 14.42 -25.98
CA ILE B 131 4.11 14.22 -26.21
C ILE B 131 3.41 15.48 -26.74
N GLN B 132 3.97 16.64 -26.43
CA GLN B 132 3.49 17.89 -27.02
C GLN B 132 3.87 17.90 -28.51
N ASN B 133 5.10 17.46 -28.79
CA ASN B 133 5.60 17.36 -30.16
C ASN B 133 4.79 16.36 -30.97
N LEU B 134 4.51 15.19 -30.40
CA LEU B 134 3.73 14.18 -31.11
C LEU B 134 2.32 14.69 -31.38
N GLY B 135 1.71 15.31 -30.37
CA GLY B 135 0.37 15.87 -30.50
C GLY B 135 0.29 16.87 -31.64
N THR B 136 1.15 17.88 -31.60
CA THR B 136 1.14 18.95 -32.61
C THR B 136 1.53 18.47 -34.00
N LYS B 137 2.33 17.41 -34.06
CA LYS B 137 2.69 16.77 -35.34
C LYS B 137 1.55 15.95 -35.91
N LEU B 138 0.82 15.23 -35.04
CA LEU B 138 -0.41 14.57 -35.47
C LEU B 138 -1.36 15.58 -36.11
N ALA B 139 -1.62 16.67 -35.39
CA ALA B 139 -2.50 17.73 -35.88
C ALA B 139 -2.04 18.21 -37.25
N THR B 140 -0.82 18.75 -37.31
CA THR B 140 -0.29 19.43 -38.50
C THR B 140 -0.15 18.52 -39.72
N GLN B 141 0.43 17.34 -39.52
CA GLN B 141 0.79 16.47 -40.63
C GLN B 141 -0.41 15.70 -41.18
N MET B 142 -1.34 15.31 -40.30
CA MET B 142 -2.55 14.60 -40.75
CA MET B 142 -2.56 14.61 -40.74
C MET B 142 -3.55 15.59 -41.34
N ARG B 143 -3.37 16.88 -41.05
CA ARG B 143 -4.17 17.92 -41.70
C ARG B 143 -3.73 18.04 -43.16
N LYS B 144 -2.42 17.97 -43.40
CA LYS B 144 -1.88 17.89 -44.76
C LYS B 144 -2.32 16.62 -45.49
N LEU B 145 -2.57 15.55 -44.75
CA LEU B 145 -3.03 14.29 -45.31
C LEU B 145 -4.52 14.29 -45.64
N THR B 146 -5.32 14.96 -44.80
CA THR B 146 -6.77 15.05 -45.01
C THR B 146 -7.34 16.36 -44.45
N SER B 147 -8.00 17.13 -45.31
CA SER B 147 -8.67 18.37 -44.89
C SER B 147 -9.84 18.10 -43.94
N ASN B 148 -10.39 16.89 -43.98
CA ASN B 148 -11.52 16.50 -43.13
C ASN B 148 -11.11 15.86 -41.80
N LEU B 149 -9.95 16.27 -41.27
CA LEU B 149 -9.51 15.85 -39.94
C LEU B 149 -10.29 16.60 -38.87
N ARG B 150 -10.65 15.88 -37.80
CA ARG B 150 -11.00 16.50 -36.54
C ARG B 150 -10.13 15.89 -35.46
N ILE B 151 -9.71 16.72 -34.52
CA ILE B 151 -8.76 16.31 -33.50
C ILE B 151 -9.12 16.94 -32.16
N GLY B 152 -8.93 16.19 -31.08
CA GLY B 152 -9.18 16.66 -29.72
C GLY B 152 -8.30 15.89 -28.75
N PHE B 153 -8.38 16.21 -27.46
CA PHE B 153 -7.53 15.52 -26.48
C PHE B 153 -7.99 15.58 -25.03
N GLY B 154 -7.41 14.67 -24.24
CA GLY B 154 -7.62 14.62 -22.80
C GLY B 154 -6.35 14.19 -22.09
N ALA B 155 -6.38 14.25 -20.77
CA ALA B 155 -5.23 13.89 -19.94
C ALA B 155 -5.68 12.96 -18.83
N PHE B 156 -4.74 12.18 -18.31
CA PHE B 156 -5.02 11.31 -17.18
C PHE B 156 -3.81 11.24 -16.26
N VAL B 157 -4.06 10.89 -14.99
CA VAL B 157 -2.99 10.49 -14.09
C VAL B 157 -3.38 9.15 -13.49
N ASP B 158 -4.20 9.15 -12.45
CA ASP B 158 -4.61 7.92 -11.79
C ASP B 158 -5.78 8.24 -10.87
N LYS B 159 -6.31 7.23 -10.19
CA LYS B 159 -7.45 7.46 -9.31
C LYS B 159 -6.98 8.31 -8.13
N PRO B 160 -7.56 9.51 -7.96
CA PRO B 160 -7.13 10.39 -6.88
C PRO B 160 -7.63 9.90 -5.52
N VAL B 161 -6.97 8.86 -5.01
CA VAL B 161 -7.32 8.24 -3.75
C VAL B 161 -6.09 7.56 -3.16
N SER B 162 -5.96 7.56 -1.84
CA SER B 162 -4.88 6.85 -1.17
C SER B 162 -5.03 5.35 -1.46
N PRO B 163 -3.90 4.65 -1.70
CA PRO B 163 -2.50 5.08 -1.66
C PRO B 163 -1.93 5.69 -2.95
N TYR B 164 -2.70 5.77 -4.03
CA TYR B 164 -2.16 6.33 -5.28
C TYR B 164 -1.84 7.81 -5.08
N MET B 165 -2.74 8.52 -4.40
CA MET B 165 -2.62 9.96 -4.20
C MET B 165 -1.91 10.28 -2.89
N TYR B 166 -1.06 11.31 -2.90
CA TYR B 166 -0.47 11.82 -1.66
C TYR B 166 -1.55 12.62 -0.94
N ILE B 167 -1.86 12.23 0.28
CA ILE B 167 -2.96 12.84 1.03
C ILE B 167 -2.47 13.58 2.27
N SER B 168 -1.16 13.84 2.32
CA SER B 168 -0.57 14.61 3.42
C SER B 168 0.77 15.21 3.00
N PRO B 169 1.16 16.33 3.61
CA PRO B 169 0.35 17.18 4.49
C PRO B 169 -0.74 17.84 3.67
N PRO B 170 -1.66 18.56 4.32
CA PRO B 170 -2.83 19.12 3.61
C PRO B 170 -2.44 19.88 2.34
N GLU B 171 -1.32 20.59 2.42
CA GLU B 171 -0.77 21.36 1.31
C GLU B 171 -0.51 20.52 0.06
N ALA B 172 -0.20 19.25 0.26
CA ALA B 172 0.13 18.35 -0.84
C ALA B 172 -1.03 18.04 -1.79
N LEU B 173 -2.28 18.28 -1.36
CA LEU B 173 -3.43 17.98 -2.21
C LEU B 173 -3.51 18.95 -3.39
N GLU B 174 -3.26 20.23 -3.14
CA GLU B 174 -3.20 21.22 -4.21
C GLU B 174 -1.87 21.22 -4.95
N ASN B 175 -0.81 20.79 -4.27
CA ASN B 175 0.53 20.69 -4.86
C ASN B 175 1.23 19.38 -4.44
N PRO B 176 0.97 18.29 -5.17
CA PRO B 176 1.64 17.02 -4.90
C PRO B 176 3.17 17.05 -4.93
N CYS B 177 3.77 18.14 -5.42
CA CYS B 177 5.24 18.29 -5.43
C CYS B 177 5.76 19.07 -4.21
N TYR B 178 4.89 19.29 -3.23
CA TYR B 178 5.20 20.08 -2.04
C TYR B 178 6.48 19.64 -1.32
N ASP B 179 6.64 18.35 -1.10
CA ASP B 179 7.81 17.81 -0.38
C ASP B 179 9.14 17.88 -1.17
N MET B 180 9.06 18.23 -2.45
CA MET B 180 10.26 18.45 -3.26
C MET B 180 10.57 19.94 -3.38
N LYS B 181 9.86 20.76 -2.61
CA LYS B 181 10.00 22.23 -2.64
C LYS B 181 9.77 22.83 -4.03
N THR B 182 8.89 22.20 -4.82
CA THR B 182 8.50 22.72 -6.13
C THR B 182 6.98 22.65 -6.28
N THR B 183 6.46 23.07 -7.44
CA THR B 183 5.03 23.01 -7.70
C THR B 183 4.70 22.12 -8.88
N CYS B 184 3.54 21.46 -8.79
CA CYS B 184 2.94 20.78 -9.92
C CYS B 184 1.44 20.69 -9.68
N LEU B 185 0.68 20.36 -10.73
CA LEU B 185 -0.77 20.44 -10.66
C LEU B 185 -1.34 19.37 -9.74
N PRO B 186 -2.56 19.61 -9.21
CA PRO B 186 -3.32 18.61 -8.48
C PRO B 186 -3.56 17.34 -9.29
N MET B 187 -3.62 16.21 -8.61
CA MET B 187 -3.88 14.93 -9.25
C MET B 187 -5.33 14.85 -9.74
N PHE B 188 -5.57 14.03 -10.76
CA PHE B 188 -6.93 13.78 -11.26
C PHE B 188 -6.98 12.45 -12.02
N GLY B 189 -8.18 11.89 -12.18
CA GLY B 189 -8.35 10.61 -12.86
C GLY B 189 -8.26 10.75 -14.36
N TYR B 190 -9.28 11.35 -14.95
CA TYR B 190 -9.33 11.64 -16.38
C TYR B 190 -10.02 12.98 -16.60
N LYS B 191 -9.32 13.89 -17.28
CA LYS B 191 -9.88 15.19 -17.72
C LYS B 191 -10.05 15.14 -19.22
N HIS B 192 -11.28 15.40 -19.68
CA HIS B 192 -11.50 15.71 -21.08
C HIS B 192 -11.25 17.20 -21.24
N VAL B 193 -10.34 17.57 -22.14
CA VAL B 193 -9.87 18.96 -22.24
C VAL B 193 -10.40 19.64 -23.50
N LEU B 194 -10.32 18.96 -24.64
CA LEU B 194 -10.71 19.55 -25.91
C LEU B 194 -11.48 18.56 -26.78
N THR B 195 -12.74 18.88 -27.06
CA THR B 195 -13.59 18.09 -27.97
C THR B 195 -13.03 18.08 -29.40
N LEU B 196 -13.26 16.97 -30.10
CA LEU B 196 -12.82 16.83 -31.49
C LEU B 196 -13.23 18.08 -32.28
N THR B 197 -12.22 18.75 -32.84
CA THR B 197 -12.41 20.01 -33.56
C THR B 197 -11.52 20.05 -34.80
N ASP B 198 -11.92 20.83 -35.79
CA ASP B 198 -11.10 21.06 -36.98
C ASP B 198 -10.19 22.29 -36.84
N GLN B 199 -10.11 22.86 -35.63
CA GLN B 199 -9.27 24.03 -35.35
C GLN B 199 -7.90 23.59 -34.85
N VAL B 200 -7.03 23.23 -35.79
CA VAL B 200 -5.71 22.68 -35.48
C VAL B 200 -4.82 23.66 -34.69
N THR B 201 -4.83 24.93 -35.08
CA THR B 201 -4.00 25.93 -34.42
C THR B 201 -4.33 26.07 -32.93
N ARG B 202 -5.61 25.97 -32.59
CA ARG B 202 -6.08 26.02 -31.20
C ARG B 202 -5.70 24.76 -30.44
N PHE B 203 -5.90 23.61 -31.06
CA PHE B 203 -5.51 22.32 -30.47
C PHE B 203 -4.03 22.31 -30.08
N ASN B 204 -3.18 22.85 -30.94
CA ASN B 204 -1.72 22.88 -30.69
C ASN B 204 -1.34 23.79 -29.53
N GLU B 205 -2.05 24.90 -29.39
CA GLU B 205 -1.84 25.84 -28.29
C GLU B 205 -2.16 25.21 -26.94
N GLU B 206 -3.30 24.51 -26.86
CA GLU B 206 -3.73 23.85 -25.63
C GLU B 206 -2.78 22.74 -25.21
N VAL B 207 -2.34 21.95 -26.19
CA VAL B 207 -1.39 20.87 -25.93
C VAL B 207 -0.09 21.43 -25.33
N LYS B 208 0.36 22.58 -25.84
CA LYS B 208 1.59 23.19 -25.33
C LYS B 208 1.44 23.80 -23.94
N LYS B 209 0.21 24.13 -23.53
CA LYS B 209 -0.06 24.67 -22.19
C LYS B 209 0.01 23.60 -21.09
N GLN B 210 -0.10 22.33 -21.46
CA GLN B 210 -0.19 21.24 -20.49
C GLN B 210 1.10 21.11 -19.69
N SER B 211 0.95 20.77 -18.41
CA SER B 211 2.07 20.45 -17.53
C SER B 211 1.72 19.24 -16.68
N VAL B 212 2.73 18.67 -16.02
CA VAL B 212 2.57 17.42 -15.28
C VAL B 212 1.97 17.63 -13.88
N SER B 213 1.47 16.52 -13.33
CA SER B 213 1.03 16.43 -11.95
C SER B 213 1.94 15.40 -11.26
N ARG B 214 1.46 14.75 -10.21
CA ARG B 214 2.25 13.72 -9.53
C ARG B 214 1.38 12.80 -8.70
N ASN B 215 1.69 11.50 -8.73
CA ASN B 215 1.11 10.51 -7.83
C ASN B 215 2.19 9.56 -7.33
N ARG B 216 1.80 8.50 -6.61
CA ARG B 216 2.76 7.70 -5.86
C ARG B 216 3.25 6.47 -6.60
N ASP B 217 2.35 5.74 -7.26
CA ASP B 217 2.73 4.44 -7.82
C ASP B 217 2.88 4.46 -9.35
N ALA B 218 3.86 3.68 -9.83
CA ALA B 218 4.28 3.69 -11.23
C ALA B 218 3.15 3.42 -12.21
N PRO B 219 2.34 2.38 -11.94
CA PRO B 219 1.25 2.11 -12.87
C PRO B 219 0.22 3.22 -12.79
N GLU B 220 -0.28 3.66 -13.94
CA GLU B 220 -1.21 4.78 -14.00
C GLU B 220 -2.60 4.33 -14.45
N GLY B 221 -3.56 5.26 -14.39
CA GLY B 221 -4.96 4.96 -14.65
C GLY B 221 -5.44 5.24 -16.07
N GLY B 222 -4.56 5.08 -17.05
CA GLY B 222 -4.87 5.38 -18.44
C GLY B 222 -6.03 4.59 -19.03
N PHE B 223 -6.27 3.40 -18.52
CA PHE B 223 -7.35 2.54 -19.03
C PHE B 223 -8.74 3.08 -18.67
N ASP B 224 -8.86 3.77 -17.53
CA ASP B 224 -10.09 4.52 -17.23
C ASP B 224 -10.35 5.55 -18.35
N ALA B 225 -9.30 6.25 -18.75
CA ALA B 225 -9.37 7.25 -19.82
C ALA B 225 -9.74 6.63 -21.17
N ILE B 226 -9.14 5.49 -21.51
CA ILE B 226 -9.46 4.80 -22.75
C ILE B 226 -10.94 4.43 -22.79
N MET B 227 -11.45 3.92 -21.67
CA MET B 227 -12.84 3.48 -21.57
C MET B 227 -13.80 4.65 -21.74
N GLN B 228 -13.56 5.73 -21.01
CA GLN B 228 -14.42 6.91 -21.06
C GLN B 228 -14.29 7.64 -22.39
N ALA B 229 -13.08 7.66 -22.94
CA ALA B 229 -12.87 8.22 -24.28
C ALA B 229 -13.62 7.42 -25.35
N THR B 230 -13.80 6.13 -25.11
CA THR B 230 -14.53 5.27 -26.03
C THR B 230 -16.05 5.44 -25.91
N VAL B 231 -16.55 5.47 -24.68
CA VAL B 231 -17.99 5.35 -24.45
C VAL B 231 -18.73 6.66 -24.20
N CYS B 232 -18.01 7.78 -24.17
CA CYS B 232 -18.64 9.08 -24.03
C CYS B 232 -18.72 9.75 -25.39
N ASP B 233 -19.73 9.36 -26.18
CA ASP B 233 -19.85 9.78 -27.58
C ASP B 233 -19.98 11.29 -27.73
N GLU B 234 -20.95 11.87 -27.03
CA GLU B 234 -21.27 13.28 -27.18
C GLU B 234 -20.17 14.18 -26.62
N LYS B 235 -19.52 13.75 -25.54
CA LYS B 235 -18.45 14.55 -24.91
C LYS B 235 -17.21 14.65 -25.81
N ILE B 236 -16.74 13.51 -26.32
CA ILE B 236 -15.54 13.49 -27.16
C ILE B 236 -15.90 13.96 -28.55
N GLY B 237 -17.04 13.48 -29.06
CA GLY B 237 -17.61 13.99 -30.31
C GLY B 237 -17.19 13.23 -31.55
N TRP B 238 -17.23 11.91 -31.48
CA TRP B 238 -16.94 11.08 -32.66
C TRP B 238 -18.06 11.22 -33.67
N ARG B 239 -17.70 11.33 -34.94
CA ARG B 239 -18.69 11.40 -36.02
C ARG B 239 -19.04 9.99 -36.50
N ASN B 240 -20.27 9.79 -36.95
CA ASN B 240 -20.75 8.48 -37.39
C ASN B 240 -19.98 7.94 -38.59
N ASP B 241 -20.07 8.62 -39.72
CA ASP B 241 -19.34 8.22 -40.93
C ASP B 241 -17.94 8.85 -40.90
N ALA B 242 -17.07 8.29 -40.07
CA ALA B 242 -15.71 8.82 -39.91
C ALA B 242 -14.80 7.82 -39.19
N SER B 243 -13.57 7.71 -39.67
CA SER B 243 -12.59 6.79 -39.10
C SER B 243 -12.17 7.30 -37.70
N HIS B 244 -12.25 6.43 -36.69
CA HIS B 244 -11.96 6.81 -35.30
C HIS B 244 -10.63 6.25 -34.85
N LEU B 245 -9.75 7.13 -34.38
CA LEU B 245 -8.42 6.74 -33.88
C LEU B 245 -8.20 7.31 -32.48
N LEU B 246 -7.87 6.44 -31.54
CA LEU B 246 -7.61 6.85 -30.16
C LEU B 246 -6.14 6.61 -29.83
N VAL B 247 -5.37 7.71 -29.80
CA VAL B 247 -3.93 7.63 -29.54
C VAL B 247 -3.65 7.83 -28.05
N PHE B 248 -2.96 6.86 -27.45
CA PHE B 248 -2.76 6.79 -26.00
C PHE B 248 -1.27 6.82 -25.67
N THR B 249 -0.86 7.83 -24.90
CA THR B 249 0.57 8.00 -24.54
C THR B 249 0.86 7.68 -23.08
N THR B 250 2.06 7.16 -22.82
CA THR B 250 2.53 6.88 -21.45
C THR B 250 3.97 6.37 -21.47
N ASP B 251 4.63 6.50 -20.32
CA ASP B 251 5.98 5.98 -20.17
C ASP B 251 6.07 4.87 -19.13
N ALA B 252 4.93 4.32 -18.75
CA ALA B 252 4.88 3.35 -17.63
C ALA B 252 3.77 2.30 -17.75
N LYS B 253 3.80 1.36 -16.82
CA LYS B 253 2.75 0.34 -16.68
C LYS B 253 1.38 0.98 -16.52
N THR B 254 0.35 0.19 -16.71
CA THR B 254 -1.02 0.65 -16.51
C THR B 254 -1.77 -0.23 -15.50
N HIS B 255 -2.63 0.39 -14.70
CA HIS B 255 -3.51 -0.36 -13.81
C HIS B 255 -4.55 -1.14 -14.61
N ILE B 256 -4.97 -2.28 -14.06
CA ILE B 256 -5.91 -3.16 -14.73
C ILE B 256 -6.98 -3.63 -13.72
N ALA B 257 -8.08 -4.18 -14.21
CA ALA B 257 -9.18 -4.64 -13.36
C ALA B 257 -8.67 -5.49 -12.20
N LEU B 258 -9.26 -5.27 -11.01
CA LEU B 258 -8.89 -5.90 -9.74
C LEU B 258 -7.70 -5.23 -9.01
N ASP B 259 -7.02 -4.27 -9.64
CA ASP B 259 -6.03 -3.46 -8.95
C ASP B 259 -6.70 -2.54 -7.93
N GLY B 260 -7.93 -2.12 -8.24
CA GLY B 260 -8.67 -1.14 -7.43
C GLY B 260 -8.87 -1.49 -5.97
N ARG B 261 -8.84 -2.78 -5.66
CA ARG B 261 -8.99 -3.26 -4.29
C ARG B 261 -7.95 -2.68 -3.33
N LEU B 262 -6.78 -2.28 -3.86
CA LEU B 262 -5.77 -1.64 -3.03
C LEU B 262 -6.18 -0.25 -2.57
N ALA B 263 -7.14 0.36 -3.26
CA ALA B 263 -7.71 1.64 -2.85
C ALA B 263 -9.08 1.45 -2.23
N GLY B 264 -9.45 0.19 -1.96
CA GLY B 264 -10.74 -0.14 -1.35
C GLY B 264 -11.88 -0.21 -2.35
N ILE B 265 -11.55 -0.18 -3.64
CA ILE B 265 -12.56 -0.14 -4.71
C ILE B 265 -12.78 -1.54 -5.28
N VAL B 266 -13.98 -2.08 -5.07
CA VAL B 266 -14.30 -3.43 -5.53
C VAL B 266 -15.37 -3.49 -6.65
N GLN B 267 -16.17 -2.43 -6.79
CA GLN B 267 -17.21 -2.38 -7.83
C GLN B 267 -16.65 -2.53 -9.25
N PRO B 268 -17.09 -3.55 -10.00
CA PRO B 268 -16.55 -3.71 -11.35
C PRO B 268 -16.92 -2.55 -12.27
N ASN B 269 -16.10 -2.33 -13.29
CA ASN B 269 -16.33 -1.23 -14.24
C ASN B 269 -17.57 -1.53 -15.09
N ASP B 270 -18.53 -0.59 -15.09
CA ASP B 270 -19.82 -0.80 -15.76
C ASP B 270 -19.82 -0.53 -17.26
N GLY B 271 -18.70 -0.03 -17.78
CA GLY B 271 -18.59 0.29 -19.20
C GLY B 271 -19.49 1.41 -19.70
N GLN B 272 -19.96 2.27 -18.80
N GLN B 272 -19.96 2.25 -18.79
CA GLN B 272 -20.83 3.38 -19.17
CA GLN B 272 -20.83 3.39 -19.13
C GLN B 272 -20.08 4.70 -18.99
C GLN B 272 -20.06 4.70 -19.02
N CYS B 273 -20.61 5.75 -19.62
CA CYS B 273 -20.03 7.07 -19.56
C CYS B 273 -20.33 7.74 -18.22
N HIS B 274 -19.31 8.31 -17.59
CA HIS B 274 -19.46 9.02 -16.33
C HIS B 274 -18.61 10.30 -16.30
N VAL B 275 -18.70 11.11 -17.36
CA VAL B 275 -17.97 12.38 -17.42
C VAL B 275 -18.89 13.57 -17.04
N GLY B 276 -19.72 14.01 -17.98
CA GLY B 276 -20.68 15.08 -17.70
C GLY B 276 -20.10 16.49 -17.68
N SER B 277 -20.66 17.35 -16.83
CA SER B 277 -20.46 18.81 -16.89
C SER B 277 -19.02 19.30 -16.69
N ASP B 278 -18.37 18.90 -15.60
CA ASP B 278 -17.03 19.40 -15.27
C ASP B 278 -15.88 18.73 -16.05
N ASN B 279 -16.21 17.76 -16.92
CA ASN B 279 -15.23 17.05 -17.76
C ASN B 279 -14.24 16.13 -17.02
N HIS B 280 -14.61 15.71 -15.81
CA HIS B 280 -13.81 14.75 -15.08
C HIS B 280 -14.53 13.41 -15.03
N TYR B 281 -13.76 12.33 -14.99
CA TYR B 281 -14.35 11.00 -14.82
C TYR B 281 -14.85 10.86 -13.39
N SER B 282 -16.16 11.04 -13.21
CA SER B 282 -16.75 11.13 -11.88
C SER B 282 -16.73 9.83 -11.09
N ALA B 283 -16.65 8.69 -11.78
CA ALA B 283 -16.57 7.38 -11.12
C ALA B 283 -15.16 6.94 -10.77
N SER B 284 -14.18 7.82 -11.00
CA SER B 284 -12.76 7.50 -10.77
C SER B 284 -12.45 6.84 -9.41
N THR B 285 -13.04 7.35 -8.33
CA THR B 285 -12.72 6.87 -6.99
C THR B 285 -13.70 5.84 -6.43
N THR B 286 -14.77 5.52 -7.18
CA THR B 286 -15.77 4.56 -6.70
C THR B 286 -15.89 3.30 -7.55
N MET B 287 -15.14 3.23 -8.65
CA MET B 287 -15.30 2.15 -9.64
C MET B 287 -13.94 1.64 -10.11
N ASP B 288 -13.84 0.32 -10.31
CA ASP B 288 -12.57 -0.31 -10.62
C ASP B 288 -12.13 0.02 -12.04
N TYR B 289 -10.85 -0.22 -12.31
CA TYR B 289 -10.32 -0.12 -13.66
C TYR B 289 -11.03 -1.13 -14.56
N PRO B 290 -11.12 -0.82 -15.87
CA PRO B 290 -11.77 -1.76 -16.79
C PRO B 290 -10.89 -2.96 -17.12
N SER B 291 -11.51 -4.10 -17.42
CA SER B 291 -10.78 -5.29 -17.84
C SER B 291 -10.47 -5.21 -19.35
N LEU B 292 -9.50 -5.99 -19.81
CA LEU B 292 -9.13 -5.99 -21.23
C LEU B 292 -10.31 -6.37 -22.11
N GLY B 293 -11.06 -7.39 -21.69
CA GLY B 293 -12.25 -7.82 -22.42
C GLY B 293 -13.31 -6.74 -22.56
N LEU B 294 -13.47 -5.92 -21.53
CA LEU B 294 -14.47 -4.85 -21.57
C LEU B 294 -14.03 -3.72 -22.49
N MET B 295 -12.77 -3.32 -22.40
CA MET B 295 -12.23 -2.33 -23.32
C MET B 295 -12.41 -2.82 -24.77
N THR B 296 -12.06 -4.09 -25.00
CA THR B 296 -12.22 -4.71 -26.32
C THR B 296 -13.66 -4.60 -26.81
N GLU B 297 -14.62 -4.91 -25.94
CA GLU B 297 -16.02 -4.88 -26.29
C GLU B 297 -16.47 -3.50 -26.73
N LYS B 298 -16.11 -2.49 -25.96
CA LYS B 298 -16.59 -1.13 -26.21
C LYS B 298 -15.88 -0.46 -27.39
N LEU B 299 -14.58 -0.70 -27.55
CA LEU B 299 -13.84 -0.21 -28.71
C LEU B 299 -14.50 -0.73 -29.99
N SER B 300 -14.76 -2.04 -30.00
CA SER B 300 -15.44 -2.70 -31.11
C SER B 300 -16.84 -2.14 -31.36
N GLN B 301 -17.59 -1.96 -30.27
CA GLN B 301 -18.97 -1.48 -30.35
C GLN B 301 -19.06 -0.06 -30.91
N LYS B 302 -18.13 0.81 -30.50
CA LYS B 302 -18.09 2.20 -30.96
C LYS B 302 -17.17 2.40 -32.17
N ASN B 303 -16.66 1.28 -32.72
CA ASN B 303 -15.80 1.29 -33.91
CA ASN B 303 -15.81 1.29 -33.91
C ASN B 303 -14.63 2.26 -33.78
N ILE B 304 -13.79 2.01 -32.78
CA ILE B 304 -12.63 2.85 -32.48
C ILE B 304 -11.36 2.01 -32.51
N ASN B 305 -10.35 2.49 -33.22
CA ASN B 305 -9.04 1.84 -33.28
C ASN B 305 -8.08 2.41 -32.26
N LEU B 306 -7.63 1.58 -31.34
CA LEU B 306 -6.68 2.00 -30.31
C LEU B 306 -5.24 1.96 -30.84
N ILE B 307 -4.51 3.03 -30.59
CA ILE B 307 -3.07 3.06 -30.86
C ILE B 307 -2.34 3.41 -29.58
N PHE B 308 -1.50 2.48 -29.12
CA PHE B 308 -0.62 2.74 -27.97
C PHE B 308 0.63 3.46 -28.47
N ALA B 309 0.81 4.70 -28.02
CA ALA B 309 2.02 5.47 -28.32
C ALA B 309 2.90 5.54 -27.06
N VAL B 310 3.62 4.47 -26.79
CA VAL B 310 4.33 4.35 -25.52
C VAL B 310 5.85 4.44 -25.70
N THR B 311 6.55 4.86 -24.66
CA THR B 311 8.02 5.00 -24.72
C THR B 311 8.69 3.62 -24.76
N GLU B 312 9.94 3.58 -25.24
CA GLU B 312 10.61 2.31 -25.56
C GLU B 312 10.66 1.31 -24.41
N ASN B 313 10.82 1.80 -23.18
CA ASN B 313 10.90 0.94 -22.00
C ASN B 313 9.65 0.09 -21.73
N VAL B 314 8.51 0.49 -22.29
CA VAL B 314 7.26 -0.26 -22.12
C VAL B 314 6.64 -0.79 -23.43
N VAL B 315 7.33 -0.64 -24.56
CA VAL B 315 6.79 -1.13 -25.84
C VAL B 315 6.39 -2.61 -25.74
N ASN B 316 7.33 -3.44 -25.29
CA ASN B 316 7.05 -4.87 -25.15
C ASN B 316 5.83 -5.17 -24.28
N LEU B 317 5.63 -4.40 -23.23
CA LEU B 317 4.45 -4.55 -22.39
C LEU B 317 3.17 -4.33 -23.21
N TYR B 318 3.13 -3.21 -23.92
CA TYR B 318 1.92 -2.80 -24.63
C TYR B 318 1.69 -3.59 -25.93
N GLN B 319 2.77 -4.07 -26.55
N GLN B 319 2.75 -4.08 -26.55
CA GLN B 319 2.69 -5.00 -27.67
CA GLN B 319 2.60 -4.99 -27.70
C GLN B 319 1.98 -6.28 -27.22
C GLN B 319 1.98 -6.32 -27.24
N ASN B 320 2.26 -6.70 -25.99
CA ASN B 320 1.65 -7.90 -25.42
C ASN B 320 0.19 -7.69 -25.09
N TYR B 321 -0.16 -6.52 -24.55
CA TYR B 321 -1.57 -6.14 -24.37
C TYR B 321 -2.25 -6.00 -25.72
N SER B 322 -1.53 -5.51 -26.72
CA SER B 322 -2.07 -5.30 -28.05
C SER B 322 -2.60 -6.61 -28.64
N GLU B 323 -1.85 -7.68 -28.46
CA GLU B 323 -2.26 -9.01 -28.92
C GLU B 323 -3.53 -9.51 -28.21
N LEU B 324 -3.81 -8.99 -27.03
CA LEU B 324 -5.03 -9.35 -26.29
C LEU B 324 -6.22 -8.45 -26.62
N ILE B 325 -5.99 -7.38 -27.38
CA ILE B 325 -7.05 -6.52 -27.88
C ILE B 325 -6.91 -6.44 -29.40
N PRO B 326 -7.53 -7.38 -30.13
CA PRO B 326 -7.35 -7.46 -31.57
C PRO B 326 -7.63 -6.15 -32.28
N GLY B 327 -6.85 -5.85 -33.31
CA GLY B 327 -7.02 -4.62 -34.09
C GLY B 327 -6.40 -3.40 -33.43
N THR B 328 -5.51 -3.64 -32.47
CA THR B 328 -4.78 -2.59 -31.79
C THR B 328 -3.34 -2.62 -32.24
N THR B 329 -2.71 -1.45 -32.30
CA THR B 329 -1.34 -1.35 -32.75
C THR B 329 -0.52 -0.53 -31.76
N VAL B 330 0.79 -0.74 -31.76
CA VAL B 330 1.69 -0.02 -30.87
C VAL B 330 2.73 0.72 -31.71
N GLY B 331 3.05 1.94 -31.29
CA GLY B 331 4.10 2.75 -31.91
C GLY B 331 4.96 3.35 -30.81
N VAL B 332 6.20 3.72 -31.15
CA VAL B 332 7.12 4.21 -30.12
C VAL B 332 7.03 5.73 -29.98
N LEU B 333 6.66 6.16 -28.78
CA LEU B 333 6.77 7.55 -28.36
C LEU B 333 8.24 7.91 -28.15
N SER B 334 8.66 9.02 -28.75
CA SER B 334 10.02 9.51 -28.57
C SER B 334 10.10 10.99 -28.95
N MET B 335 11.31 11.53 -29.01
CA MET B 335 11.51 12.88 -29.52
C MET B 335 11.12 12.97 -30.99
N ASP B 336 11.27 11.85 -31.70
CA ASP B 336 10.84 11.71 -33.08
C ASP B 336 9.41 11.15 -33.15
N SER B 337 8.58 11.74 -34.01
CA SER B 337 7.17 11.34 -34.15
C SER B 337 6.89 10.44 -35.37
N SER B 338 7.93 10.08 -36.14
CA SER B 338 7.76 9.31 -37.37
C SER B 338 7.05 7.98 -37.16
N ASN B 339 7.44 7.26 -36.10
CA ASN B 339 6.91 5.92 -35.86
C ASN B 339 5.39 5.95 -35.75
N VAL B 340 4.89 6.77 -34.84
CA VAL B 340 3.45 6.85 -34.58
C VAL B 340 2.67 7.42 -35.76
N LEU B 341 3.18 8.47 -36.40
CA LEU B 341 2.51 9.04 -37.58
C LEU B 341 2.28 8.00 -38.68
N GLN B 342 3.25 7.10 -38.89
CA GLN B 342 3.12 6.04 -39.89
C GLN B 342 1.91 5.15 -39.62
N LEU B 343 1.67 4.82 -38.36
CA LEU B 343 0.52 4.00 -38.00
C LEU B 343 -0.77 4.66 -38.46
N ILE B 344 -0.86 5.98 -38.27
CA ILE B 344 -2.04 6.75 -38.68
C ILE B 344 -2.16 6.82 -40.21
N VAL B 345 -1.05 7.15 -40.87
CA VAL B 345 -1.00 7.14 -42.34
C VAL B 345 -1.39 5.78 -42.91
N ASP B 346 -0.84 4.72 -42.33
CA ASP B 346 -1.18 3.34 -42.70
C ASP B 346 -2.67 3.06 -42.48
N ALA B 347 -3.21 3.59 -41.38
CA ALA B 347 -4.65 3.48 -41.11
C ALA B 347 -5.48 4.22 -42.17
N TYR B 348 -4.99 5.39 -42.59
CA TYR B 348 -5.65 6.18 -43.64
C TYR B 348 -5.53 5.51 -45.01
N GLY B 349 -4.39 4.84 -45.23
CA GLY B 349 -4.18 4.09 -46.46
C GLY B 349 -5.19 2.98 -46.72
N LYS B 350 -5.73 2.40 -45.65
CA LYS B 350 -6.68 1.28 -45.76
C LYS B 350 -8.13 1.72 -45.96
N ILE B 351 -8.40 3.02 -45.88
CA ILE B 351 -9.78 3.53 -46.04
C ILE B 351 -10.27 3.41 -47.48
N ARG B 352 -11.48 2.89 -47.65
CA ARG B 352 -12.11 2.72 -48.97
C ARG B 352 -13.54 3.24 -48.97
N SER B 353 -13.97 3.79 -50.10
CA SER B 353 -15.30 4.40 -50.21
C SER B 353 -16.13 3.83 -51.36
N LYS B 354 -17.43 4.11 -51.33
CA LYS B 354 -18.36 3.67 -52.37
C LYS B 354 -18.99 4.86 -53.09
N VAL B 355 -19.51 4.59 -54.29
CA VAL B 355 -20.25 5.57 -55.06
C VAL B 355 -21.61 4.96 -55.41
N GLU B 356 -22.62 5.32 -54.65
CA GLU B 356 -23.98 4.81 -54.83
C GLU B 356 -24.89 5.94 -55.29
N LEU B 357 -25.37 5.85 -56.53
CA LEU B 357 -26.23 6.87 -57.09
C LEU B 357 -27.65 6.76 -56.55
N GLU B 358 -28.26 7.90 -56.26
CA GLU B 358 -29.68 7.96 -55.92
C GLU B 358 -30.33 9.09 -56.72
N VAL B 359 -31.58 8.87 -57.13
CA VAL B 359 -32.32 9.84 -57.94
C VAL B 359 -33.36 10.60 -57.12
N ARG B 360 -33.34 11.92 -57.22
CA ARG B 360 -34.31 12.77 -56.56
C ARG B 360 -35.22 13.45 -57.57
N ASP B 361 -36.50 13.57 -57.22
CA ASP B 361 -37.47 14.33 -58.00
C ASP B 361 -37.73 13.75 -59.39
N LEU B 362 -37.70 12.43 -59.50
CA LEU B 362 -38.01 11.75 -60.77
C LEU B 362 -39.52 11.79 -61.00
N PRO B 363 -39.96 12.34 -62.15
CA PRO B 363 -41.38 12.34 -62.48
C PRO B 363 -42.04 10.96 -62.47
N GLU B 364 -43.37 10.96 -62.41
CA GLU B 364 -44.16 9.73 -62.49
C GLU B 364 -43.98 9.09 -63.87
N GLU B 365 -43.81 9.93 -64.88
CA GLU B 365 -43.75 9.48 -66.27
C GLU B 365 -42.38 8.93 -66.65
N LEU B 366 -41.33 9.43 -66.02
CA LEU B 366 -39.96 9.02 -66.36
C LEU B 366 -39.48 7.83 -65.52
N SER B 367 -38.91 6.84 -66.20
CA SER B 367 -38.24 5.71 -65.55
C SER B 367 -36.78 5.66 -65.98
N LEU B 368 -35.89 5.15 -65.12
CA LEU B 368 -34.46 5.14 -65.39
C LEU B 368 -33.86 3.73 -65.34
N SER B 369 -32.72 3.56 -66.03
CA SER B 369 -31.93 2.32 -65.96
C SER B 369 -30.44 2.63 -66.11
N PHE B 370 -29.61 1.97 -65.30
CA PHE B 370 -28.19 2.32 -65.14
C PHE B 370 -27.25 1.19 -65.55
N ASN B 371 -26.07 1.57 -66.02
CA ASN B 371 -24.95 0.65 -66.26
C ASN B 371 -23.69 1.19 -65.58
N ALA B 372 -23.09 0.38 -64.71
CA ALA B 372 -21.93 0.84 -63.93
C ALA B 372 -20.62 0.29 -64.49
N THR B 373 -19.68 1.20 -64.76
CA THR B 373 -18.31 0.83 -65.13
C THR B 373 -17.36 1.21 -64.00
N CYS B 374 -17.02 0.23 -63.15
CA CYS B 374 -16.22 0.47 -61.96
C CYS B 374 -14.71 0.25 -62.23
N LEU B 375 -13.95 -0.06 -61.18
CA LEU B 375 -12.50 -0.18 -61.27
C LEU B 375 -12.06 -1.41 -62.08
N ASN B 376 -12.93 -2.42 -62.14
CA ASN B 376 -12.68 -3.61 -62.96
C ASN B 376 -12.85 -3.37 -64.47
N ASN B 377 -13.38 -2.19 -64.83
CA ASN B 377 -13.62 -1.81 -66.22
C ASN B 377 -14.51 -2.82 -66.94
N GLU B 378 -15.61 -3.17 -66.28
CA GLU B 378 -16.62 -4.05 -66.86
C GLU B 378 -17.99 -3.48 -66.61
N VAL B 379 -18.74 -3.27 -67.70
CA VAL B 379 -20.07 -2.69 -67.62
C VAL B 379 -21.03 -3.70 -66.97
N ILE B 380 -21.18 -3.60 -65.66
CA ILE B 380 -22.15 -4.39 -64.93
C ILE B 380 -23.50 -3.71 -65.13
N PRO B 381 -24.40 -4.34 -65.90
CA PRO B 381 -25.63 -3.66 -66.27
C PRO B 381 -26.65 -3.66 -65.14
N GLY B 382 -27.51 -2.66 -65.11
CA GLY B 382 -28.52 -2.54 -64.07
C GLY B 382 -27.95 -2.28 -62.68
N LEU B 383 -26.74 -1.73 -62.62
CA LEU B 383 -26.09 -1.44 -61.33
C LEU B 383 -25.78 0.05 -61.26
N LYS B 384 -26.07 0.65 -60.10
CA LYS B 384 -25.87 2.08 -59.92
C LYS B 384 -24.98 2.37 -58.70
N SER B 385 -24.02 1.46 -58.44
CA SER B 385 -23.06 1.67 -57.35
C SER B 385 -21.76 0.89 -57.52
N CYS B 386 -20.63 1.56 -57.24
CA CYS B 386 -19.30 0.92 -57.21
C CYS B 386 -18.71 1.04 -55.81
N MET B 387 -17.96 0.02 -55.40
CA MET B 387 -17.33 -0.06 -54.07
CA MET B 387 -17.33 0.02 -54.08
C MET B 387 -15.81 -0.12 -54.20
N GLY B 388 -15.11 0.14 -53.09
CA GLY B 388 -13.65 -0.01 -53.03
C GLY B 388 -12.81 1.08 -53.66
N LEU B 389 -13.28 2.33 -53.59
CA LEU B 389 -12.54 3.46 -54.16
C LEU B 389 -11.59 4.07 -53.14
N LYS B 390 -10.46 4.58 -53.63
CA LYS B 390 -9.54 5.42 -52.86
C LYS B 390 -9.65 6.84 -53.39
N ILE B 391 -9.04 7.80 -52.69
CA ILE B 391 -8.97 9.19 -53.18
C ILE B 391 -8.28 9.20 -54.55
N GLY B 392 -8.95 9.76 -55.55
CA GLY B 392 -8.41 9.83 -56.91
C GLY B 392 -9.09 8.92 -57.91
N ASP B 393 -9.60 7.78 -57.44
CA ASP B 393 -10.28 6.81 -58.30
C ASP B 393 -11.56 7.39 -58.92
N THR B 394 -11.83 7.00 -60.16
CA THR B 394 -13.01 7.47 -60.91
C THR B 394 -13.83 6.31 -61.46
N VAL B 395 -15.13 6.34 -61.21
CA VAL B 395 -16.08 5.38 -61.79
C VAL B 395 -17.02 6.12 -62.73
N SER B 396 -17.72 5.35 -63.56
CA SER B 396 -18.53 5.90 -64.64
C SER B 396 -19.86 5.14 -64.77
N PHE B 397 -20.94 5.88 -65.03
CA PHE B 397 -22.26 5.28 -65.23
C PHE B 397 -22.91 5.75 -66.53
N SER B 398 -23.72 4.87 -67.12
CA SER B 398 -24.54 5.24 -68.28
C SER B 398 -26.01 5.08 -67.89
N ILE B 399 -26.74 6.19 -67.85
CA ILE B 399 -28.16 6.18 -67.49
C ILE B 399 -29.03 6.37 -68.73
N GLU B 400 -30.11 5.58 -68.81
CA GLU B 400 -31.09 5.72 -69.88
C GLU B 400 -32.41 6.14 -69.26
N ALA B 401 -33.06 7.14 -69.86
CA ALA B 401 -34.34 7.66 -69.38
C ALA B 401 -35.43 7.36 -70.41
N LYS B 402 -36.56 6.82 -69.96
CA LYS B 402 -37.71 6.54 -70.84
C LYS B 402 -38.98 7.22 -70.31
N VAL B 403 -39.59 8.06 -71.15
CA VAL B 403 -40.86 8.71 -70.80
C VAL B 403 -42.05 7.82 -71.15
N ARG B 404 -43.12 7.94 -70.36
CA ARG B 404 -44.39 7.27 -70.64
C ARG B 404 -45.27 8.23 -71.46
N GLY B 405 -45.40 7.95 -72.75
CA GLY B 405 -46.26 8.74 -73.62
C GLY B 405 -45.80 10.18 -73.74
N CYS B 406 -46.74 11.11 -73.65
CA CYS B 406 -46.46 12.54 -73.78
C CYS B 406 -47.13 13.30 -72.62
N PRO B 407 -46.33 13.79 -71.65
CA PRO B 407 -46.92 14.47 -70.49
C PRO B 407 -47.39 15.90 -70.78
N GLN B 408 -48.42 16.33 -70.06
CA GLN B 408 -48.97 17.69 -70.20
C GLN B 408 -48.03 18.76 -69.62
N GLU B 409 -47.17 18.36 -68.68
CA GLU B 409 -46.25 19.28 -68.02
C GLU B 409 -45.24 19.87 -69.00
N LYS B 410 -44.69 19.03 -69.88
CA LYS B 410 -43.82 19.44 -70.99
C LYS B 410 -42.38 19.85 -70.58
N GLU B 411 -42.18 20.29 -69.33
CA GLU B 411 -40.84 20.55 -68.83
C GLU B 411 -40.69 20.22 -67.35
N LYS B 412 -39.77 19.30 -67.06
CA LYS B 412 -39.48 18.88 -65.70
C LYS B 412 -37.98 18.72 -65.51
N SER B 413 -37.57 18.54 -64.25
CA SER B 413 -36.17 18.27 -63.93
C SER B 413 -36.05 17.26 -62.78
N PHE B 414 -34.92 16.55 -62.76
CA PHE B 414 -34.58 15.66 -61.66
C PHE B 414 -33.08 15.68 -61.41
N THR B 415 -32.65 15.05 -60.33
CA THR B 415 -31.26 15.02 -59.92
C THR B 415 -30.74 13.60 -59.83
N ILE B 416 -29.46 13.42 -60.12
CA ILE B 416 -28.77 12.17 -59.87
C ILE B 416 -27.56 12.52 -58.99
N LYS B 417 -27.65 12.13 -57.72
CA LYS B 417 -26.69 12.53 -56.71
C LYS B 417 -26.13 11.30 -56.02
N PRO B 418 -24.79 11.15 -56.00
CA PRO B 418 -24.18 10.07 -55.22
C PRO B 418 -24.42 10.24 -53.72
N VAL B 419 -24.66 9.13 -53.02
CA VAL B 419 -24.89 9.16 -51.58
C VAL B 419 -23.64 9.68 -50.89
N GLY B 420 -23.80 10.72 -50.07
CA GLY B 420 -22.69 11.31 -49.31
C GLY B 420 -21.80 12.28 -50.09
N PHE B 421 -22.28 12.74 -51.24
CA PHE B 421 -21.57 13.73 -52.06
C PHE B 421 -22.41 15.00 -52.14
N LYS B 422 -21.76 16.16 -52.07
CA LYS B 422 -22.45 17.43 -52.37
C LYS B 422 -22.79 17.52 -53.85
N ASP B 423 -21.89 16.99 -54.70
CA ASP B 423 -22.03 17.09 -56.14
C ASP B 423 -23.22 16.29 -56.66
N SER B 424 -23.73 16.71 -57.81
CA SER B 424 -24.86 16.03 -58.46
C SER B 424 -24.97 16.39 -59.93
N LEU B 425 -25.88 15.71 -60.63
CA LEU B 425 -26.20 15.99 -62.01
C LEU B 425 -27.66 16.40 -62.11
N ILE B 426 -27.93 17.64 -62.52
CA ILE B 426 -29.29 18.09 -62.79
C ILE B 426 -29.61 17.76 -64.24
N VAL B 427 -30.65 16.96 -64.45
CA VAL B 427 -31.08 16.60 -65.80
C VAL B 427 -32.40 17.30 -66.11
N GLN B 428 -32.33 18.33 -66.96
CA GLN B 428 -33.52 19.06 -67.40
C GLN B 428 -34.18 18.29 -68.54
N VAL B 429 -35.49 18.07 -68.45
CA VAL B 429 -36.21 17.30 -69.47
C VAL B 429 -37.27 18.15 -70.17
N THR B 430 -37.27 18.09 -71.50
CA THR B 430 -38.29 18.74 -72.34
C THR B 430 -38.99 17.66 -73.16
N PHE B 431 -40.32 17.67 -73.17
CA PHE B 431 -41.10 16.70 -73.94
C PHE B 431 -41.62 17.33 -75.23
N ASP B 432 -41.07 16.86 -76.35
CA ASP B 432 -41.32 17.44 -77.66
C ASP B 432 -42.37 16.61 -78.39
N CYS B 433 -43.62 17.05 -78.32
CA CYS B 433 -44.75 16.29 -78.87
C CYS B 433 -45.37 16.89 -80.12
N ASP B 434 -45.07 18.16 -80.39
CA ASP B 434 -45.60 18.86 -81.55
C ASP B 434 -44.68 18.72 -82.76
N CYS B 435 -45.22 19.02 -83.93
CA CYS B 435 -44.45 19.12 -85.16
C CYS B 435 -44.20 20.60 -85.45
N ALA B 436 -43.07 20.90 -86.08
CA ALA B 436 -42.71 22.28 -86.39
C ALA B 436 -43.75 22.96 -87.30
N CYS B 437 -44.38 22.18 -88.18
CA CYS B 437 -45.39 22.72 -89.10
C CYS B 437 -46.68 23.19 -88.41
N GLN B 438 -46.90 22.77 -87.17
CA GLN B 438 -48.05 23.26 -86.39
C GLN B 438 -47.90 24.73 -86.00
N ALA B 439 -46.66 25.23 -85.99
CA ALA B 439 -46.39 26.65 -85.78
C ALA B 439 -46.98 27.50 -86.92
N GLN B 440 -46.91 26.97 -88.15
CA GLN B 440 -47.53 27.61 -89.32
C GLN B 440 -48.99 27.15 -89.43
N ALA B 441 -49.84 27.71 -88.57
CA ALA B 441 -51.20 27.23 -88.39
C ALA B 441 -52.13 27.55 -89.57
N GLU B 442 -52.11 28.80 -90.01
CA GLU B 442 -53.05 29.33 -91.03
C GLU B 442 -54.51 29.23 -90.57
N PRO B 443 -54.97 30.21 -89.75
CA PRO B 443 -56.33 30.23 -89.19
C PRO B 443 -57.45 29.84 -90.17
N ASN B 444 -57.43 30.44 -91.35
CA ASN B 444 -58.44 30.15 -92.38
C ASN B 444 -58.24 28.77 -92.98
N SER B 445 -59.34 28.05 -93.20
CA SER B 445 -59.29 26.69 -93.74
C SER B 445 -58.81 26.69 -95.19
N HIS B 446 -59.39 27.56 -96.01
CA HIS B 446 -59.08 27.68 -97.44
C HIS B 446 -59.59 26.48 -98.26
N ARG B 447 -59.08 25.30 -97.94
CA ARG B 447 -59.41 24.08 -98.69
C ARG B 447 -60.63 23.29 -98.16
N CYS B 448 -60.89 23.36 -96.85
CA CYS B 448 -62.03 22.64 -96.27
C CYS B 448 -63.35 23.37 -96.56
N ASN B 449 -63.47 24.59 -96.05
CA ASN B 449 -64.66 25.44 -96.27
C ASN B 449 -66.01 24.79 -95.93
N ASN B 450 -66.03 24.03 -94.83
CA ASN B 450 -67.27 23.45 -94.30
C ASN B 450 -67.29 23.52 -92.76
N GLY B 451 -66.84 24.66 -92.23
CA GLY B 451 -66.80 24.87 -90.78
C GLY B 451 -65.78 24.00 -90.07
N ASN B 452 -64.68 23.69 -90.74
CA ASN B 452 -63.62 22.85 -90.16
C ASN B 452 -62.63 23.69 -89.34
N GLY B 453 -62.09 24.73 -89.98
CA GLY B 453 -61.16 25.64 -89.32
C GLY B 453 -59.70 25.20 -89.43
N THR B 454 -58.87 26.08 -89.96
CA THR B 454 -57.40 25.91 -90.02
C THR B 454 -56.89 24.82 -90.99
N PHE B 455 -55.59 24.89 -91.29
CA PHE B 455 -54.94 24.01 -92.26
C PHE B 455 -53.45 23.88 -91.95
N GLU B 456 -53.03 22.71 -91.47
CA GLU B 456 -51.64 22.49 -91.05
C GLU B 456 -51.06 21.19 -91.59
N CYS B 457 -49.84 21.30 -92.12
CA CYS B 457 -49.07 20.15 -92.63
C CYS B 457 -49.82 19.37 -93.74
N GLY B 458 -50.69 20.05 -94.48
CA GLY B 458 -51.40 19.46 -95.61
C GLY B 458 -52.60 18.62 -95.23
N VAL B 459 -53.52 19.18 -94.44
CA VAL B 459 -54.71 18.42 -93.99
C VAL B 459 -55.84 19.29 -93.41
N CYS B 460 -57.07 18.78 -93.51
CA CYS B 460 -58.22 19.34 -92.78
C CYS B 460 -58.23 18.76 -91.36
N ARG B 461 -59.35 18.91 -90.64
CA ARG B 461 -59.53 18.28 -89.33
C ARG B 461 -59.42 16.76 -89.42
N GLY C 3 16.89 -3.95 -2.06
CA GLY C 3 16.09 -2.89 -1.38
C GLY C 3 15.93 -1.63 -2.23
N ALA C 4 17.04 -1.11 -2.75
CA ALA C 4 17.06 0.16 -3.50
C ALA C 4 16.42 0.06 -4.89
N LYS C 5 15.57 1.04 -5.21
CA LYS C 5 14.74 1.03 -6.43
C LYS C 5 14.11 2.41 -6.69
N GLN C 6 13.78 2.68 -7.95
CA GLN C 6 12.97 3.84 -8.29
C GLN C 6 11.68 3.35 -8.96
N ALA C 7 10.77 2.85 -8.13
CA ALA C 7 9.56 2.16 -8.59
C ALA C 7 8.28 2.98 -8.40
N GLY C 8 8.42 4.28 -8.15
CA GLY C 8 7.27 5.18 -8.06
C GLY C 8 6.98 5.88 -9.38
N ASP C 9 6.17 6.93 -9.31
CA ASP C 9 5.89 7.77 -10.49
C ASP C 9 7.05 8.75 -10.71
N VAL C 10 8.14 8.23 -11.27
CA VAL C 10 9.34 9.03 -11.54
C VAL C 10 9.94 8.66 -12.89
N GLU D 1 15.64 -16.26 27.40
CA GLU D 1 15.77 -15.13 28.35
C GLU D 1 16.61 -14.02 27.70
N VAL D 2 16.02 -12.84 27.57
CA VAL D 2 16.75 -11.65 27.11
C VAL D 2 17.78 -11.26 28.15
N GLN D 3 19.00 -10.99 27.70
CA GLN D 3 20.07 -10.55 28.61
C GLN D 3 21.10 -9.74 27.85
N LEU D 4 21.52 -8.63 28.45
CA LEU D 4 22.53 -7.73 27.87
C LEU D 4 23.84 -7.89 28.62
N GLN D 5 24.86 -8.39 27.93
CA GLN D 5 26.14 -8.72 28.55
C GLN D 5 27.20 -7.68 28.19
N GLN D 6 27.53 -6.82 29.15
CA GLN D 6 28.50 -5.74 28.92
C GLN D 6 29.93 -6.20 29.15
N SER D 7 30.88 -5.46 28.59
CA SER D 7 32.30 -5.75 28.75
C SER D 7 32.78 -5.32 30.12
N GLY D 8 33.97 -5.78 30.50
CA GLY D 8 34.48 -5.63 31.85
C GLY D 8 34.92 -4.22 32.26
N ALA D 9 35.31 -4.10 33.52
CA ALA D 9 35.75 -2.84 34.12
C ALA D 9 36.95 -2.25 33.39
N GLU D 10 36.96 -0.92 33.29
CA GLU D 10 38.02 -0.21 32.58
C GLU D 10 38.78 0.71 33.52
N LEU D 11 40.11 0.61 33.49
CA LEU D 11 40.97 1.61 34.11
C LEU D 11 41.71 2.33 32.99
N VAL D 12 41.34 3.58 32.74
CA VAL D 12 41.87 4.33 31.59
C VAL D 12 42.50 5.65 32.06
N LYS D 13 43.20 6.30 31.15
CA LYS D 13 43.93 7.52 31.47
C LYS D 13 43.26 8.76 30.89
N PRO D 14 43.33 9.89 31.60
CA PRO D 14 42.74 11.12 31.10
C PRO D 14 43.33 11.54 29.75
N GLY D 15 42.47 12.00 28.84
CA GLY D 15 42.89 12.37 27.49
C GLY D 15 42.86 11.23 26.47
N ALA D 16 42.78 10.00 26.96
CA ALA D 16 42.69 8.83 26.10
C ALA D 16 41.23 8.55 25.73
N SER D 17 41.02 7.47 24.98
CA SER D 17 39.69 6.97 24.68
C SER D 17 39.45 5.60 25.30
N VAL D 18 38.18 5.21 25.36
CA VAL D 18 37.78 3.87 25.75
C VAL D 18 36.52 3.48 24.96
N LYS D 19 36.33 2.19 24.73
CA LYS D 19 35.19 1.71 23.95
C LYS D 19 34.52 0.54 24.65
N LEU D 20 33.35 0.80 25.22
CA LEU D 20 32.62 -0.20 25.98
C LEU D 20 31.75 -1.00 25.02
N SER D 21 31.46 -2.25 25.36
CA SER D 21 30.66 -3.10 24.50
C SER D 21 29.49 -3.70 25.26
N CYS D 22 28.48 -4.12 24.51
CA CYS D 22 27.25 -4.67 25.06
C CYS D 22 26.71 -5.68 24.04
N THR D 23 26.71 -6.96 24.41
CA THR D 23 26.36 -8.03 23.48
C THR D 23 25.03 -8.68 23.84
N ALA D 24 24.15 -8.83 22.84
CA ALA D 24 22.84 -9.42 23.05
C ALA D 24 22.93 -10.93 23.25
N SER D 25 22.11 -11.42 24.15
CA SER D 25 22.03 -12.84 24.48
C SER D 25 20.57 -13.22 24.56
N GLY D 26 20.16 -14.20 23.78
CA GLY D 26 18.75 -14.59 23.70
C GLY D 26 17.90 -13.65 22.87
N PHE D 27 18.54 -12.81 22.05
CA PHE D 27 17.83 -11.98 21.06
C PHE D 27 18.83 -11.38 20.08
N ASN D 28 18.33 -10.73 19.04
CA ASN D 28 19.19 -10.03 18.09
C ASN D 28 19.21 -8.54 18.36
N ILE D 29 20.40 -7.95 18.31
CA ILE D 29 20.61 -6.55 18.65
C ILE D 29 19.79 -5.59 17.77
N LYS D 30 19.54 -5.95 16.52
CA LYS D 30 18.76 -5.11 15.61
C LYS D 30 17.26 -5.07 15.94
N ASP D 31 16.83 -5.83 16.94
CA ASP D 31 15.42 -5.96 17.27
C ASP D 31 14.79 -4.68 17.79
N THR D 32 15.57 -3.86 18.48
CA THR D 32 15.05 -2.64 19.09
C THR D 32 16.11 -1.54 19.18
N TYR D 33 15.69 -0.32 19.53
CA TYR D 33 16.62 0.71 19.96
C TYR D 33 17.49 0.16 21.09
N VAL D 34 18.75 0.54 21.07
CA VAL D 34 19.68 0.29 22.15
C VAL D 34 20.18 1.64 22.66
N HIS D 35 20.06 1.86 23.96
CA HIS D 35 20.46 3.11 24.58
C HIS D 35 21.69 2.92 25.45
N TRP D 36 22.34 4.01 25.81
CA TRP D 36 23.44 4.01 26.76
C TRP D 36 23.20 5.07 27.83
N VAL D 37 23.44 4.70 29.09
CA VAL D 37 23.14 5.55 30.23
C VAL D 37 24.32 5.60 31.19
N LYS D 38 24.57 6.78 31.75
CA LYS D 38 25.65 7.06 32.68
C LYS D 38 25.07 7.14 34.09
N GLN D 39 25.74 6.52 35.06
CA GLN D 39 25.36 6.68 36.47
C GLN D 39 26.56 7.08 37.29
N ARG D 40 26.34 8.06 38.17
CA ARG D 40 27.35 8.48 39.14
C ARG D 40 26.68 8.70 40.48
N PRO D 41 27.42 8.45 41.58
CA PRO D 41 26.85 8.55 42.91
C PRO D 41 26.06 9.83 43.14
N GLU D 42 26.68 10.98 42.89
CA GLU D 42 26.09 12.30 43.17
CA GLU D 42 26.08 12.29 43.18
C GLU D 42 25.17 12.77 42.05
N GLN D 43 25.70 12.84 40.84
CA GLN D 43 24.96 13.40 39.71
C GLN D 43 23.82 12.52 39.19
N GLY D 44 23.87 11.23 39.48
CA GLY D 44 22.77 10.32 39.17
C GLY D 44 22.79 9.79 37.76
N LEU D 45 21.61 9.49 37.22
CA LEU D 45 21.47 8.86 35.90
C LEU D 45 21.35 9.88 34.79
N GLU D 46 22.19 9.77 33.77
CA GLU D 46 22.11 10.63 32.58
C GLU D 46 22.03 9.77 31.31
N TRP D 47 21.09 10.12 30.44
CA TRP D 47 20.95 9.47 29.15
C TRP D 47 21.99 10.01 28.18
N ILE D 48 22.74 9.12 27.54
CA ILE D 48 23.80 9.52 26.61
C ILE D 48 23.29 9.58 25.16
N GLY D 49 22.58 8.53 24.75
CA GLY D 49 22.08 8.44 23.38
C GLY D 49 21.55 7.06 23.05
N ARG D 50 21.21 6.85 21.77
CA ARG D 50 20.66 5.58 21.32
C ARG D 50 21.05 5.29 19.89
N ILE D 51 21.03 4.01 19.52
CA ILE D 51 21.24 3.59 18.15
C ILE D 51 20.11 2.65 17.73
N ASP D 52 19.72 2.73 16.46
CA ASP D 52 18.85 1.72 15.86
C ASP D 52 19.74 0.78 15.07
N PRO D 53 20.17 -0.33 15.69
CA PRO D 53 21.22 -1.15 15.06
C PRO D 53 20.87 -1.74 13.71
N ALA D 54 19.59 -1.75 13.34
CA ALA D 54 19.17 -2.19 12.02
C ALA D 54 19.76 -1.30 10.91
N ASN D 55 19.78 0.01 11.14
CA ASN D 55 20.19 1.01 10.13
C ASN D 55 21.31 1.96 10.58
N GLY D 56 21.74 1.87 11.83
CA GLY D 56 22.87 2.66 12.31
C GLY D 56 22.57 4.08 12.76
N TYR D 57 21.34 4.56 12.56
CA TYR D 57 20.98 5.94 12.93
C TYR D 57 21.00 6.14 14.45
N THR D 58 21.52 7.29 14.88
CA THR D 58 21.73 7.57 16.30
C THR D 58 21.13 8.92 16.73
N LYS D 59 20.94 9.06 18.04
CA LYS D 59 20.55 10.33 18.68
C LYS D 59 21.38 10.48 19.94
N TYR D 60 21.79 11.72 20.25
CA TYR D 60 22.56 12.02 21.46
C TYR D 60 21.99 13.19 22.25
N ASP D 61 22.25 13.21 23.55
CA ASP D 61 22.06 14.42 24.34
C ASP D 61 23.22 15.35 23.95
N PRO D 62 22.92 16.61 23.62
CA PRO D 62 23.96 17.59 23.30
C PRO D 62 25.12 17.62 24.30
N LYS D 63 24.83 17.35 25.57
CA LYS D 63 25.88 17.25 26.59
C LYS D 63 26.99 16.27 26.22
N PHE D 64 26.66 15.22 25.47
CA PHE D 64 27.64 14.20 25.08
C PHE D 64 28.00 14.21 23.59
N GLN D 65 27.44 15.15 22.83
CA GLN D 65 27.77 15.27 21.41
C GLN D 65 29.24 15.64 21.32
N GLY D 66 30.00 14.86 20.55
CA GLY D 66 31.43 15.06 20.43
C GLY D 66 32.22 14.04 21.23
N LYS D 67 31.87 13.89 22.50
CA LYS D 67 32.51 12.90 23.37
C LYS D 67 32.08 11.45 23.04
N ALA D 68 30.78 11.23 22.95
CA ALA D 68 30.21 9.88 22.80
C ALA D 68 29.94 9.51 21.34
N THR D 69 30.33 8.29 20.97
CA THR D 69 29.96 7.71 19.68
C THR D 69 29.39 6.32 19.89
N ILE D 70 28.09 6.17 19.63
CA ILE D 70 27.45 4.86 19.72
C ILE D 70 27.47 4.18 18.35
N THR D 71 27.87 2.91 18.33
CA THR D 71 27.83 2.12 17.10
C THR D 71 27.25 0.76 17.43
N ALA D 72 27.04 -0.05 16.40
CA ALA D 72 26.50 -1.39 16.59
C ALA D 72 26.92 -2.25 15.43
N ASP D 73 26.97 -3.56 15.67
CA ASP D 73 27.37 -4.50 14.65
C ASP D 73 26.51 -5.75 14.75
N THR D 74 25.59 -5.88 13.81
CA THR D 74 24.64 -7.00 13.79
C THR D 74 25.33 -8.34 13.50
N SER D 75 26.52 -8.30 12.89
CA SER D 75 27.31 -9.50 12.68
C SER D 75 27.64 -10.18 14.00
N SER D 76 28.05 -9.39 14.99
CA SER D 76 28.47 -9.90 16.29
C SER D 76 27.43 -9.68 17.38
N ASN D 77 26.23 -9.23 16.97
CA ASN D 77 25.16 -8.92 17.92
C ASN D 77 25.61 -8.02 19.06
N THR D 78 26.45 -7.03 18.75
CA THR D 78 27.01 -6.16 19.78
C THR D 78 26.78 -4.68 19.49
N ALA D 79 26.56 -3.91 20.55
CA ALA D 79 26.51 -2.45 20.50
C ALA D 79 27.68 -1.86 21.29
N TYR D 80 28.25 -0.76 20.80
CA TYR D 80 29.42 -0.14 21.41
C TYR D 80 29.17 1.32 21.81
N LEU D 81 29.83 1.74 22.87
CA LEU D 81 29.91 3.14 23.27
C LEU D 81 31.39 3.54 23.35
N GLN D 82 31.79 4.52 22.55
CA GLN D 82 33.15 5.03 22.62
C GLN D 82 33.18 6.44 23.21
N LEU D 83 34.01 6.62 24.23
CA LEU D 83 34.21 7.92 24.85
C LEU D 83 35.60 8.44 24.51
N SER D 84 35.66 9.60 23.86
CA SER D 84 36.93 10.25 23.53
C SER D 84 37.27 11.27 24.59
N SER D 85 38.52 11.74 24.57
CA SER D 85 38.97 12.83 25.43
C SER D 85 38.52 12.64 26.87
N LEU D 86 38.89 11.49 27.45
CA LEU D 86 38.43 11.12 28.79
C LEU D 86 38.86 12.12 29.85
N THR D 87 37.99 12.34 30.83
CA THR D 87 38.24 13.27 31.94
C THR D 87 37.75 12.64 33.23
N SER D 88 37.95 13.34 34.35
CA SER D 88 37.47 12.85 35.64
C SER D 88 35.93 12.77 35.71
N GLU D 89 35.24 13.56 34.90
CA GLU D 89 33.77 13.50 34.84
C GLU D 89 33.25 12.20 34.19
N ASP D 90 34.09 11.51 33.44
CA ASP D 90 33.68 10.29 32.76
C ASP D 90 33.87 9.05 33.64
N THR D 91 34.44 9.23 34.83
CA THR D 91 34.47 8.19 35.84
C THR D 91 33.04 7.92 36.28
N ALA D 92 32.49 6.77 35.88
CA ALA D 92 31.09 6.43 36.14
C ALA D 92 30.82 4.98 35.80
N VAL D 93 29.61 4.52 36.08
CA VAL D 93 29.15 3.21 35.60
C VAL D 93 28.26 3.42 34.36
N TYR D 94 28.51 2.66 33.30
CA TYR D 94 27.80 2.83 32.03
C TYR D 94 26.93 1.61 31.70
N TYR D 95 25.67 1.86 31.38
CA TYR D 95 24.70 0.81 31.07
C TYR D 95 24.21 0.89 29.63
N CYS D 96 24.00 -0.27 28.99
CA CYS D 96 23.23 -0.33 27.76
C CYS D 96 21.82 -0.82 28.10
N VAL D 97 20.84 -0.31 27.37
CA VAL D 97 19.43 -0.52 27.72
C VAL D 97 18.58 -0.73 26.49
N ARG D 98 17.53 -1.55 26.64
CA ARG D 98 16.53 -1.71 25.58
C ARG D 98 15.12 -1.92 26.16
N PRO D 99 14.10 -1.58 25.35
CA PRO D 99 12.72 -1.78 25.76
C PRO D 99 12.26 -3.23 25.67
N LEU D 100 11.22 -3.58 26.44
CA LEU D 100 10.58 -4.89 26.30
C LEU D 100 9.64 -4.86 25.10
N TYR D 101 8.56 -4.07 25.18
CA TYR D 101 7.54 -4.00 24.12
C TYR D 101 7.45 -2.63 23.46
N ASP D 102 7.19 -1.62 24.28
CA ASP D 102 7.07 -0.25 23.82
C ASP D 102 8.35 0.20 23.13
N TYR D 103 8.27 0.59 21.86
CA TYR D 103 9.45 1.11 21.13
C TYR D 103 10.35 2.03 21.95
N TYR D 104 9.73 2.90 22.76
CA TYR D 104 10.44 4.02 23.37
C TYR D 104 10.88 3.79 24.80
N ALA D 105 10.52 2.64 25.38
CA ALA D 105 10.73 2.38 26.80
C ALA D 105 12.17 1.96 27.14
N MET D 106 12.45 1.87 28.44
CA MET D 106 13.80 1.58 28.95
C MET D 106 13.70 0.48 30.00
N ASP D 107 13.47 -0.75 29.55
CA ASP D 107 13.04 -1.83 30.44
C ASP D 107 14.11 -2.84 30.83
N TYR D 108 14.91 -3.29 29.86
CA TYR D 108 15.99 -4.25 30.10
C TYR D 108 17.36 -3.55 30.14
N TRP D 109 18.17 -3.88 31.13
CA TRP D 109 19.45 -3.22 31.39
C TRP D 109 20.60 -4.21 31.51
N GLY D 110 21.75 -3.84 30.98
CA GLY D 110 22.96 -4.63 31.21
C GLY D 110 23.39 -4.55 32.67
N GLN D 111 24.42 -5.32 33.03
CA GLN D 111 24.92 -5.29 34.41
C GLN D 111 25.70 -4.03 34.73
N GLY D 112 26.12 -3.30 33.69
CA GLY D 112 26.89 -2.07 33.85
C GLY D 112 28.37 -2.30 33.64
N THR D 113 29.04 -1.33 33.02
CA THR D 113 30.50 -1.34 32.91
C THR D 113 31.07 -0.15 33.67
N SER D 114 32.02 -0.43 34.55
CA SER D 114 32.68 0.60 35.35
C SER D 114 33.90 1.14 34.63
N VAL D 115 33.98 2.48 34.56
CA VAL D 115 35.11 3.17 33.94
C VAL D 115 35.73 4.10 34.97
N THR D 116 37.01 3.90 35.24
CA THR D 116 37.78 4.76 36.13
C THR D 116 38.85 5.50 35.36
N VAL D 117 38.72 6.83 35.28
CA VAL D 117 39.70 7.69 34.60
C VAL D 117 40.70 8.19 35.64
N SER D 118 41.98 7.86 35.47
CA SER D 118 43.00 8.21 36.47
C SER D 118 44.43 8.18 35.95
N SER D 119 45.24 9.14 36.40
CA SER D 119 46.68 9.17 36.07
C SER D 119 47.52 8.36 37.07
N ALA D 120 46.91 8.03 38.21
CA ALA D 120 47.60 7.35 39.30
C ALA D 120 48.29 6.07 38.82
N LYS D 121 49.51 5.86 39.33
CA LYS D 121 50.23 4.60 39.12
C LYS D 121 49.85 3.61 40.23
N THR D 122 50.16 2.33 40.00
CA THR D 122 49.82 1.27 40.95
C THR D 122 50.65 1.42 42.22
N THR D 123 49.98 1.33 43.37
CA THR D 123 50.61 1.61 44.66
C THR D 123 50.05 0.68 45.74
N ALA D 124 50.93 -0.04 46.41
CA ALA D 124 50.54 -0.96 47.48
C ALA D 124 50.15 -0.16 48.73
N PRO D 125 49.16 -0.65 49.50
CA PRO D 125 48.70 0.06 50.67
C PRO D 125 49.68 -0.01 51.84
N SER D 126 49.70 1.04 52.65
CA SER D 126 50.27 0.99 53.99
C SER D 126 49.16 0.56 54.94
N VAL D 127 49.43 -0.43 55.78
CA VAL D 127 48.42 -0.93 56.72
C VAL D 127 48.88 -0.65 58.14
N TYR D 128 47.97 -0.12 58.94
CA TYR D 128 48.30 0.32 60.30
C TYR D 128 47.33 -0.26 61.31
N PRO D 129 47.83 -0.90 62.37
CA PRO D 129 46.94 -1.41 63.41
C PRO D 129 46.48 -0.28 64.32
N LEU D 130 45.21 -0.32 64.73
CA LEU D 130 44.65 0.71 65.60
C LEU D 130 44.21 0.11 66.93
N ALA D 131 45.09 0.19 67.93
CA ALA D 131 44.80 -0.26 69.28
C ALA D 131 44.22 0.89 70.10
N PRO D 132 43.39 0.58 71.10
CA PRO D 132 42.74 1.65 71.88
C PRO D 132 43.70 2.49 72.71
N VAL D 133 43.18 3.53 73.34
CA VAL D 133 43.97 4.39 74.22
C VAL D 133 43.95 3.80 75.64
N CYS D 134 44.54 4.51 76.60
CA CYS D 134 44.49 4.10 78.02
C CYS D 134 43.26 4.67 78.73
N THR D 137 39.76 4.19 81.21
CA THR D 137 39.35 2.92 81.82
C THR D 137 38.84 1.94 80.76
N THR D 138 38.56 0.71 81.19
CA THR D 138 38.09 -0.35 80.29
C THR D 138 36.68 -0.81 80.69
N GLY D 139 35.78 -0.88 79.70
CA GLY D 139 34.38 -1.23 79.92
C GLY D 139 34.07 -2.70 79.68
N SER D 140 32.87 -2.99 79.18
CA SER D 140 32.45 -4.37 78.94
C SER D 140 32.93 -4.89 77.58
N SER D 141 32.98 -4.00 76.59
CA SER D 141 33.44 -4.33 75.24
C SER D 141 34.56 -3.40 74.80
N VAL D 142 35.41 -3.91 73.92
CA VAL D 142 36.54 -3.15 73.39
C VAL D 142 36.45 -3.11 71.87
N THR D 143 36.86 -1.99 71.27
CA THR D 143 36.84 -1.81 69.82
C THR D 143 38.24 -1.55 69.26
N LEU D 144 38.60 -2.33 68.25
CA LEU D 144 39.89 -2.22 67.56
C LEU D 144 39.65 -1.72 66.12
N GLY D 145 40.74 -1.55 65.37
CA GLY D 145 40.64 -1.08 63.99
C GLY D 145 41.86 -1.30 63.14
N CYS D 146 41.70 -0.97 61.86
CA CYS D 146 42.76 -1.16 60.88
C CYS D 146 42.65 -0.08 59.81
N LEU D 147 43.71 0.70 59.64
CA LEU D 147 43.73 1.77 58.66
C LEU D 147 44.54 1.33 57.46
N VAL D 148 43.95 1.48 56.27
CA VAL D 148 44.61 1.11 55.02
C VAL D 148 44.75 2.35 54.15
N LYS D 149 45.98 2.84 53.99
CA LYS D 149 46.20 4.14 53.34
C LYS D 149 47.01 4.07 52.06
N GLY D 150 46.60 4.89 51.08
CA GLY D 150 47.43 5.22 49.93
C GLY D 150 47.65 4.10 48.93
N TYR D 151 46.57 3.47 48.50
CA TYR D 151 46.67 2.40 47.51
C TYR D 151 45.93 2.77 46.23
N PHE D 152 46.30 2.12 45.14
CA PHE D 152 45.63 2.28 43.86
C PHE D 152 46.01 1.11 42.96
N PRO D 153 45.02 0.56 42.22
CA PRO D 153 43.62 0.94 42.20
C PRO D 153 42.83 0.12 43.19
N GLU D 154 41.51 0.30 43.19
CA GLU D 154 40.62 -0.57 43.96
CA GLU D 154 40.62 -0.57 43.95
C GLU D 154 40.63 -1.96 43.31
N PRO D 155 40.27 -3.01 44.07
CA PRO D 155 39.93 -3.07 45.48
C PRO D 155 41.04 -3.63 46.35
N VAL D 156 40.84 -3.53 47.67
CA VAL D 156 41.56 -4.34 48.64
C VAL D 156 40.52 -5.21 49.33
N THR D 157 40.95 -6.36 49.85
CA THR D 157 40.07 -7.23 50.61
C THR D 157 40.62 -7.37 52.03
N LEU D 158 39.89 -6.82 52.99
CA LEU D 158 40.31 -6.83 54.39
C LEU D 158 39.48 -7.84 55.19
N THR D 159 40.17 -8.69 55.94
CA THR D 159 39.51 -9.63 56.87
C THR D 159 40.19 -9.60 58.24
N TRP D 160 39.58 -10.29 59.21
CA TRP D 160 40.13 -10.39 60.55
C TRP D 160 40.31 -11.86 60.93
N ASN D 161 41.51 -12.21 61.39
CA ASN D 161 41.90 -13.60 61.66
C ASN D 161 41.65 -14.50 60.45
N SER D 162 41.90 -13.97 59.26
CA SER D 162 41.65 -14.66 57.99
C SER D 162 40.18 -15.07 57.81
N GLY D 163 39.27 -14.24 58.31
CA GLY D 163 37.83 -14.48 58.18
C GLY D 163 37.16 -15.14 59.37
N SER D 164 37.95 -15.56 60.36
CA SER D 164 37.43 -16.21 61.57
C SER D 164 36.68 -15.26 62.49
N LEU D 165 36.86 -13.94 62.31
CA LEU D 165 36.15 -12.92 63.08
C LEU D 165 35.40 -11.99 62.14
N SER D 166 34.17 -12.37 61.80
CA SER D 166 33.34 -11.62 60.86
C SER D 166 32.27 -10.78 61.56
N SER D 167 31.73 -11.30 62.65
CA SER D 167 30.69 -10.60 63.41
C SER D 167 31.25 -9.43 64.20
N GLY D 168 30.48 -8.35 64.27
CA GLY D 168 30.91 -7.12 64.94
C GLY D 168 31.97 -6.34 64.18
N VAL D 169 31.92 -6.42 62.85
CA VAL D 169 32.89 -5.73 62.00
C VAL D 169 32.21 -4.66 61.16
N HIS D 170 32.91 -3.55 60.92
CA HIS D 170 32.44 -2.50 60.04
C HIS D 170 33.59 -2.08 59.13
N THR D 171 33.64 -2.63 57.91
CA THR D 171 34.64 -2.20 56.92
C THR D 171 34.03 -1.12 56.04
N PHE D 172 34.61 0.07 56.10
CA PHE D 172 34.02 1.22 55.43
C PHE D 172 34.42 1.29 53.96
N PRO D 173 33.56 1.88 53.13
CA PRO D 173 33.92 2.02 51.71
C PRO D 173 35.14 2.93 51.53
N ALA D 174 35.97 2.60 50.54
CA ALA D 174 37.18 3.36 50.25
C ALA D 174 36.81 4.78 49.80
N VAL D 175 37.62 5.74 50.21
CA VAL D 175 37.47 7.11 49.77
C VAL D 175 38.77 7.55 49.10
N LEU D 176 38.64 8.41 48.10
CA LEU D 176 39.76 8.85 47.29
C LEU D 176 40.28 10.19 47.78
N GLN D 177 41.60 10.29 47.94
CA GLN D 177 42.26 11.56 48.24
C GLN D 177 43.60 11.63 47.53
N SER D 178 43.82 12.70 46.77
CA SER D 178 45.05 12.89 46.00
C SER D 178 45.40 11.65 45.18
N ASP D 179 44.42 11.15 44.43
CA ASP D 179 44.61 10.05 43.46
C ASP D 179 44.81 8.65 44.08
N LEU D 180 44.92 8.55 45.41
CA LEU D 180 45.03 7.25 46.07
C LEU D 180 43.84 6.96 46.98
N TYR D 181 43.56 5.68 47.19
CA TYR D 181 42.44 5.29 48.02
C TYR D 181 42.85 5.03 49.47
N THR D 182 41.94 5.34 50.39
CA THR D 182 42.07 5.02 51.79
C THR D 182 40.82 4.26 52.20
N LEU D 183 40.99 3.34 53.14
CA LEU D 183 39.91 2.53 53.64
C LEU D 183 40.22 2.22 55.10
N SER D 184 39.18 2.00 55.90
CA SER D 184 39.37 1.56 57.28
C SER D 184 38.35 0.51 57.66
N SER D 185 38.63 -0.19 58.75
CA SER D 185 37.72 -1.18 59.30
C SER D 185 37.82 -1.20 60.82
N SER D 186 36.68 -1.43 61.47
CA SER D 186 36.62 -1.59 62.93
C SER D 186 36.08 -2.98 63.28
N VAL D 187 36.49 -3.47 64.45
CA VAL D 187 35.99 -4.73 65.00
C VAL D 187 35.76 -4.55 66.49
N THR D 188 34.61 -5.00 66.98
CA THR D 188 34.28 -4.92 68.39
C THR D 188 34.14 -6.33 68.95
N VAL D 189 34.67 -6.53 70.16
CA VAL D 189 34.57 -7.80 70.88
C VAL D 189 34.38 -7.49 72.37
N THR D 190 34.14 -8.52 73.17
CA THR D 190 34.04 -8.33 74.62
C THR D 190 35.45 -8.17 75.18
N SER D 191 35.58 -7.42 76.26
CA SER D 191 36.89 -7.10 76.84
C SER D 191 37.68 -8.34 77.32
N SER D 192 36.98 -9.44 77.60
CA SER D 192 37.62 -10.69 77.98
C SER D 192 38.23 -11.42 76.78
N THR D 193 37.87 -11.02 75.56
CA THR D 193 38.43 -11.59 74.34
C THR D 193 39.83 -11.06 74.05
N TRP D 194 39.97 -9.75 74.09
CA TRP D 194 41.21 -9.10 73.69
C TRP D 194 41.73 -8.22 74.83
N PRO D 195 43.06 -8.19 75.05
CA PRO D 195 44.15 -8.79 74.27
C PRO D 195 44.49 -10.25 74.57
N SER D 196 43.72 -10.92 75.43
CA SER D 196 44.02 -12.31 75.81
C SER D 196 44.14 -13.21 74.59
N GLN D 197 43.26 -13.01 73.61
CA GLN D 197 43.33 -13.72 72.33
C GLN D 197 43.78 -12.79 71.21
N SER D 198 44.51 -13.35 70.25
CA SER D 198 45.14 -12.59 69.19
C SER D 198 44.15 -12.16 68.10
N ILE D 199 44.18 -10.88 67.73
CA ILE D 199 43.32 -10.36 66.65
C ILE D 199 44.17 -9.67 65.58
N THR D 200 44.24 -10.25 64.39
CA THR D 200 45.11 -9.75 63.32
C THR D 200 44.30 -9.24 62.13
N CYS D 201 44.70 -8.08 61.63
CA CYS D 201 44.13 -7.49 60.43
C CYS D 201 44.79 -8.09 59.18
N ASN D 202 44.00 -8.42 58.16
CA ASN D 202 44.53 -9.06 56.94
C ASN D 202 44.15 -8.32 55.65
N VAL D 203 45.05 -7.49 55.14
CA VAL D 203 44.80 -6.72 53.91
C VAL D 203 45.47 -7.35 52.68
N ALA D 204 44.72 -7.44 51.59
CA ALA D 204 45.24 -7.98 50.32
C ALA D 204 44.93 -7.01 49.17
N HIS D 205 45.97 -6.61 48.45
CA HIS D 205 45.82 -5.75 47.27
C HIS D 205 46.35 -6.47 46.03
N PRO D 206 45.48 -7.19 45.31
CA PRO D 206 45.90 -8.01 44.17
C PRO D 206 46.63 -7.25 43.07
N ALA D 207 46.29 -5.98 42.88
CA ALA D 207 46.90 -5.14 41.84
C ALA D 207 48.42 -4.95 42.01
N SER D 208 48.89 -5.00 43.25
CA SER D 208 50.31 -4.88 43.58
C SER D 208 50.89 -6.21 44.09
N SER D 209 50.11 -7.28 43.99
CA SER D 209 50.52 -8.62 44.44
C SER D 209 50.98 -8.65 45.90
N THR D 210 50.27 -7.93 46.77
CA THR D 210 50.66 -7.78 48.17
C THR D 210 49.63 -8.36 49.15
N LYS D 211 50.13 -8.94 50.24
CA LYS D 211 49.30 -9.49 51.30
C LYS D 211 49.96 -9.23 52.64
N VAL D 212 49.34 -8.35 53.44
CA VAL D 212 49.91 -7.91 54.71
C VAL D 212 49.01 -8.33 55.87
N ASP D 213 49.64 -8.79 56.96
CA ASP D 213 48.95 -9.12 58.20
C ASP D 213 49.46 -8.21 59.31
N LYS D 214 48.54 -7.66 60.11
CA LYS D 214 48.91 -6.76 61.22
C LYS D 214 48.17 -7.13 62.50
N LYS D 215 48.91 -7.69 63.45
CA LYS D 215 48.39 -8.01 64.78
C LYS D 215 48.19 -6.73 65.60
N ILE D 216 46.98 -6.52 66.08
CA ILE D 216 46.67 -5.38 66.94
C ILE D 216 47.28 -5.63 68.32
N GLU D 217 48.28 -4.83 68.69
CA GLU D 217 48.95 -4.97 69.97
C GLU D 217 48.50 -3.85 70.92
N PRO D 218 48.36 -4.15 72.22
CA PRO D 218 48.02 -3.08 73.18
C PRO D 218 49.16 -2.07 73.34
N ARG D 219 48.80 -0.80 73.56
CA ARG D 219 49.79 0.26 73.67
C ARG D 219 50.50 0.19 75.01
N GLY D 220 51.83 0.27 74.97
CA GLY D 220 52.66 0.14 76.16
C GLY D 220 53.05 1.48 76.75
N PRO D 221 53.99 1.47 77.72
CA PRO D 221 54.50 2.72 78.32
C PRO D 221 55.34 3.53 77.33
N ASP E 1 15.06 20.87 28.31
CA ASP E 1 14.90 19.45 28.70
C ASP E 1 13.84 19.33 29.77
N ILE E 2 13.18 18.19 29.84
CA ILE E 2 12.16 17.96 30.85
C ILE E 2 12.86 17.57 32.15
N LEU E 3 12.49 18.26 33.22
CA LEU E 3 13.08 18.01 34.53
C LEU E 3 12.15 17.09 35.29
N MET E 4 12.72 16.01 35.82
CA MET E 4 11.99 15.01 36.60
C MET E 4 12.36 15.14 38.07
N THR E 5 11.43 15.65 38.88
CA THR E 5 11.66 15.85 40.29
C THR E 5 10.96 14.74 41.08
N GLN E 6 11.77 13.86 41.66
CA GLN E 6 11.26 12.69 42.38
C GLN E 6 11.22 12.96 43.89
N SER E 7 10.26 12.34 44.58
CA SER E 7 10.03 12.60 46.01
C SER E 7 9.47 11.39 46.76
N PRO E 8 9.92 11.17 48.01
CA PRO E 8 11.03 11.85 48.67
C PRO E 8 12.34 11.25 48.17
N SER E 9 13.47 11.83 48.57
CA SER E 9 14.76 11.26 48.19
C SER E 9 15.07 10.01 49.03
N SER E 10 14.51 9.95 50.24
CA SER E 10 14.51 8.70 51.00
C SER E 10 13.34 8.64 51.96
N MET E 11 13.00 7.42 52.36
CA MET E 11 11.97 7.20 53.36
C MET E 11 12.34 5.99 54.19
N SER E 12 12.01 6.05 55.48
CA SER E 12 12.26 4.96 56.40
C SER E 12 10.96 4.23 56.65
N VAL E 13 10.88 3.00 56.16
CA VAL E 13 9.65 2.25 56.18
C VAL E 13 9.88 0.84 56.71
N SER E 14 8.78 0.11 56.93
CA SER E 14 8.82 -1.20 57.58
C SER E 14 8.23 -2.27 56.66
N LEU E 15 8.51 -3.53 56.97
CA LEU E 15 7.97 -4.66 56.21
C LEU E 15 6.46 -4.64 56.31
N GLY E 16 5.78 -4.86 55.19
CA GLY E 16 4.32 -4.89 55.14
C GLY E 16 3.66 -3.54 54.91
N ASP E 17 4.43 -2.46 54.93
CA ASP E 17 3.88 -1.12 54.65
C ASP E 17 3.45 -1.02 53.21
N THR E 18 2.62 -0.02 52.93
CA THR E 18 2.33 0.41 51.57
C THR E 18 2.93 1.81 51.41
N VAL E 19 3.75 1.99 50.39
CA VAL E 19 4.45 3.27 50.20
C VAL E 19 4.23 3.81 48.78
N SER E 20 4.40 5.12 48.61
CA SER E 20 4.33 5.73 47.30
C SER E 20 5.48 6.69 47.05
N ILE E 21 6.06 6.59 45.86
CA ILE E 21 7.07 7.50 45.37
C ILE E 21 6.42 8.34 44.29
N THR E 22 6.50 9.66 44.40
CA THR E 22 5.94 10.54 43.38
C THR E 22 7.02 11.11 42.47
N CYS E 23 6.64 11.44 41.26
CA CYS E 23 7.53 12.01 40.27
C CYS E 23 6.78 13.14 39.56
N HIS E 24 7.37 14.33 39.55
CA HIS E 24 6.77 15.50 38.92
C HIS E 24 7.58 15.93 37.69
N ALA E 25 6.94 15.89 36.52
CA ALA E 25 7.54 16.37 35.29
C ALA E 25 7.39 17.89 35.20
N SER E 26 8.33 18.55 34.52
CA SER E 26 8.28 20.01 34.35
C SER E 26 7.31 20.42 33.23
N GLN E 27 6.82 19.43 32.49
CA GLN E 27 5.66 19.61 31.62
C GLN E 27 4.91 18.29 31.49
N GLY E 28 3.74 18.32 30.87
CA GLY E 28 2.95 17.11 30.66
C GLY E 28 3.72 16.12 29.80
N ILE E 29 3.70 14.85 30.20
CA ILE E 29 4.42 13.80 29.48
C ILE E 29 3.50 12.62 29.14
N SER E 30 2.19 12.83 29.31
CA SER E 30 1.15 11.88 28.91
C SER E 30 1.51 10.40 29.08
N SER E 31 1.87 10.03 30.31
CA SER E 31 2.12 8.63 30.70
C SER E 31 3.35 8.00 30.07
N ASN E 32 4.17 8.79 29.39
CA ASN E 32 5.41 8.28 28.81
C ASN E 32 6.50 8.27 29.88
N ILE E 33 6.27 7.42 30.88
CA ILE E 33 7.08 7.37 32.09
C ILE E 33 7.31 5.90 32.46
N GLY E 34 8.57 5.58 32.78
CA GLY E 34 8.92 4.26 33.31
C GLY E 34 9.46 4.37 34.72
N TRP E 35 9.35 3.28 35.48
CA TRP E 35 9.89 3.20 36.84
C TRP E 35 10.91 2.07 36.91
N LEU E 36 12.04 2.34 37.56
CA LEU E 36 13.19 1.42 37.60
C LEU E 36 13.55 1.11 39.05
N GLN E 37 14.10 -0.07 39.28
CA GLN E 37 14.57 -0.49 40.61
C GLN E 37 16.05 -0.87 40.54
N GLN E 38 16.84 -0.39 41.50
CA GLN E 38 18.22 -0.81 41.66
C GLN E 38 18.44 -1.29 43.09
N LYS E 39 18.58 -2.61 43.25
CA LYS E 39 18.88 -3.20 44.56
C LYS E 39 20.37 -3.01 44.87
N PRO E 40 20.73 -2.93 46.15
CA PRO E 40 22.10 -2.68 46.60
C PRO E 40 23.17 -3.46 45.84
N GLY E 41 24.07 -2.75 45.18
CA GLY E 41 25.19 -3.35 44.47
C GLY E 41 24.83 -4.05 43.18
N LYS E 42 23.54 -4.05 42.85
CA LYS E 42 23.03 -4.74 41.66
C LYS E 42 22.76 -3.71 40.56
N SER E 43 22.34 -4.21 39.40
CA SER E 43 22.02 -3.37 38.25
C SER E 43 20.54 -2.96 38.28
N PHE E 44 20.03 -2.49 37.15
CA PHE E 44 18.66 -2.01 37.07
C PHE E 44 17.70 -3.09 36.56
N MET E 45 16.46 -3.05 37.05
CA MET E 45 15.35 -3.85 36.54
C MET E 45 14.18 -2.91 36.30
N GLY E 46 13.57 -2.99 35.12
CA GLY E 46 12.37 -2.21 34.84
C GLY E 46 11.17 -2.74 35.60
N LEU E 47 10.35 -1.84 36.13
CA LEU E 47 9.16 -2.23 36.88
C LEU E 47 7.89 -1.91 36.08
N ILE E 48 7.78 -0.66 35.63
CA ILE E 48 6.58 -0.17 34.91
C ILE E 48 7.00 0.48 33.59
N TYR E 49 6.23 0.26 32.53
CA TYR E 49 6.39 1.04 31.30
C TYR E 49 5.07 1.71 30.93
N TYR E 50 5.17 2.82 30.21
CA TYR E 50 4.02 3.64 29.82
C TYR E 50 3.06 3.87 30.99
N GLY E 51 3.61 4.26 32.14
CA GLY E 51 2.81 4.75 33.26
C GLY E 51 2.22 3.71 34.22
N THR E 52 1.61 2.66 33.68
CA THR E 52 0.91 1.68 34.52
C THR E 52 1.19 0.21 34.16
N ASN E 53 1.79 -0.06 33.01
CA ASN E 53 2.02 -1.44 32.59
C ASN E 53 3.24 -2.05 33.28
N LEU E 54 3.03 -3.14 34.01
CA LEU E 54 4.11 -3.89 34.63
C LEU E 54 4.93 -4.65 33.58
N VAL E 55 6.26 -4.51 33.68
CA VAL E 55 7.19 -5.35 32.93
C VAL E 55 6.97 -6.82 33.30
N ASP E 56 7.13 -7.71 32.33
CA ASP E 56 6.92 -9.13 32.55
C ASP E 56 7.75 -9.60 33.73
N GLY E 57 7.15 -10.42 34.60
CA GLY E 57 7.84 -10.97 35.76
C GLY E 57 7.73 -10.16 37.04
N VAL E 58 7.47 -8.86 36.92
CA VAL E 58 7.40 -7.97 38.08
C VAL E 58 6.19 -8.32 38.92
N PRO E 59 6.37 -8.40 40.27
CA PRO E 59 5.28 -8.78 41.17
C PRO E 59 4.11 -7.78 41.16
N SER E 60 2.92 -8.32 41.40
CA SER E 60 1.70 -7.52 41.37
C SER E 60 1.65 -6.42 42.43
N ARG E 61 2.42 -6.55 43.50
CA ARG E 61 2.44 -5.52 44.55
C ARG E 61 2.95 -4.15 44.08
N PHE E 62 3.66 -4.12 42.94
CA PHE E 62 4.03 -2.84 42.31
C PHE E 62 2.91 -2.37 41.39
N SER E 63 2.58 -1.09 41.48
CA SER E 63 1.57 -0.48 40.61
C SER E 63 1.94 0.96 40.31
N GLY E 64 1.50 1.43 39.13
CA GLY E 64 1.79 2.79 38.70
C GLY E 64 0.52 3.57 38.49
N SER E 65 0.60 4.89 38.61
CA SER E 65 -0.55 5.77 38.40
C SER E 65 -0.11 7.19 38.02
N GLY E 66 -1.08 8.01 37.62
CA GLY E 66 -0.85 9.43 37.36
C GLY E 66 -1.29 9.87 35.98
N SER E 67 -1.13 11.16 35.72
CA SER E 67 -1.39 11.73 34.39
C SER E 67 -0.82 13.14 34.31
N GLY E 68 -0.72 13.66 33.09
CA GLY E 68 -0.15 14.97 32.88
C GLY E 68 1.31 15.02 33.30
N ALA E 69 1.58 15.74 34.38
CA ALA E 69 2.95 15.97 34.83
C ALA E 69 3.24 15.32 36.18
N ASP E 70 2.30 14.54 36.71
CA ASP E 70 2.45 14.00 38.06
C ASP E 70 2.10 12.52 38.15
N TYR E 71 3.09 11.70 38.50
CA TYR E 71 2.94 10.25 38.53
C TYR E 71 3.41 9.65 39.84
N SER E 72 3.00 8.41 40.08
CA SER E 72 3.37 7.69 41.31
C SER E 72 3.59 6.20 41.09
N LEU E 73 4.53 5.67 41.89
CA LEU E 73 4.74 4.22 42.03
C LEU E 73 4.31 3.84 43.45
N THR E 74 3.45 2.83 43.57
CA THR E 74 3.05 2.31 44.86
C THR E 74 3.47 0.87 45.03
N ILE E 75 4.12 0.57 46.15
CA ILE E 75 4.41 -0.80 46.53
C ILE E 75 3.52 -1.14 47.70
N SER E 76 2.62 -2.09 47.50
CA SER E 76 1.72 -2.55 48.56
C SER E 76 2.39 -3.70 49.30
N SER E 77 2.30 -3.68 50.63
CA SER E 77 2.85 -4.75 51.46
C SER E 77 4.32 -5.04 51.11
N LEU E 78 5.20 -4.14 51.54
CA LEU E 78 6.65 -4.25 51.28
C LEU E 78 7.25 -5.61 51.64
N ASP E 79 8.30 -5.95 50.90
CA ASP E 79 9.03 -7.18 51.09
C ASP E 79 10.49 -6.82 51.38
N SER E 80 11.25 -7.75 51.94
CA SER E 80 12.67 -7.52 52.24
CA SER E 80 12.66 -7.50 52.23
CA SER E 80 12.67 -7.52 52.24
C SER E 80 13.43 -7.10 50.97
N GLU E 81 13.08 -7.72 49.85
CA GLU E 81 13.72 -7.43 48.57
C GLU E 81 13.40 -6.03 48.04
N ASP E 82 12.40 -5.37 48.61
CA ASP E 82 11.93 -4.07 48.10
C ASP E 82 12.67 -2.87 48.69
N PHE E 83 13.59 -3.10 49.62
CA PHE E 83 14.45 -2.02 50.13
C PHE E 83 15.57 -1.78 49.14
N ALA E 84 15.34 -0.85 48.23
CA ALA E 84 16.26 -0.56 47.13
C ALA E 84 16.08 0.89 46.72
N ASP E 85 16.78 1.30 45.66
CA ASP E 85 16.55 2.61 45.07
C ASP E 85 15.56 2.47 43.91
N TYR E 86 14.81 3.54 43.67
CA TYR E 86 13.81 3.57 42.61
C TYR E 86 13.96 4.88 41.85
N TYR E 87 13.83 4.83 40.53
CA TYR E 87 13.95 6.00 39.67
C TYR E 87 12.82 6.06 38.66
N CYS E 88 12.30 7.26 38.37
CA CYS E 88 11.47 7.49 37.19
C CYS E 88 12.33 7.93 36.00
N VAL E 89 11.92 7.56 34.79
CA VAL E 89 12.47 8.13 33.56
C VAL E 89 11.31 8.53 32.65
N GLN E 90 11.37 9.74 32.10
CA GLN E 90 10.40 10.14 31.06
C GLN E 90 10.97 9.85 29.69
N TYR E 91 10.12 9.47 28.76
CA TYR E 91 10.51 9.37 27.36
C TYR E 91 9.51 10.05 26.45
N ALA E 92 8.92 11.14 26.94
CA ALA E 92 8.07 12.01 26.11
C ALA E 92 8.91 12.70 25.07
N GLN E 93 10.07 13.19 25.50
CA GLN E 93 10.97 13.92 24.62
C GLN E 93 12.41 13.47 24.79
N LEU E 94 13.14 13.46 23.68
CA LEU E 94 14.57 13.31 23.70
C LEU E 94 15.10 14.69 24.08
N PRO E 95 16.12 14.75 24.95
CA PRO E 95 16.78 13.64 25.61
C PRO E 95 15.94 13.08 26.74
N TYR E 96 15.92 11.76 26.86
CA TYR E 96 15.32 11.10 28.02
C TYR E 96 16.00 11.66 29.27
N THR E 97 15.20 11.86 30.32
CA THR E 97 15.72 12.39 31.58
C THR E 97 15.19 11.54 32.73
N PHE E 98 15.97 11.51 33.83
CA PHE E 98 15.68 10.66 34.98
C PHE E 98 15.39 11.49 36.21
N GLY E 99 14.63 10.90 37.13
CA GLY E 99 14.43 11.49 38.45
C GLY E 99 15.69 11.32 39.28
N GLY E 100 15.71 11.95 40.45
CA GLY E 100 16.86 11.93 41.35
C GLY E 100 17.00 10.63 42.11
N GLY E 101 15.89 9.91 42.25
CA GLY E 101 15.88 8.64 42.95
C GLY E 101 15.26 8.73 44.34
N THR E 102 14.69 7.62 44.77
CA THR E 102 14.14 7.47 46.11
C THR E 102 14.72 6.21 46.70
N LYS E 103 15.29 6.31 47.90
CA LYS E 103 15.86 5.16 48.59
C LYS E 103 14.90 4.69 49.69
N LEU E 104 14.43 3.45 49.58
CA LEU E 104 13.65 2.83 50.67
C LEU E 104 14.62 2.28 51.71
N GLU E 105 14.40 2.65 52.96
CA GLU E 105 15.31 2.25 54.04
CA GLU E 105 15.30 2.37 54.08
C GLU E 105 14.52 1.69 55.22
N ILE E 106 15.20 0.85 56.01
CA ILE E 106 14.53 0.12 57.08
C ILE E 106 14.38 0.99 58.33
N LYS E 107 13.15 1.14 58.79
CA LYS E 107 12.87 1.89 60.00
C LYS E 107 13.23 1.07 61.24
N ARG E 108 13.88 1.74 62.20
CA ARG E 108 14.17 1.13 63.50
C ARG E 108 14.20 2.17 64.61
N ALA E 109 14.27 1.70 65.85
CA ALA E 109 14.35 2.57 67.01
C ALA E 109 15.67 3.33 66.94
N ASP E 110 15.71 4.49 67.58
CA ASP E 110 16.92 5.31 67.58
C ASP E 110 18.01 4.66 68.45
N ALA E 111 19.25 4.89 68.04
CA ALA E 111 20.42 4.36 68.73
C ALA E 111 21.56 5.36 68.68
N ALA E 112 22.16 5.62 69.83
CA ALA E 112 23.32 6.50 69.91
C ALA E 112 24.56 5.77 69.39
N PRO E 113 25.50 6.52 68.80
CA PRO E 113 26.73 5.92 68.31
C PRO E 113 27.67 5.50 69.45
N THR E 114 28.55 4.54 69.15
CA THR E 114 29.63 4.15 70.05
C THR E 114 30.93 4.74 69.52
N VAL E 115 31.26 5.94 69.99
CA VAL E 115 32.43 6.65 69.50
C VAL E 115 33.71 6.07 70.11
N SER E 116 34.70 5.76 69.27
CA SER E 116 36.02 5.29 69.70
C SER E 116 37.09 6.07 68.97
N ILE E 117 38.05 6.61 69.71
CA ILE E 117 39.15 7.40 69.13
C ILE E 117 40.44 6.59 69.18
N PHE E 118 41.26 6.72 68.13
CA PHE E 118 42.53 5.99 68.01
C PHE E 118 43.66 6.93 67.60
N PRO E 119 44.73 7.00 68.42
CA PRO E 119 45.90 7.77 67.98
C PRO E 119 46.68 7.06 66.87
N PRO E 120 47.58 7.79 66.20
CA PRO E 120 48.45 7.21 65.18
C PRO E 120 49.22 5.99 65.66
N SER E 121 49.36 5.00 64.78
CA SER E 121 50.17 3.83 65.08
C SER E 121 51.65 4.18 65.10
N SER E 122 52.45 3.36 65.77
CA SER E 122 53.90 3.56 65.79
C SER E 122 54.48 3.49 64.39
N GLU E 123 54.01 2.53 63.60
CA GLU E 123 54.48 2.36 62.22
C GLU E 123 54.29 3.63 61.41
N GLN E 124 53.10 4.22 61.49
CA GLN E 124 52.79 5.45 60.76
C GLN E 124 53.63 6.63 61.23
N LEU E 125 53.75 6.79 62.53
CA LEU E 125 54.55 7.88 63.09
C LEU E 125 56.01 7.81 62.64
N THR E 126 56.54 6.59 62.46
CA THR E 126 57.92 6.44 61.96
C THR E 126 58.02 6.87 60.50
N SER E 127 57.01 6.53 59.70
CA SER E 127 57.03 6.85 58.28
C SER E 127 56.81 8.34 57.98
N GLY E 128 56.46 9.14 58.99
CA GLY E 128 56.37 10.60 58.83
C GLY E 128 54.96 11.18 58.84
N GLY E 129 53.96 10.32 58.72
CA GLY E 129 52.57 10.77 58.75
C GLY E 129 51.95 10.60 60.12
N ALA E 130 50.76 11.14 60.31
CA ALA E 130 50.01 10.95 61.53
C ALA E 130 48.52 11.07 61.26
N SER E 131 47.79 9.97 61.45
CA SER E 131 46.35 9.94 61.26
C SER E 131 45.67 9.58 62.57
N VAL E 132 44.67 10.37 62.95
CA VAL E 132 43.83 10.08 64.10
C VAL E 132 42.48 9.58 63.55
N VAL E 133 42.14 8.34 63.88
CA VAL E 133 40.93 7.71 63.38
C VAL E 133 39.84 7.73 64.46
N CYS E 134 38.59 7.90 64.03
CA CYS E 134 37.46 7.89 64.95
C CYS E 134 36.29 7.12 64.34
N PHE E 135 35.89 6.03 65.00
CA PHE E 135 34.73 5.26 64.56
C PHE E 135 33.49 5.64 65.38
N LEU E 136 32.44 6.01 64.68
CA LEU E 136 31.13 6.26 65.27
C LEU E 136 30.22 5.14 64.77
N ASN E 137 29.97 4.13 65.60
CA ASN E 137 29.34 2.89 65.13
C ASN E 137 27.93 2.60 65.64
N ASN E 138 27.15 1.93 64.79
CA ASN E 138 25.84 1.38 65.14
C ASN E 138 24.83 2.39 65.69
N PHE E 139 24.55 3.41 64.90
CA PHE E 139 23.62 4.47 65.29
C PHE E 139 22.45 4.59 64.30
N TYR E 140 21.36 5.20 64.76
CA TYR E 140 20.20 5.45 63.91
C TYR E 140 19.42 6.64 64.47
N PRO E 141 18.95 7.55 63.59
CA PRO E 141 19.00 7.56 62.12
C PRO E 141 20.37 7.93 61.54
N LYS E 142 20.47 7.88 60.21
CA LYS E 142 21.74 7.98 59.49
C LYS E 142 22.45 9.33 59.62
N ASP E 143 21.68 10.40 59.81
CA ASP E 143 22.26 11.75 59.90
C ASP E 143 23.10 11.90 61.16
N ILE E 144 24.35 12.34 60.97
CA ILE E 144 25.30 12.52 62.06
C ILE E 144 26.35 13.55 61.65
N ASN E 145 26.91 14.26 62.62
CA ASN E 145 27.98 15.24 62.38
CA ASN E 145 28.00 15.20 62.36
C ASN E 145 29.17 14.94 63.30
N VAL E 146 30.38 14.99 62.74
CA VAL E 146 31.60 14.78 63.51
C VAL E 146 32.43 16.07 63.50
N LYS E 147 33.08 16.37 64.61
CA LYS E 147 33.92 17.55 64.74
C LYS E 147 35.23 17.16 65.42
N TRP E 148 36.35 17.62 64.85
CA TRP E 148 37.67 17.39 65.41
C TRP E 148 38.17 18.65 66.08
N LYS E 149 38.77 18.49 67.27
CA LYS E 149 39.45 19.58 67.96
C LYS E 149 40.85 19.15 68.39
N ILE E 150 41.84 19.98 68.10
CA ILE E 150 43.23 19.76 68.55
C ILE E 150 43.53 20.86 69.57
N ASP E 151 43.77 20.46 70.82
CA ASP E 151 43.95 21.39 71.94
C ASP E 151 42.80 22.40 72.02
N GLY E 152 41.57 21.91 71.78
CA GLY E 152 40.37 22.76 71.91
C GLY E 152 39.95 23.53 70.67
N SER E 153 40.88 23.76 69.74
CA SER E 153 40.60 24.47 68.51
C SER E 153 40.07 23.50 67.46
N GLU E 154 39.01 23.88 66.76
CA GLU E 154 38.40 23.02 65.74
C GLU E 154 39.26 22.89 64.49
N ARG E 155 39.55 21.66 64.09
CA ARG E 155 40.37 21.40 62.90
C ARG E 155 39.48 20.95 61.75
N GLN E 156 39.58 21.62 60.60
CA GLN E 156 38.68 21.32 59.47
C GLN E 156 39.34 20.69 58.24
N ASN E 157 40.46 21.25 57.74
CA ASN E 157 41.11 20.68 56.55
C ASN E 157 41.89 19.39 56.88
N GLY E 158 41.85 18.43 55.94
CA GLY E 158 42.53 17.15 56.14
C GLY E 158 41.73 16.05 56.86
N VAL E 159 40.41 16.21 56.91
CA VAL E 159 39.50 15.21 57.47
C VAL E 159 38.87 14.39 56.34
N LEU E 160 38.77 13.08 56.53
CA LEU E 160 38.25 12.16 55.53
C LEU E 160 37.19 11.28 56.16
N ASN E 161 35.99 11.27 55.60
CA ASN E 161 34.85 10.59 56.19
C ASN E 161 34.30 9.50 55.29
N SER E 162 33.87 8.39 55.89
CA SER E 162 33.21 7.33 55.13
C SER E 162 32.06 6.72 55.91
N TRP E 163 30.98 6.39 55.22
CA TRP E 163 29.77 5.88 55.85
C TRP E 163 29.46 4.51 55.27
N THR E 164 28.96 3.62 56.10
CA THR E 164 28.52 2.31 55.62
C THR E 164 27.05 2.42 55.24
N ASP E 165 26.58 1.50 54.41
CA ASP E 165 25.15 1.36 54.16
C ASP E 165 24.49 0.76 55.40
N GLN E 166 23.16 0.74 55.40
CA GLN E 166 22.41 0.23 56.54
C GLN E 166 22.81 -1.23 56.78
N ASP E 167 23.13 -1.57 58.03
CA ASP E 167 23.58 -2.91 58.40
C ASP E 167 22.49 -3.94 58.15
N SER E 168 22.90 -5.12 57.70
CA SER E 168 21.94 -6.18 57.33
C SER E 168 21.29 -6.84 58.55
N LYS E 169 21.93 -6.73 59.72
CA LYS E 169 21.50 -7.45 60.92
C LYS E 169 20.67 -6.58 61.85
N ASP E 170 21.17 -5.39 62.20
CA ASP E 170 20.48 -4.50 63.15
C ASP E 170 20.06 -3.15 62.56
N SER E 171 20.13 -3.03 61.23
CA SER E 171 19.65 -1.85 60.50
C SER E 171 20.24 -0.50 60.96
N THR E 172 21.42 -0.54 61.58
CA THR E 172 22.08 0.68 62.07
C THR E 172 23.05 1.21 61.02
N TYR E 173 23.57 2.40 61.28
CA TYR E 173 24.57 3.03 60.41
C TYR E 173 25.86 3.26 61.19
N SER E 174 26.98 3.19 60.49
CA SER E 174 28.28 3.47 61.09
C SER E 174 29.05 4.47 60.24
N MET E 175 29.93 5.23 60.90
CA MET E 175 30.78 6.20 60.22
C MET E 175 32.21 6.09 60.70
N SER E 176 33.15 6.39 59.83
CA SER E 176 34.57 6.46 60.16
C SER E 176 35.09 7.83 59.73
N SER E 177 35.82 8.48 60.63
CA SER E 177 36.44 9.77 60.33
C SER E 177 37.94 9.71 60.63
N THR E 178 38.75 10.18 59.70
CA THR E 178 40.20 10.16 59.83
C THR E 178 40.76 11.56 59.66
N LEU E 179 41.44 12.04 60.70
CA LEU E 179 42.16 13.32 60.65
C LEU E 179 43.61 13.01 60.35
N THR E 180 44.07 13.39 59.16
CA THR E 180 45.47 13.21 58.80
C THR E 180 46.17 14.55 58.78
N LEU E 181 47.28 14.65 59.50
CA LEU E 181 48.09 15.85 59.54
C LEU E 181 49.56 15.42 59.64
N THR E 182 50.48 16.35 59.39
CA THR E 182 51.91 16.02 59.43
C THR E 182 52.31 15.58 60.83
N LYS E 183 53.25 14.64 60.91
CA LYS E 183 53.79 14.18 62.19
C LYS E 183 54.37 15.34 63.01
N ASP E 184 54.95 16.30 62.31
CA ASP E 184 55.58 17.46 62.94
C ASP E 184 54.58 18.25 63.78
N GLU E 185 53.42 18.53 63.20
CA GLU E 185 52.36 19.24 63.91
C GLU E 185 51.72 18.34 64.96
N TYR E 186 51.62 17.04 64.66
CA TYR E 186 50.98 16.11 65.60
C TYR E 186 51.71 16.13 66.94
N GLU E 187 53.05 16.14 66.88
CA GLU E 187 53.86 16.14 68.10
C GLU E 187 53.96 17.52 68.76
N ARG E 188 53.24 18.51 68.25
CA ARG E 188 53.24 19.85 68.82
C ARG E 188 52.03 20.11 69.71
N HIS E 189 51.11 19.15 69.79
CA HIS E 189 49.89 19.32 70.58
C HIS E 189 49.59 18.09 71.43
N ASN E 190 48.84 18.30 72.50
CA ASN E 190 48.58 17.26 73.49
C ASN E 190 47.21 16.62 73.33
N SER E 191 46.17 17.45 73.29
CA SER E 191 44.79 16.98 73.33
C SER E 191 44.19 16.82 71.93
N TYR E 192 43.68 15.63 71.64
CA TYR E 192 42.97 15.35 70.39
C TYR E 192 41.57 14.84 70.71
N THR E 193 40.56 15.40 70.05
CA THR E 193 39.18 15.15 70.41
C THR E 193 38.31 14.85 69.18
N CYS E 194 37.33 13.99 69.39
CA CYS E 194 36.41 13.56 68.36
C CYS E 194 34.99 13.73 68.91
N GLU E 195 34.26 14.73 68.44
CA GLU E 195 32.90 15.01 68.94
C GLU E 195 31.81 14.61 67.95
N ALA E 196 30.88 13.77 68.39
CA ALA E 196 29.79 13.28 67.53
C ALA E 196 28.45 13.90 67.93
N THR E 197 27.84 14.65 67.01
CA THR E 197 26.49 15.19 67.22
C THR E 197 25.44 14.34 66.48
N HIS E 198 24.42 13.91 67.23
CA HIS E 198 23.40 13.00 66.73
C HIS E 198 22.07 13.28 67.44
N LYS E 199 20.94 13.01 66.79
CA LYS E 199 19.64 13.36 67.36
C LYS E 199 19.34 12.68 68.70
N THR E 200 20.01 11.57 69.00
CA THR E 200 19.79 10.87 70.27
C THR E 200 20.30 11.67 71.49
N SER E 201 20.95 12.81 71.26
CA SER E 201 21.38 13.67 72.36
C SER E 201 21.43 15.15 71.96
N THR E 202 21.11 16.02 72.91
CA THR E 202 21.20 17.47 72.72
C THR E 202 22.62 17.97 72.94
N SER E 203 23.46 17.14 73.55
CA SER E 203 24.89 17.44 73.72
C SER E 203 25.71 16.34 73.04
N PRO E 204 26.90 16.71 72.53
CA PRO E 204 27.70 15.76 71.76
C PRO E 204 28.42 14.70 72.60
N ILE E 205 28.72 13.55 71.98
CA ILE E 205 29.55 12.51 72.60
C ILE E 205 31.01 12.80 72.26
N VAL E 206 31.79 13.10 73.29
CA VAL E 206 33.17 13.51 73.14
C VAL E 206 34.09 12.35 73.52
N LYS E 207 35.07 12.08 72.66
CA LYS E 207 36.11 11.10 72.98
C LYS E 207 37.48 11.74 72.73
N SER E 208 38.36 11.65 73.72
CA SER E 208 39.67 12.30 73.64
C SER E 208 40.80 11.41 74.07
N PHE E 209 42.00 11.81 73.69
CA PHE E 209 43.21 11.29 74.31
C PHE E 209 44.22 12.43 74.39
N ASN E 210 45.09 12.36 75.39
CA ASN E 210 46.23 13.27 75.47
C ASN E 210 47.47 12.53 75.00
N ARG E 211 48.25 13.17 74.15
CA ARG E 211 49.39 12.52 73.51
C ARG E 211 50.42 12.07 74.56
N ASN E 212 50.93 10.85 74.39
CA ASN E 212 51.89 10.23 75.30
C ASN E 212 51.42 10.29 76.76
N GLU E 213 50.50 9.39 77.11
CA GLU E 213 49.95 9.40 78.47
C GLU E 213 49.45 8.01 78.89
N CYS E 214 50.39 7.13 79.27
CA CYS E 214 50.08 5.82 79.85
C CYS E 214 51.12 5.42 80.90
C1 NAG F . 5.75 -10.04 -23.66
C2 NAG F . 6.61 -10.15 -22.41
C3 NAG F . 7.88 -10.94 -22.69
C4 NAG F . 7.56 -12.26 -23.37
C5 NAG F . 6.67 -12.01 -24.58
C6 NAG F . 6.24 -13.28 -25.30
C7 NAG F . 6.16 -8.15 -21.09
C8 NAG F . 6.66 -6.79 -20.68
N2 NAG F . 6.96 -8.83 -21.91
O3 NAG F . 8.59 -11.18 -21.51
O4 NAG F . 8.80 -12.80 -23.77
O5 NAG F . 5.51 -11.34 -24.18
O6 NAG F . 5.43 -14.05 -24.46
O7 NAG F . 5.08 -8.56 -20.68
C1 NAG F . 8.94 -14.19 -23.42
C2 NAG F . 10.04 -14.80 -24.29
C3 NAG F . 10.59 -16.14 -23.78
C4 NAG F . 10.52 -16.30 -22.25
C5 NAG F . 9.27 -15.66 -21.65
C6 NAG F . 9.30 -15.70 -20.13
C7 NAG F . 9.86 -14.26 -26.70
C8 NAG F . 9.19 -14.63 -27.99
N2 NAG F . 9.52 -15.01 -25.64
O3 NAG F . 11.93 -16.28 -24.20
O4 NAG F . 10.52 -17.66 -21.93
O5 NAG F . 9.23 -14.31 -22.05
O6 NAG F . 7.98 -15.53 -19.67
O7 NAG F . 10.67 -13.35 -26.66
C1 MAN F . 11.85 -18.16 -21.69
C2 MAN F . 11.78 -19.18 -20.57
C3 MAN F . 13.20 -19.62 -20.24
C4 MAN F . 13.91 -20.11 -21.50
C5 MAN F . 13.78 -19.12 -22.65
C6 MAN F . 14.33 -19.70 -23.96
O2 MAN F . 11.01 -20.28 -21.00
O3 MAN F . 13.16 -20.68 -19.30
O4 MAN F . 15.27 -20.34 -21.22
O5 MAN F . 12.43 -18.74 -22.84
O6 MAN F . 13.63 -19.18 -25.06
C1 MAN F . 13.54 -20.30 -17.96
C2 MAN F . 13.91 -21.60 -17.26
C3 MAN F . 12.68 -22.50 -17.17
C4 MAN F . 11.51 -21.76 -16.52
C5 MAN F . 11.30 -20.40 -17.17
C6 MAN F . 10.24 -19.59 -16.42
O2 MAN F . 14.43 -21.31 -15.97
O3 MAN F . 12.98 -23.68 -16.47
O4 MAN F . 10.34 -22.53 -16.65
O5 MAN F . 12.51 -19.65 -17.24
O6 MAN F . 9.17 -19.30 -17.29
C1 MAN F . 14.39 -19.28 -26.30
C2 MAN F . 15.26 -18.04 -26.46
C3 MAN F . 14.47 -16.81 -26.92
C4 MAN F . 13.53 -17.15 -28.07
C5 MAN F . 12.69 -18.37 -27.69
C6 MAN F . 11.72 -18.73 -28.80
O2 MAN F . 16.29 -18.33 -27.38
O3 MAN F . 15.32 -15.75 -27.28
O4 MAN F . 12.71 -16.06 -28.39
O5 MAN F . 13.54 -19.47 -27.42
O6 MAN F . 10.66 -17.80 -28.80
C1 NAG G . -26.14 -1.47 -70.59
C2 NAG G . -26.78 -0.55 -71.61
C3 NAG G . -27.50 -1.34 -72.70
C4 NAG G . -26.64 -2.50 -73.24
C5 NAG G . -25.97 -3.27 -72.10
C6 NAG G . -24.96 -4.30 -72.55
C7 NAG G . -27.46 1.64 -70.69
C8 NAG G . -28.51 2.40 -69.95
N2 NAG G . -27.71 0.34 -70.92
O3 NAG G . -27.84 -0.44 -73.74
O4 NAG G . -27.42 -3.44 -73.96
O5 NAG G . -25.29 -2.37 -71.26
O6 NAG G . -23.97 -3.69 -73.36
O7 NAG G . -26.43 2.21 -71.04
C1 NAG G . -27.81 -3.01 -75.29
C2 NAG G . -27.89 -4.26 -76.19
C3 NAG G . -28.47 -3.93 -77.55
C4 NAG G . -29.82 -3.25 -77.35
C5 NAG G . -29.61 -2.00 -76.50
C6 NAG G . -30.93 -1.25 -76.30
C7 NAG G . -26.23 -5.95 -75.57
C8 NAG G . -24.89 -6.55 -75.83
N2 NAG G . -26.60 -4.92 -76.33
O3 NAG G . -28.61 -5.12 -78.28
O4 NAG G . -30.40 -2.90 -78.60
O5 NAG G . -29.06 -2.35 -75.25
O6 NAG G . -30.94 -0.56 -75.06
O7 NAG G . -26.95 -6.41 -74.67
C1 MAN G . -31.33 -3.88 -79.13
C2 MAN G . -32.35 -3.14 -80.00
C3 MAN G . -33.32 -4.09 -80.67
C4 MAN G . -32.56 -5.23 -81.35
C5 MAN G . -31.56 -5.87 -80.41
C6 MAN G . -30.77 -6.96 -81.14
O2 MAN G . -31.64 -2.42 -80.99
O3 MAN G . -34.04 -3.40 -81.68
O4 MAN G . -33.47 -6.21 -81.81
O5 MAN G . -30.68 -4.87 -79.89
O6 MAN G . -29.56 -7.25 -80.48
C1 MAN G . -29.04 -8.52 -80.90
C2 MAN G . -28.79 -9.36 -79.65
C3 MAN G . -27.61 -8.80 -78.88
C4 MAN G . -26.39 -8.67 -79.78
C5 MAN G . -26.73 -7.89 -81.05
C6 MAN G . -25.57 -7.97 -82.06
O2 MAN G . -28.54 -10.70 -80.02
O3 MAN G . -27.27 -9.68 -77.83
O4 MAN G . -25.37 -8.04 -79.06
O5 MAN G . -27.87 -8.42 -81.68
O6 MAN G . -25.42 -9.34 -82.40
C1 MAN G . -27.84 -9.30 -76.57
C2 MAN G . -27.07 -10.06 -75.49
C3 MAN G . -27.56 -11.50 -75.32
C4 MAN G . -29.09 -11.50 -75.18
C5 MAN G . -29.64 -10.86 -76.46
C6 MAN G . -31.16 -10.96 -76.51
O2 MAN G . -27.15 -9.35 -74.27
O3 MAN G . -26.96 -12.08 -74.20
O4 MAN G . -29.60 -12.80 -75.02
O5 MAN G . -29.24 -9.51 -76.51
O6 MAN G . -31.71 -10.67 -75.25
C1 MAN G . -24.22 -9.64 -83.14
C2 MAN G . -24.11 -11.16 -83.24
C3 MAN G . -23.95 -11.76 -81.85
C4 MAN G . -22.77 -11.12 -81.12
C5 MAN G . -22.73 -9.60 -81.27
C6 MAN G . -21.34 -9.07 -80.89
O2 MAN G . -22.99 -11.51 -84.04
O3 MAN G . -23.74 -13.16 -81.93
O4 MAN G . -22.86 -11.47 -79.75
O5 MAN G . -23.02 -9.15 -82.58
O6 MAN G . -21.26 -7.69 -81.20
C1 MAN G . -35.46 -3.32 -81.42
C2 MAN G . -36.20 -3.18 -82.75
C3 MAN G . -35.79 -1.88 -83.42
C4 MAN G . -35.95 -0.69 -82.47
C5 MAN G . -35.40 -0.97 -81.07
C6 MAN G . -35.86 0.09 -80.08
O2 MAN G . -37.60 -3.19 -82.51
O3 MAN G . -36.55 -1.67 -84.59
O4 MAN G . -35.27 0.43 -83.01
O5 MAN G . -35.82 -2.24 -80.58
O6 MAN G . -35.33 -0.20 -78.80
C1 GOL H . -7.52 8.44 5.55
O1 GOL H . -7.78 8.46 6.93
C2 GOL H . -8.82 8.16 4.81
O2 GOL H . -9.46 9.38 4.56
C3 GOL H . -8.54 7.46 3.49
O3 GOL H . -9.70 7.46 2.68
CA CA I . 6.62 -28.95 5.68
CA CA J . -3.16 -34.99 -3.48
CA CA K . -15.96 -36.31 -1.75
CA CA L . -23.84 -30.32 7.92
C1 NAG M . -31.87 -0.87 1.97
C2 NAG M . -32.99 -0.91 3.02
C3 NAG M . -34.37 -1.00 2.37
C4 NAG M . -34.53 -0.02 1.20
C5 NAG M . -33.32 -0.07 0.26
C6 NAG M . -33.47 0.98 -0.84
C7 NAG M . -33.10 -2.01 5.22
C8 NAG M . -32.83 -3.27 6.00
N2 NAG M . -32.79 -2.05 3.92
O3 NAG M . -35.33 -0.72 3.35
O4 NAG M . -35.70 -0.33 0.48
O5 NAG M . -32.14 0.15 1.01
O6 NAG M . -32.21 1.48 -1.26
O7 NAG M . -33.57 -1.03 5.79
C1 NAG N . 11.08 -29.57 14.75
C2 NAG N . 10.83 -29.91 16.23
C3 NAG N . 11.31 -28.82 17.18
C4 NAG N . 12.75 -28.43 16.84
C5 NAG N . 12.79 -27.97 15.39
C6 NAG N . 14.19 -27.54 14.98
C7 NAG N . 8.93 -31.43 16.70
C8 NAG N . 7.46 -31.52 16.98
N2 NAG N . 9.42 -30.19 16.51
O3 NAG N . 11.23 -29.30 18.51
O4 NAG N . 13.20 -27.42 17.70
O5 NAG N . 12.38 -29.05 14.54
O6 NAG N . 14.18 -27.05 13.66
O7 NAG N . 9.62 -32.45 16.67
C1 GOL O . 11.42 6.63 -19.34
O1 GOL O . 10.44 6.80 -18.33
C2 GOL O . 11.28 7.77 -20.34
O2 GOL O . 11.38 8.99 -19.65
C3 GOL O . 12.37 7.70 -21.41
O3 GOL O . 11.81 7.97 -22.67
MG MG P . 3.77 8.01 -14.36
CA CA Q . 9.71 9.49 -18.11
CA CA R . -0.14 5.58 -10.38
C1 NAG S . -26.36 5.03 -75.97
C2 NAG S . -24.89 5.24 -76.40
C3 NAG S . -24.63 5.23 -77.92
C4 NAG S . -25.72 4.59 -78.77
C5 NAG S . -27.09 4.94 -78.20
C6 NAG S . -28.24 4.44 -79.08
C7 NAG S . -24.05 6.67 -74.55
C8 NAG S . -23.56 8.05 -74.18
N2 NAG S . -24.39 6.50 -75.84
O3 NAG S . -23.40 4.59 -78.20
O4 NAG S . -25.59 5.03 -80.11
O5 NAG S . -27.17 4.36 -76.91
O6 NAG S . -28.81 5.52 -79.77
O7 NAG S . -24.12 5.80 -73.68
#